data_3BJA
# 
_entry.id   3BJA 
# 
_audit_conform.dict_name       mmcif_pdbx.dic 
_audit_conform.dict_version    5.398 
_audit_conform.dict_location   http://mmcif.pdb.org/dictionaries/ascii/mmcif_pdbx.dic 
# 
loop_
_database_2.database_id 
_database_2.database_code 
_database_2.pdbx_database_accession 
_database_2.pdbx_DOI 
PDB   3BJA         pdb_00003bja 10.2210/pdb3bja/pdb 
RCSB  RCSB045589   ?            ?                   
WWPDB D_1000045589 ?            ?                   
# 
loop_
_pdbx_audit_revision_history.ordinal 
_pdbx_audit_revision_history.data_content_type 
_pdbx_audit_revision_history.major_revision 
_pdbx_audit_revision_history.minor_revision 
_pdbx_audit_revision_history.revision_date 
1 'Structure model' 1 0 2007-12-11 
2 'Structure model' 1 1 2011-07-13 
3 'Structure model' 1 2 2017-10-25 
4 'Structure model' 1 3 2019-07-24 
5 'Structure model' 1 4 2023-01-25 
6 'Structure model' 1 5 2024-11-13 
# 
_pdbx_audit_revision_details.ordinal             1 
_pdbx_audit_revision_details.revision_ordinal    1 
_pdbx_audit_revision_details.data_content_type   'Structure model' 
_pdbx_audit_revision_details.provider            repository 
_pdbx_audit_revision_details.type                'Initial release' 
_pdbx_audit_revision_details.description         ? 
_pdbx_audit_revision_details.details             ? 
# 
loop_
_pdbx_audit_revision_group.ordinal 
_pdbx_audit_revision_group.revision_ordinal 
_pdbx_audit_revision_group.data_content_type 
_pdbx_audit_revision_group.group 
1  2 'Structure model' Advisory                    
2  2 'Structure model' 'Source and taxonomy'       
3  2 'Structure model' 'Version format compliance' 
4  3 'Structure model' 'Refinement description'    
5  4 'Structure model' 'Data collection'           
6  4 'Structure model' 'Derived calculations'      
7  4 'Structure model' 'Refinement description'    
8  5 'Structure model' 'Database references'       
9  6 'Structure model' 'Data collection'           
10 6 'Structure model' 'Structure summary'         
# 
loop_
_pdbx_audit_revision_category.ordinal 
_pdbx_audit_revision_category.revision_ordinal 
_pdbx_audit_revision_category.data_content_type 
_pdbx_audit_revision_category.category 
1 3 'Structure model' software                  
2 4 'Structure model' software                  
3 4 'Structure model' struct_conn               
4 5 'Structure model' database_2                
5 5 'Structure model' struct_ref_seq_dif        
6 6 'Structure model' chem_comp_atom            
7 6 'Structure model' chem_comp_bond            
8 6 'Structure model' pdbx_entry_details        
9 6 'Structure model' pdbx_modification_feature 
# 
loop_
_pdbx_audit_revision_item.ordinal 
_pdbx_audit_revision_item.revision_ordinal 
_pdbx_audit_revision_item.data_content_type 
_pdbx_audit_revision_item.item 
1  3 'Structure model' '_software.classification'            
2  3 'Structure model' '_software.name'                      
3  4 'Structure model' '_software.classification'            
4  4 'Structure model' '_software.contact_author'            
5  4 'Structure model' '_software.contact_author_email'      
6  4 'Structure model' '_software.language'                  
7  4 'Structure model' '_software.location'                  
8  4 'Structure model' '_software.name'                      
9  4 'Structure model' '_software.type'                      
10 4 'Structure model' '_software.version'                   
11 4 'Structure model' '_struct_conn.pdbx_leaving_atom_flag' 
12 5 'Structure model' '_database_2.pdbx_DOI'                
13 5 'Structure model' '_database_2.pdbx_database_accession' 
14 5 'Structure model' '_struct_ref_seq_dif.details'         
# 
_pdbx_database_status.SG_entry                        Y 
_pdbx_database_status.entry_id                        3BJA 
_pdbx_database_status.deposit_site                    RCSB 
_pdbx_database_status.process_site                    RCSB 
_pdbx_database_status.recvd_initial_deposition_date   2007-12-03 
_pdbx_database_status.status_code                     REL 
_pdbx_database_status.status_code_sf                  REL 
_pdbx_database_status.status_code_mr                  ? 
_pdbx_database_status.pdb_format_compatible           Y 
_pdbx_database_status.status_code_cs                  ? 
_pdbx_database_status.methods_development_category    ? 
_pdbx_database_status.status_code_nmr_data            ? 
# 
_pdbx_database_related.db_name        TargetDB 
_pdbx_database_related.db_id          376427 
_pdbx_database_related.details        . 
_pdbx_database_related.content_type   unspecified 
# 
_audit_author.name           'Joint Center for Structural Genomics (JCSG)' 
_audit_author.pdbx_ordinal   1 
# 
_citation.id                        primary 
_citation.title                     
'Crystal structure of putative MarR-like transcription regulator (NP_978771.1) from Bacillus cereus ATCC 10987 at 2.38 A resolution' 
_citation.journal_abbrev            'To be published' 
_citation.journal_volume            ? 
_citation.page_first                ? 
_citation.page_last                 ? 
_citation.year                      ? 
_citation.journal_id_ASTM           ? 
_citation.country                   ? 
_citation.journal_id_ISSN           ? 
_citation.journal_id_CSD            0353 
_citation.book_publisher            ? 
_citation.pdbx_database_id_PubMed   ? 
_citation.pdbx_database_id_DOI      ? 
# 
_citation_author.citation_id        primary 
_citation_author.name               'Joint Center for Structural Genomics (JCSG)' 
_citation_author.ordinal            1 
_citation_author.identifier_ORCID   ? 
# 
loop_
_entity.id 
_entity.type 
_entity.src_method 
_entity.pdbx_description 
_entity.formula_weight 
_entity.pdbx_number_of_molecules 
_entity.pdbx_ec 
_entity.pdbx_mutation 
_entity.pdbx_fragment 
_entity.details 
1 polymer man 'Transcriptional regulator, MarR family, putative' 16556.967 1  ? ? ? ? 
2 water   nat water                                              18.015    13 ? ? ? ? 
# 
_entity_poly.entity_id                      1 
_entity_poly.type                           'polypeptide(L)' 
_entity_poly.nstd_linkage                   no 
_entity_poly.nstd_monomer                   yes 
_entity_poly.pdbx_seq_one_letter_code       
;G(MSE)NNRELYGNIRDVYHLLQKNLDKAIEQYDISYVQFGVIQVLAKSGKVS(MSE)SKLIEN(MSE)GCVPSN(MSE)
TT(MSE)IQR(MSE)KRDGYV(MSE)TEKNPNDQRETLVYLTKKGEETKKQVDVQYSDFLKENCGCFTKEEEGILEDLLL
KWKKHLN
;
_entity_poly.pdbx_seq_one_letter_code_can   
;GMNNRELYGNIRDVYHLLQKNLDKAIEQYDISYVQFGVIQVLAKSGKVSMSKLIENMGCVPSNMTTMIQRMKRDGYVMTE
KNPNDQRETLVYLTKKGEETKKQVDVQYSDFLKENCGCFTKEEEGILEDLLLKWKKHLN
;
_entity_poly.pdbx_strand_id                 A 
_entity_poly.pdbx_target_identifier         376427 
# 
_pdbx_entity_nonpoly.entity_id   2 
_pdbx_entity_nonpoly.name        water 
_pdbx_entity_nonpoly.comp_id     HOH 
# 
loop_
_entity_poly_seq.entity_id 
_entity_poly_seq.num 
_entity_poly_seq.mon_id 
_entity_poly_seq.hetero 
1 1   GLY n 
1 2   MSE n 
1 3   ASN n 
1 4   ASN n 
1 5   ARG n 
1 6   GLU n 
1 7   LEU n 
1 8   TYR n 
1 9   GLY n 
1 10  ASN n 
1 11  ILE n 
1 12  ARG n 
1 13  ASP n 
1 14  VAL n 
1 15  TYR n 
1 16  HIS n 
1 17  LEU n 
1 18  LEU n 
1 19  GLN n 
1 20  LYS n 
1 21  ASN n 
1 22  LEU n 
1 23  ASP n 
1 24  LYS n 
1 25  ALA n 
1 26  ILE n 
1 27  GLU n 
1 28  GLN n 
1 29  TYR n 
1 30  ASP n 
1 31  ILE n 
1 32  SER n 
1 33  TYR n 
1 34  VAL n 
1 35  GLN n 
1 36  PHE n 
1 37  GLY n 
1 38  VAL n 
1 39  ILE n 
1 40  GLN n 
1 41  VAL n 
1 42  LEU n 
1 43  ALA n 
1 44  LYS n 
1 45  SER n 
1 46  GLY n 
1 47  LYS n 
1 48  VAL n 
1 49  SER n 
1 50  MSE n 
1 51  SER n 
1 52  LYS n 
1 53  LEU n 
1 54  ILE n 
1 55  GLU n 
1 56  ASN n 
1 57  MSE n 
1 58  GLY n 
1 59  CYS n 
1 60  VAL n 
1 61  PRO n 
1 62  SER n 
1 63  ASN n 
1 64  MSE n 
1 65  THR n 
1 66  THR n 
1 67  MSE n 
1 68  ILE n 
1 69  GLN n 
1 70  ARG n 
1 71  MSE n 
1 72  LYS n 
1 73  ARG n 
1 74  ASP n 
1 75  GLY n 
1 76  TYR n 
1 77  VAL n 
1 78  MSE n 
1 79  THR n 
1 80  GLU n 
1 81  LYS n 
1 82  ASN n 
1 83  PRO n 
1 84  ASN n 
1 85  ASP n 
1 86  GLN n 
1 87  ARG n 
1 88  GLU n 
1 89  THR n 
1 90  LEU n 
1 91  VAL n 
1 92  TYR n 
1 93  LEU n 
1 94  THR n 
1 95  LYS n 
1 96  LYS n 
1 97  GLY n 
1 98  GLU n 
1 99  GLU n 
1 100 THR n 
1 101 LYS n 
1 102 LYS n 
1 103 GLN n 
1 104 VAL n 
1 105 ASP n 
1 106 VAL n 
1 107 GLN n 
1 108 TYR n 
1 109 SER n 
1 110 ASP n 
1 111 PHE n 
1 112 LEU n 
1 113 LYS n 
1 114 GLU n 
1 115 ASN n 
1 116 CYS n 
1 117 GLY n 
1 118 CYS n 
1 119 PHE n 
1 120 THR n 
1 121 LYS n 
1 122 GLU n 
1 123 GLU n 
1 124 GLU n 
1 125 GLY n 
1 126 ILE n 
1 127 LEU n 
1 128 GLU n 
1 129 ASP n 
1 130 LEU n 
1 131 LEU n 
1 132 LEU n 
1 133 LYS n 
1 134 TRP n 
1 135 LYS n 
1 136 LYS n 
1 137 HIS n 
1 138 LEU n 
1 139 ASN n 
# 
_entity_src_gen.entity_id                          1 
_entity_src_gen.pdbx_src_id                        1 
_entity_src_gen.pdbx_alt_source_flag               sample 
_entity_src_gen.pdbx_seq_type                      ? 
_entity_src_gen.pdbx_beg_seq_num                   ? 
_entity_src_gen.pdbx_end_seq_num                   ? 
_entity_src_gen.gene_src_common_name               ? 
_entity_src_gen.gene_src_genus                     Bacillus 
_entity_src_gen.pdbx_gene_src_gene                 'NP_978771.1, BCE_2462' 
_entity_src_gen.gene_src_species                   'Bacillus cereus' 
_entity_src_gen.gene_src_strain                    'ATCC 10987' 
_entity_src_gen.gene_src_tissue                    ? 
_entity_src_gen.gene_src_tissue_fraction           ? 
_entity_src_gen.gene_src_details                   ? 
_entity_src_gen.pdbx_gene_src_fragment             ? 
_entity_src_gen.pdbx_gene_src_scientific_name      'Bacillus cereus' 
_entity_src_gen.pdbx_gene_src_ncbi_taxonomy_id     222523 
_entity_src_gen.pdbx_gene_src_variant              ? 
_entity_src_gen.pdbx_gene_src_cell_line            ? 
_entity_src_gen.pdbx_gene_src_atcc                 ? 
_entity_src_gen.pdbx_gene_src_organ                ? 
_entity_src_gen.pdbx_gene_src_organelle            ? 
_entity_src_gen.pdbx_gene_src_cell                 ? 
_entity_src_gen.pdbx_gene_src_cellular_location    ? 
_entity_src_gen.host_org_common_name               ? 
_entity_src_gen.pdbx_host_org_scientific_name      'Escherichia coli' 
_entity_src_gen.pdbx_host_org_ncbi_taxonomy_id     562 
_entity_src_gen.host_org_genus                     Escherichia 
_entity_src_gen.pdbx_host_org_gene                 ? 
_entity_src_gen.pdbx_host_org_organ                ? 
_entity_src_gen.host_org_species                   ? 
_entity_src_gen.pdbx_host_org_tissue               ? 
_entity_src_gen.pdbx_host_org_tissue_fraction      ? 
_entity_src_gen.pdbx_host_org_strain               HK100 
_entity_src_gen.pdbx_host_org_variant              ? 
_entity_src_gen.pdbx_host_org_cell_line            ? 
_entity_src_gen.pdbx_host_org_atcc                 ? 
_entity_src_gen.pdbx_host_org_culture_collection   ? 
_entity_src_gen.pdbx_host_org_cell                 ? 
_entity_src_gen.pdbx_host_org_organelle            ? 
_entity_src_gen.pdbx_host_org_cellular_location    ? 
_entity_src_gen.pdbx_host_org_vector_type          Plasmid 
_entity_src_gen.pdbx_host_org_vector               ? 
_entity_src_gen.host_org_details                   ? 
_entity_src_gen.expression_system_id               ? 
_entity_src_gen.plasmid_name                       speedET 
_entity_src_gen.plasmid_details                    ? 
_entity_src_gen.pdbx_description                   ? 
# 
loop_
_chem_comp.id 
_chem_comp.type 
_chem_comp.mon_nstd_flag 
_chem_comp.name 
_chem_comp.pdbx_synonyms 
_chem_comp.formula 
_chem_comp.formula_weight 
ALA 'L-peptide linking' y ALANINE          ? 'C3 H7 N O2'     89.093  
ARG 'L-peptide linking' y ARGININE         ? 'C6 H15 N4 O2 1' 175.209 
ASN 'L-peptide linking' y ASPARAGINE       ? 'C4 H8 N2 O3'    132.118 
ASP 'L-peptide linking' y 'ASPARTIC ACID'  ? 'C4 H7 N O4'     133.103 
CYS 'L-peptide linking' y CYSTEINE         ? 'C3 H7 N O2 S'   121.158 
GLN 'L-peptide linking' y GLUTAMINE        ? 'C5 H10 N2 O3'   146.144 
GLU 'L-peptide linking' y 'GLUTAMIC ACID'  ? 'C5 H9 N O4'     147.129 
GLY 'peptide linking'   y GLYCINE          ? 'C2 H5 N O2'     75.067  
HIS 'L-peptide linking' y HISTIDINE        ? 'C6 H10 N3 O2 1' 156.162 
HOH non-polymer         . WATER            ? 'H2 O'           18.015  
ILE 'L-peptide linking' y ISOLEUCINE       ? 'C6 H13 N O2'    131.173 
LEU 'L-peptide linking' y LEUCINE          ? 'C6 H13 N O2'    131.173 
LYS 'L-peptide linking' y LYSINE           ? 'C6 H15 N2 O2 1' 147.195 
MSE 'L-peptide linking' n SELENOMETHIONINE ? 'C5 H11 N O2 Se' 196.106 
PHE 'L-peptide linking' y PHENYLALANINE    ? 'C9 H11 N O2'    165.189 
PRO 'L-peptide linking' y PROLINE          ? 'C5 H9 N O2'     115.130 
SER 'L-peptide linking' y SERINE           ? 'C3 H7 N O3'     105.093 
THR 'L-peptide linking' y THREONINE        ? 'C4 H9 N O3'     119.119 
TRP 'L-peptide linking' y TRYPTOPHAN       ? 'C11 H12 N2 O2'  204.225 
TYR 'L-peptide linking' y TYROSINE         ? 'C9 H11 N O3'    181.189 
VAL 'L-peptide linking' y VALINE           ? 'C5 H11 N O2'    117.146 
# 
loop_
_pdbx_poly_seq_scheme.asym_id 
_pdbx_poly_seq_scheme.entity_id 
_pdbx_poly_seq_scheme.seq_id 
_pdbx_poly_seq_scheme.mon_id 
_pdbx_poly_seq_scheme.ndb_seq_num 
_pdbx_poly_seq_scheme.pdb_seq_num 
_pdbx_poly_seq_scheme.auth_seq_num 
_pdbx_poly_seq_scheme.pdb_mon_id 
_pdbx_poly_seq_scheme.auth_mon_id 
_pdbx_poly_seq_scheme.pdb_strand_id 
_pdbx_poly_seq_scheme.pdb_ins_code 
_pdbx_poly_seq_scheme.hetero 
A 1 1   GLY 1   0   0   GLY GLY A . n 
A 1 2   MSE 2   1   1   MSE MSE A . n 
A 1 3   ASN 3   2   2   ASN ASN A . n 
A 1 4   ASN 4   3   3   ASN ASN A . n 
A 1 5   ARG 5   4   4   ARG ARG A . n 
A 1 6   GLU 6   5   5   GLU GLU A . n 
A 1 7   LEU 7   6   6   LEU LEU A . n 
A 1 8   TYR 8   7   7   TYR TYR A . n 
A 1 9   GLY 9   8   8   GLY GLY A . n 
A 1 10  ASN 10  9   9   ASN ASN A . n 
A 1 11  ILE 11  10  10  ILE ILE A . n 
A 1 12  ARG 12  11  11  ARG ARG A . n 
A 1 13  ASP 13  12  12  ASP ASP A . n 
A 1 14  VAL 14  13  13  VAL VAL A . n 
A 1 15  TYR 15  14  14  TYR TYR A . n 
A 1 16  HIS 16  15  15  HIS HIS A . n 
A 1 17  LEU 17  16  16  LEU LEU A . n 
A 1 18  LEU 18  17  17  LEU LEU A . n 
A 1 19  GLN 19  18  18  GLN GLN A . n 
A 1 20  LYS 20  19  19  LYS LYS A . n 
A 1 21  ASN 21  20  20  ASN ASN A . n 
A 1 22  LEU 22  21  21  LEU LEU A . n 
A 1 23  ASP 23  22  22  ASP ASP A . n 
A 1 24  LYS 24  23  23  LYS LYS A . n 
A 1 25  ALA 25  24  24  ALA ALA A . n 
A 1 26  ILE 26  25  25  ILE ILE A . n 
A 1 27  GLU 27  26  26  GLU GLU A . n 
A 1 28  GLN 28  27  27  GLN GLN A . n 
A 1 29  TYR 29  28  28  TYR TYR A . n 
A 1 30  ASP 30  29  29  ASP ASP A . n 
A 1 31  ILE 31  30  30  ILE ILE A . n 
A 1 32  SER 32  31  31  SER SER A . n 
A 1 33  TYR 33  32  32  TYR TYR A . n 
A 1 34  VAL 34  33  33  VAL VAL A . n 
A 1 35  GLN 35  34  34  GLN GLN A . n 
A 1 36  PHE 36  35  35  PHE PHE A . n 
A 1 37  GLY 37  36  36  GLY GLY A . n 
A 1 38  VAL 38  37  37  VAL VAL A . n 
A 1 39  ILE 39  38  38  ILE ILE A . n 
A 1 40  GLN 40  39  39  GLN GLN A . n 
A 1 41  VAL 41  40  40  VAL VAL A . n 
A 1 42  LEU 42  41  41  LEU LEU A . n 
A 1 43  ALA 43  42  42  ALA ALA A . n 
A 1 44  LYS 44  43  43  LYS LYS A . n 
A 1 45  SER 45  44  44  SER SER A . n 
A 1 46  GLY 46  45  45  GLY GLY A . n 
A 1 47  LYS 47  46  46  LYS LYS A . n 
A 1 48  VAL 48  47  47  VAL VAL A . n 
A 1 49  SER 49  48  48  SER SER A . n 
A 1 50  MSE 50  49  49  MSE MSE A . n 
A 1 51  SER 51  50  50  SER SER A . n 
A 1 52  LYS 52  51  51  LYS LYS A . n 
A 1 53  LEU 53  52  52  LEU LEU A . n 
A 1 54  ILE 54  53  53  ILE ILE A . n 
A 1 55  GLU 55  54  54  GLU GLU A . n 
A 1 56  ASN 56  55  55  ASN ASN A . n 
A 1 57  MSE 57  56  56  MSE MSE A . n 
A 1 58  GLY 58  57  57  GLY GLY A . n 
A 1 59  CYS 59  58  58  CYS CYS A . n 
A 1 60  VAL 60  59  59  VAL VAL A . n 
A 1 61  PRO 61  60  60  PRO PRO A . n 
A 1 62  SER 62  61  61  SER SER A . n 
A 1 63  ASN 63  62  62  ASN ASN A . n 
A 1 64  MSE 64  63  63  MSE MSE A . n 
A 1 65  THR 65  64  64  THR THR A . n 
A 1 66  THR 66  65  65  THR THR A . n 
A 1 67  MSE 67  66  66  MSE MSE A . n 
A 1 68  ILE 68  67  67  ILE ILE A . n 
A 1 69  GLN 69  68  68  GLN GLN A . n 
A 1 70  ARG 70  69  69  ARG ARG A . n 
A 1 71  MSE 71  70  70  MSE MSE A . n 
A 1 72  LYS 72  71  71  LYS LYS A . n 
A 1 73  ARG 73  72  72  ARG ARG A . n 
A 1 74  ASP 74  73  73  ASP ASP A . n 
A 1 75  GLY 75  74  74  GLY GLY A . n 
A 1 76  TYR 76  75  75  TYR TYR A . n 
A 1 77  VAL 77  76  76  VAL VAL A . n 
A 1 78  MSE 78  77  77  MSE MSE A . n 
A 1 79  THR 79  78  78  THR THR A . n 
A 1 80  GLU 80  79  79  GLU GLU A . n 
A 1 81  LYS 81  80  80  LYS LYS A . n 
A 1 82  ASN 82  81  81  ASN ASN A . n 
A 1 83  PRO 83  82  82  PRO PRO A . n 
A 1 84  ASN 84  83  83  ASN ASN A . n 
A 1 85  ASP 85  84  84  ASP ASP A . n 
A 1 86  GLN 86  85  85  GLN GLN A . n 
A 1 87  ARG 87  86  86  ARG ARG A . n 
A 1 88  GLU 88  87  87  GLU GLU A . n 
A 1 89  THR 89  88  88  THR THR A . n 
A 1 90  LEU 90  89  89  LEU LEU A . n 
A 1 91  VAL 91  90  90  VAL VAL A . n 
A 1 92  TYR 92  91  91  TYR TYR A . n 
A 1 93  LEU 93  92  92  LEU LEU A . n 
A 1 94  THR 94  93  93  THR THR A . n 
A 1 95  LYS 95  94  94  LYS LYS A . n 
A 1 96  LYS 96  95  95  LYS LYS A . n 
A 1 97  GLY 97  96  96  GLY GLY A . n 
A 1 98  GLU 98  97  97  GLU GLU A . n 
A 1 99  GLU 99  98  98  GLU GLU A . n 
A 1 100 THR 100 99  99  THR THR A . n 
A 1 101 LYS 101 100 100 LYS LYS A . n 
A 1 102 LYS 102 101 101 LYS LYS A . n 
A 1 103 GLN 103 102 102 GLN GLN A . n 
A 1 104 VAL 104 103 103 VAL VAL A . n 
A 1 105 ASP 105 104 104 ASP ASP A . n 
A 1 106 VAL 106 105 105 VAL VAL A . n 
A 1 107 GLN 107 106 106 GLN GLN A . n 
A 1 108 TYR 108 107 107 TYR TYR A . n 
A 1 109 SER 109 108 108 SER SER A . n 
A 1 110 ASP 110 109 109 ASP ASP A . n 
A 1 111 PHE 111 110 110 PHE PHE A . n 
A 1 112 LEU 112 111 111 LEU LEU A . n 
A 1 113 LYS 113 112 112 LYS LYS A . n 
A 1 114 GLU 114 113 113 GLU GLU A . n 
A 1 115 ASN 115 114 114 ASN ASN A . n 
A 1 116 CYS 116 115 115 CYS CYS A . n 
A 1 117 GLY 117 116 116 GLY GLY A . n 
A 1 118 CYS 118 117 117 CYS CYS A . n 
A 1 119 PHE 119 118 118 PHE PHE A . n 
A 1 120 THR 120 119 119 THR THR A . n 
A 1 121 LYS 121 120 120 LYS LYS A . n 
A 1 122 GLU 122 121 121 GLU GLU A . n 
A 1 123 GLU 123 122 122 GLU GLU A . n 
A 1 124 GLU 124 123 123 GLU GLU A . n 
A 1 125 GLY 125 124 124 GLY GLY A . n 
A 1 126 ILE 126 125 125 ILE ILE A . n 
A 1 127 LEU 127 126 126 LEU LEU A . n 
A 1 128 GLU 128 127 127 GLU GLU A . n 
A 1 129 ASP 129 128 128 ASP ASP A . n 
A 1 130 LEU 130 129 129 LEU LEU A . n 
A 1 131 LEU 131 130 130 LEU LEU A . n 
A 1 132 LEU 132 131 131 LEU LEU A . n 
A 1 133 LYS 133 132 132 LYS LYS A . n 
A 1 134 TRP 134 133 133 TRP TRP A . n 
A 1 135 LYS 135 134 134 LYS LYS A . n 
A 1 136 LYS 136 135 135 LYS LYS A . n 
A 1 137 HIS 137 136 136 HIS HIS A . n 
A 1 138 LEU 138 137 137 LEU LEU A . n 
A 1 139 ASN 139 138 138 ASN ASN A . n 
# 
loop_
_pdbx_nonpoly_scheme.asym_id 
_pdbx_nonpoly_scheme.entity_id 
_pdbx_nonpoly_scheme.mon_id 
_pdbx_nonpoly_scheme.ndb_seq_num 
_pdbx_nonpoly_scheme.pdb_seq_num 
_pdbx_nonpoly_scheme.auth_seq_num 
_pdbx_nonpoly_scheme.pdb_mon_id 
_pdbx_nonpoly_scheme.auth_mon_id 
_pdbx_nonpoly_scheme.pdb_strand_id 
_pdbx_nonpoly_scheme.pdb_ins_code 
B 2 HOH 1  139 1  HOH HOH A . 
B 2 HOH 2  140 2  HOH HOH A . 
B 2 HOH 3  141 3  HOH HOH A . 
B 2 HOH 4  142 4  HOH HOH A . 
B 2 HOH 5  143 5  HOH HOH A . 
B 2 HOH 6  144 6  HOH HOH A . 
B 2 HOH 7  145 7  HOH HOH A . 
B 2 HOH 8  146 8  HOH HOH A . 
B 2 HOH 9  147 9  HOH HOH A . 
B 2 HOH 10 148 10 HOH HOH A . 
B 2 HOH 11 149 11 HOH HOH A . 
B 2 HOH 12 150 12 HOH HOH A . 
B 2 HOH 13 151 13 HOH HOH A . 
# 
loop_
_pdbx_unobs_or_zero_occ_atoms.id 
_pdbx_unobs_or_zero_occ_atoms.PDB_model_num 
_pdbx_unobs_or_zero_occ_atoms.polymer_flag 
_pdbx_unobs_or_zero_occ_atoms.occupancy_flag 
_pdbx_unobs_or_zero_occ_atoms.auth_asym_id 
_pdbx_unobs_or_zero_occ_atoms.auth_comp_id 
_pdbx_unobs_or_zero_occ_atoms.auth_seq_id 
_pdbx_unobs_or_zero_occ_atoms.PDB_ins_code 
_pdbx_unobs_or_zero_occ_atoms.auth_atom_id 
_pdbx_unobs_or_zero_occ_atoms.label_alt_id 
_pdbx_unobs_or_zero_occ_atoms.label_asym_id 
_pdbx_unobs_or_zero_occ_atoms.label_comp_id 
_pdbx_unobs_or_zero_occ_atoms.label_seq_id 
_pdbx_unobs_or_zero_occ_atoms.label_atom_id 
1  1 Y 1 A LYS 43  ? CD  ? A LYS 44  CD  
2  1 Y 1 A LYS 43  ? CE  ? A LYS 44  CE  
3  1 Y 1 A LYS 43  ? NZ  ? A LYS 44  NZ  
4  1 Y 1 A SER 61  ? OG  ? A SER 62  OG  
5  1 Y 1 A LYS 80  ? CG  ? A LYS 81  CG  
6  1 Y 1 A LYS 80  ? CD  ? A LYS 81  CD  
7  1 Y 1 A LYS 80  ? CE  ? A LYS 81  CE  
8  1 Y 1 A LYS 80  ? NZ  ? A LYS 81  NZ  
9  1 Y 1 A GLN 85  ? CG  ? A GLN 86  CG  
10 1 Y 1 A GLN 85  ? CD  ? A GLN 86  CD  
11 1 Y 1 A GLN 85  ? OE1 ? A GLN 86  OE1 
12 1 Y 1 A GLN 85  ? NE2 ? A GLN 86  NE2 
13 1 Y 1 A ARG 86  ? NE  ? A ARG 87  NE  
14 1 Y 1 A ARG 86  ? CZ  ? A ARG 87  CZ  
15 1 Y 1 A ARG 86  ? NH1 ? A ARG 87  NH1 
16 1 Y 1 A ARG 86  ? NH2 ? A ARG 87  NH2 
17 1 Y 1 A LYS 101 ? CG  ? A LYS 102 CG  
18 1 Y 1 A LYS 101 ? CD  ? A LYS 102 CD  
19 1 Y 1 A LYS 101 ? CE  ? A LYS 102 CE  
20 1 Y 1 A LYS 101 ? NZ  ? A LYS 102 NZ  
21 1 Y 1 A LYS 112 ? CD  ? A LYS 113 CD  
22 1 Y 1 A LYS 112 ? CE  ? A LYS 113 CE  
23 1 Y 1 A LYS 112 ? NZ  ? A LYS 113 NZ  
# 
loop_
_software.name 
_software.version 
_software.date 
_software.type 
_software.contact_author 
_software.contact_author_email 
_software.classification 
_software.location 
_software.language 
_software.citation_id 
_software.pdbx_ordinal 
REFMAC      5.2.0019 ?              program 'Murshudov, G.N.'            ccp4@dl.ac.uk                        refinement        
http://www.ccp4.ac.uk/main.html                                    Fortran_77 ? 1  
PHENIX      .        ?              package 'P.D. Adams'                 PDAdams@lbl.gov                      refinement        
http://www.phenix-online.org/                                      C++        ? 2  
SHELX       .        ?              package 'George Sheldrick'           gsheldr@shelx.uni-ac.gwdg.de         phasing           
http://shelx.uni-ac.gwdg.de/SHELX/                                 Fortran_77 ? 3  
MolProbity  3beta29  ?              package 'D.C. & J.S. Richardson lab' molprobity@kinemage.biochem.duke.edu 'model building'  
http://kinemage.biochem.duke.edu/molprobity/                       ?          ? 4  
XSCALE      .        ?              package 'Wolfgang Kabsch'            ?                                    'data scaling'    
http://www.mpimf-heidelberg.mpg.de/~kabsch/xds/xscale_program.html ?          ? 5  
PDB_EXTRACT 3.000    'July 2, 2007' package PDB                          sw-help@rcsb.rutgers.edu             'data extraction' 
http://pdb.rutgers.edu/software/                                   C++        ? 6  
MAR345      CCD      ?              ?       ?                            ?                                    'data collection' ? 
?          ? 7  
XDS         .        ?              ?       ?                            ?                                    'data reduction'  ? 
?          ? 8  
SHELXD      .        ?              ?       ?                            ?                                    phasing           ? 
?          ? 9  
autoSHARP   .        ?              ?       ?                            ?                                    phasing           ? 
?          ? 10 
# 
_cell.entry_id           3BJA 
_cell.length_a           71.321 
_cell.length_b           71.321 
_cell.length_c           65.720 
_cell.angle_alpha        90.000 
_cell.angle_beta         90.000 
_cell.angle_gamma        90.000 
_cell.pdbx_unique_axis   ? 
_cell.Z_PDB              8 
_cell.length_a_esd       ? 
_cell.length_b_esd       ? 
_cell.length_c_esd       ? 
_cell.angle_alpha_esd    ? 
_cell.angle_beta_esd     ? 
_cell.angle_gamma_esd    ? 
# 
_symmetry.entry_id                         3BJA 
_symmetry.Int_Tables_number                96 
_symmetry.space_group_name_H-M             'P 43 21 2' 
_symmetry.pdbx_full_space_group_name_H-M   ? 
_symmetry.cell_setting                     ? 
_symmetry.space_group_name_Hall            ? 
# 
_exptl.crystals_number   1 
_exptl.method            'X-RAY DIFFRACTION' 
_exptl.entry_id          3BJA 
# 
_exptl_crystal.id                    1 
_exptl_crystal.density_Matthews      2.52 
_exptl_crystal.density_meas          ? 
_exptl_crystal.density_percent_sol   51.26 
_exptl_crystal.description           ? 
_exptl_crystal.F_000                 ? 
_exptl_crystal.preparation           ? 
# 
_exptl_crystal_grow.crystal_id      1 
_exptl_crystal_grow.method          'VAPOR DIFFUSION, SITTING DROP' 
_exptl_crystal_grow.pH              ? 
_exptl_crystal_grow.temp            277 
_exptl_crystal_grow.pdbx_details    
'NANODROP, 24.9% PEG 3350, 0.214M Potassium nitrate, VAPOR DIFFUSION, SITTING DROP, temperature 277K' 
_exptl_crystal_grow.temp_details    ? 
_exptl_crystal_grow.pdbx_pH_range   . 
# 
_diffrn.id                     1 
_diffrn.ambient_temp           100 
_diffrn.ambient_temp_details   ? 
_diffrn.crystal_id             1 
# 
_diffrn_detector.diffrn_id              1 
_diffrn_detector.detector               CCD 
_diffrn_detector.type                   'MARMOSAIC 300 mm CCD' 
_diffrn_detector.details                'Adjustable focusing mirrors in K-B geometry' 
_diffrn_detector.pdbx_collection_date   2007-10-25 
# 
_diffrn_radiation.diffrn_id                        1 
_diffrn_radiation.pdbx_monochromatic_or_laue_m_l   M 
_diffrn_radiation.monochromator                    'Si(111) Double crystal' 
_diffrn_radiation.pdbx_diffrn_protocol             MAD 
_diffrn_radiation.wavelength_id                    1 
_diffrn_radiation.pdbx_scattering_type             x-ray 
# 
loop_
_diffrn_radiation_wavelength.id 
_diffrn_radiation_wavelength.wavelength 
_diffrn_radiation_wavelength.wt 
1 0.94939 1.0 
2 0.97953 1.0 
3 0.97939 1.0 
# 
_diffrn_source.diffrn_id                   1 
_diffrn_source.source                      SYNCHROTRON 
_diffrn_source.pdbx_synchrotron_beamline   23-ID-D 
_diffrn_source.type                        'APS BEAMLINE 23-ID-D' 
_diffrn_source.pdbx_wavelength_list        '0.94939, 0.97953, 0.97939' 
_diffrn_source.pdbx_wavelength             ? 
_diffrn_source.pdbx_synchrotron_site       APS 
# 
_reflns.entry_id                     3BJA 
_reflns.d_resolution_high            2.38 
_reflns.d_resolution_low             48.337 
_reflns.number_obs                   7225 
_reflns.pdbx_Rmerge_I_obs            0.061 
_reflns.pdbx_netI_over_sigmaI        16.250 
_reflns.percent_possible_obs         99.700 
_reflns.B_iso_Wilson_estimate        68.524 
_reflns.observed_criterion_sigma_I   -3.00 
_reflns.observed_criterion_sigma_F   ? 
_reflns.number_all                   ? 
_reflns.pdbx_Rsym_value              ? 
_reflns.pdbx_redundancy              ? 
_reflns.R_free_details               ? 
_reflns.limit_h_max                  ? 
_reflns.limit_h_min                  ? 
_reflns.limit_k_max                  ? 
_reflns.limit_k_min                  ? 
_reflns.limit_l_max                  ? 
_reflns.limit_l_min                  ? 
_reflns.observed_criterion_F_max     ? 
_reflns.observed_criterion_F_min     ? 
_reflns.pdbx_chi_squared             ? 
_reflns.pdbx_scaling_rejects         ? 
_reflns.pdbx_ordinal                 1 
_reflns.pdbx_diffrn_id               1 
# 
loop_
_reflns_shell.d_res_high 
_reflns_shell.d_res_low 
_reflns_shell.number_measured_obs 
_reflns_shell.number_measured_all 
_reflns_shell.number_unique_obs 
_reflns_shell.Rmerge_I_obs 
_reflns_shell.meanI_over_sigI_obs 
_reflns_shell.pdbx_Rsym_value 
_reflns_shell.pdbx_chi_squared 
_reflns_shell.pdbx_redundancy 
_reflns_shell.percent_possible_obs 
_reflns_shell.number_unique_all 
_reflns_shell.percent_possible_all 
_reflns_shell.pdbx_ordinal 
_reflns_shell.pdbx_diffrn_id 
2.38 2.46   4601 ? 678 0.879 2.2  ? ? ? ? ? 100.00 1  1 
2.46 2.56   5044 ? 703 0.730 2.9  ? ? ? ? ? 100.00 2  1 
2.56 2.68   5101 ? 717 0.581 3.6  ? ? ? ? ? 100.00 3  1 
2.68 2.82   5024 ? 710 0.415 5.1  ? ? ? ? ? 100.00 4  1 
2.82 3.00   5101 ? 723 0.249 8.0  ? ? ? ? ? 100.00 5  1 
3.00 3.23   5013 ? 708 0.143 13.0 ? ? ? ? ? 100.00 6  1 
3.23 3.55   4926 ? 707 0.078 21.2 ? ? ? ? ? 100.00 7  1 
3.55 4.06   4971 ? 725 0.049 28.8 ? ? ? ? ? 99.90  8  1 
4.06 5.10   4973 ? 749 0.037 36.1 ? ? ? ? ? 100.00 9  1 
5.10 48.337 4610 ? 804 0.034 36.9 ? ? ? ? ? 97.50  10 1 
# 
_refine.entry_id                                 3BJA 
_refine.ls_d_res_high                            2.380 
_refine.ls_d_res_low                             48.337 
_refine.pdbx_ls_sigma_F                          0.00 
_refine.ls_percent_reflns_obs                    99.760 
_refine.ls_number_reflns_obs                     7194 
_refine.pdbx_ls_cross_valid_method               THROUGHOUT 
_refine.pdbx_R_Free_selection_details            RANDOM 
_refine.details                                  
;1. HYDROGENS HAVE BEEN ADDED IN THE RIDING POSITIONS.
 2. ATOM RECORDS CONTAIN RESIDUAL B FACTORS ONLY.
 3. A MET-INHIBITION PROTOCOL WAS USED FOR SELENOMETHIONINE
 INCORPORATION DURING PROTEIN EXPRESSION. THE OCCUPANCY
 OF THE SE ATOMS IN THE MSE RESIDUES WAS REDUCED TO 0.75
 FOR THE REDUCED SCATTERING POWER DUE TO PARTIAL S-MET INCORPORATION.
;
_refine.ls_R_factor_obs                          0.234 
_refine.ls_R_factor_R_work                       0.233 
_refine.ls_R_factor_R_free                       0.253 
_refine.ls_percent_reflns_R_free                 4.700 
_refine.ls_number_reflns_R_free                  337 
_refine.B_iso_mean                               64.800 
_refine.aniso_B[1][1]                            0.660 
_refine.aniso_B[2][2]                            0.660 
_refine.aniso_B[3][3]                            -1.320 
_refine.aniso_B[1][2]                            0.000 
_refine.aniso_B[1][3]                            0.000 
_refine.aniso_B[2][3]                            0.000 
_refine.correlation_coeff_Fo_to_Fc               0.949 
_refine.correlation_coeff_Fo_to_Fc_free          0.930 
_refine.pdbx_overall_ESU_R                       0.395 
_refine.pdbx_overall_ESU_R_Free                  0.249 
_refine.overall_SU_ML                            0.259 
_refine.overall_SU_B                             24.942 
_refine.solvent_model_details                    'BABINET MODEL WITH MASK' 
_refine.pdbx_solvent_vdw_probe_radii             1.200 
_refine.pdbx_solvent_ion_probe_radii             0.800 
_refine.pdbx_solvent_shrinkage_radii             0.800 
_refine.pdbx_method_to_determine_struct          MAD 
_refine.pdbx_stereochemistry_target_values       'MAXIMUM LIKELIHOOD WITH PHASES' 
_refine.pdbx_ls_sigma_I                          ? 
_refine.ls_number_reflns_all                     ? 
_refine.ls_R_factor_all                          ? 
_refine.ls_redundancy_reflns_obs                 ? 
_refine.pdbx_data_cutoff_high_absF               ? 
_refine.pdbx_data_cutoff_low_absF                ? 
_refine.ls_number_parameters                     ? 
_refine.ls_number_restraints                     ? 
_refine.ls_R_factor_R_free_error                 ? 
_refine.ls_R_factor_R_free_error_details         ? 
_refine.pdbx_starting_model                      ? 
_refine.pdbx_stereochem_target_val_spec_case     ? 
_refine.solvent_model_param_bsol                 ? 
_refine.solvent_model_param_ksol                 ? 
_refine.occupancy_max                            ? 
_refine.occupancy_min                            ? 
_refine.pdbx_isotropic_thermal_model             ? 
_refine.B_iso_min                                ? 
_refine.B_iso_max                                ? 
_refine.overall_SU_R_Cruickshank_DPI             ? 
_refine.overall_SU_R_free                        ? 
_refine.pdbx_data_cutoff_high_rms_absF           ? 
_refine.ls_wR_factor_R_free                      ? 
_refine.ls_wR_factor_R_work                      ? 
_refine.overall_FOM_free_R_set                   ? 
_refine.overall_FOM_work_R_set                   ? 
_refine.pdbx_refine_id                           'X-RAY DIFFRACTION' 
_refine.pdbx_TLS_residual_ADP_flag               'LIKELY RESIDUAL' 
_refine.pdbx_diffrn_id                           1 
_refine.pdbx_overall_phase_error                 ? 
_refine.pdbx_overall_SU_R_free_Cruickshank_DPI   ? 
_refine.pdbx_overall_SU_R_Blow_DPI               ? 
_refine.pdbx_overall_SU_R_free_Blow_DPI          ? 
# 
_refine_hist.pdbx_refine_id                   'X-RAY DIFFRACTION' 
_refine_hist.cycle_id                         LAST 
_refine_hist.pdbx_number_atoms_protein        1109 
_refine_hist.pdbx_number_atoms_nucleic_acid   0 
_refine_hist.pdbx_number_atoms_ligand         0 
_refine_hist.number_atoms_solvent             13 
_refine_hist.number_atoms_total               1122 
_refine_hist.d_res_high                       2.380 
_refine_hist.d_res_low                        48.337 
# 
loop_
_refine_ls_restr.type 
_refine_ls_restr.number 
_refine_ls_restr.dev_ideal 
_refine_ls_restr.dev_ideal_target 
_refine_ls_restr.weight 
_refine_ls_restr.pdbx_refine_id 
_refine_ls_restr.pdbx_restraint_function 
r_bond_refined_d         1140 0.015  0.022  ? 'X-RAY DIFFRACTION' ? 
r_bond_other_d           776  0.002  0.020  ? 'X-RAY DIFFRACTION' ? 
r_angle_refined_deg      1535 1.549  1.971  ? 'X-RAY DIFFRACTION' ? 
r_angle_other_deg        1910 1.262  3.000  ? 'X-RAY DIFFRACTION' ? 
r_dihedral_angle_1_deg   142  2.977  5.000  ? 'X-RAY DIFFRACTION' ? 
r_dihedral_angle_2_deg   56   32.113 25.893 ? 'X-RAY DIFFRACTION' ? 
r_dihedral_angle_3_deg   226  13.418 15.000 ? 'X-RAY DIFFRACTION' ? 
r_dihedral_angle_4_deg   5    14.904 15.000 ? 'X-RAY DIFFRACTION' ? 
r_chiral_restr           170  0.086  0.200  ? 'X-RAY DIFFRACTION' ? 
r_gen_planes_refined     1262 0.005  0.020  ? 'X-RAY DIFFRACTION' ? 
r_gen_planes_other       210  0.002  0.020  ? 'X-RAY DIFFRACTION' ? 
r_nbd_refined            217  0.175  0.200  ? 'X-RAY DIFFRACTION' ? 
r_nbd_other              698  0.119  0.200  ? 'X-RAY DIFFRACTION' ? 
r_nbtor_refined          549  0.148  0.200  ? 'X-RAY DIFFRACTION' ? 
r_nbtor_other            528  0.075  0.200  ? 'X-RAY DIFFRACTION' ? 
r_xyhbond_nbd_refined    21   0.120  0.200  ? 'X-RAY DIFFRACTION' ? 
r_symmetry_vdw_refined   11   0.113  0.200  ? 'X-RAY DIFFRACTION' ? 
r_symmetry_vdw_other     33   0.139  0.200  ? 'X-RAY DIFFRACTION' ? 
r_symmetry_hbond_refined 3    0.160  0.200  ? 'X-RAY DIFFRACTION' ? 
r_mcbond_it              839  1.937  3.000  ? 'X-RAY DIFFRACTION' ? 
r_mcbond_other           286  0.271  3.000  ? 'X-RAY DIFFRACTION' ? 
r_mcangle_it             1120 2.726  5.000  ? 'X-RAY DIFFRACTION' ? 
r_scbond_it              503  5.211  8.000  ? 'X-RAY DIFFRACTION' ? 
r_scangle_it             413  7.107  11.000 ? 'X-RAY DIFFRACTION' ? 
# 
_refine_ls_shell.d_res_high                       2.380 
_refine_ls_shell.d_res_low                        2.442 
_refine_ls_shell.pdbx_total_number_of_bins_used   20 
_refine_ls_shell.percent_reflns_obs               100.000 
_refine_ls_shell.number_reflns_R_work             483 
_refine_ls_shell.R_factor_all                     ? 
_refine_ls_shell.R_factor_R_work                  0.340 
_refine_ls_shell.R_factor_R_free                  0.341 
_refine_ls_shell.percent_reflns_R_free            ? 
_refine_ls_shell.number_reflns_R_free             28 
_refine_ls_shell.R_factor_R_free_error            ? 
_refine_ls_shell.number_reflns_all                511 
_refine_ls_shell.number_reflns_obs                ? 
_refine_ls_shell.redundancy_reflns_obs            ? 
_refine_ls_shell.pdbx_refine_id                   'X-RAY DIFFRACTION' 
# 
_struct.entry_id                  3BJA 
_struct.title                     
'Crystal structure of putative MarR-like transcription regulator (NP_978771.1) from Bacillus cereus ATCC 10987 at 2.38 A resolution' 
_struct.pdbx_model_details        ? 
_struct.pdbx_CASP_flag            ? 
_struct.pdbx_model_type_details   ? 
# 
_struct_keywords.text            
;NP_978771.1, Putative MarR-like Transcription Regulator, MarR family, Structural Genomics, Joint Center for Structural Genomics, JCSG, Protein Structure Initiative, PSI-2, DNA-binding, Transcription regulation, TRANSCRIPTION REGULATOR
;
_struct_keywords.pdbx_keywords   'TRANSCRIPTION REGULATOR' 
_struct_keywords.entry_id        3BJA 
# 
loop_
_struct_asym.id 
_struct_asym.pdbx_blank_PDB_chainid_flag 
_struct_asym.pdbx_modified 
_struct_asym.entity_id 
_struct_asym.details 
A N N 1 ? 
B N N 2 ? 
# 
_struct_ref.id                         1 
_struct_ref.db_name                    UNP 
_struct_ref.db_code                    Q738D3_BACC1 
_struct_ref.pdbx_db_accession          Q738D3 
_struct_ref.entity_id                  1 
_struct_ref.pdbx_seq_one_letter_code   
;MNNRELYGNIRDVYHLLQKNLDKAIEQYDISYVQFGVIQVLAKSGKVSMSKLIENMGCVPSNMTTMIQRMKRDGYVMTEK
NPNDQRETLVYLTKKGEETKKQVDVQYSDFLKENCGCFTKEEEGILEDLLLKWKKHLN
;
_struct_ref.pdbx_align_begin           1 
_struct_ref.pdbx_db_isoform            ? 
# 
_struct_ref_seq.align_id                      1 
_struct_ref_seq.ref_id                        1 
_struct_ref_seq.pdbx_PDB_id_code              3BJA 
_struct_ref_seq.pdbx_strand_id                A 
_struct_ref_seq.seq_align_beg                 2 
_struct_ref_seq.pdbx_seq_align_beg_ins_code   ? 
_struct_ref_seq.seq_align_end                 139 
_struct_ref_seq.pdbx_seq_align_end_ins_code   ? 
_struct_ref_seq.pdbx_db_accession             Q738D3 
_struct_ref_seq.db_align_beg                  1 
_struct_ref_seq.pdbx_db_align_beg_ins_code    ? 
_struct_ref_seq.db_align_end                  138 
_struct_ref_seq.pdbx_db_align_end_ins_code    ? 
_struct_ref_seq.pdbx_auth_seq_align_beg       1 
_struct_ref_seq.pdbx_auth_seq_align_end       138 
# 
_struct_ref_seq_dif.align_id                     1 
_struct_ref_seq_dif.pdbx_pdb_id_code             3BJA 
_struct_ref_seq_dif.mon_id                       GLY 
_struct_ref_seq_dif.pdbx_pdb_strand_id           A 
_struct_ref_seq_dif.seq_num                      1 
_struct_ref_seq_dif.pdbx_pdb_ins_code            ? 
_struct_ref_seq_dif.pdbx_seq_db_name             UNP 
_struct_ref_seq_dif.pdbx_seq_db_accession_code   Q738D3 
_struct_ref_seq_dif.db_mon_id                    ? 
_struct_ref_seq_dif.pdbx_seq_db_seq_num          ? 
_struct_ref_seq_dif.details                      'expression tag' 
_struct_ref_seq_dif.pdbx_auth_seq_num            0 
_struct_ref_seq_dif.pdbx_ordinal                 1 
# 
_pdbx_struct_assembly.id                   1 
_pdbx_struct_assembly.details              software_defined_assembly 
_pdbx_struct_assembly.method_details       PISA 
_pdbx_struct_assembly.oligomeric_details   dimeric 
_pdbx_struct_assembly.oligomeric_count     2 
# 
_pdbx_struct_assembly_prop.biol_id   1 
_pdbx_struct_assembly_prop.type      'ABSA (A^2)' 
_pdbx_struct_assembly_prop.value     5070 
_pdbx_struct_assembly_prop.details   ? 
# 
_pdbx_struct_assembly_gen.assembly_id       1 
_pdbx_struct_assembly_gen.oper_expression   1,2 
_pdbx_struct_assembly_gen.asym_id_list      A,B 
# 
loop_
_pdbx_struct_oper_list.id 
_pdbx_struct_oper_list.type 
_pdbx_struct_oper_list.name 
_pdbx_struct_oper_list.symmetry_operation 
_pdbx_struct_oper_list.matrix[1][1] 
_pdbx_struct_oper_list.matrix[1][2] 
_pdbx_struct_oper_list.matrix[1][3] 
_pdbx_struct_oper_list.vector[1] 
_pdbx_struct_oper_list.matrix[2][1] 
_pdbx_struct_oper_list.matrix[2][2] 
_pdbx_struct_oper_list.matrix[2][3] 
_pdbx_struct_oper_list.vector[2] 
_pdbx_struct_oper_list.matrix[3][1] 
_pdbx_struct_oper_list.matrix[3][2] 
_pdbx_struct_oper_list.matrix[3][3] 
_pdbx_struct_oper_list.vector[3] 
1 'identity operation'         1_555 x,y,z  1.0000000000 0.0000000000 0.0000000000 0.0000000000 0.0000000000 1.0000000000  0.0000000000 0.0000000000   0.0000000000 0.0000000000 1.0000000000  0.0000000000  
2 'crystal symmetry operation' 7_555 y,x,-z 0.9502370188 0.3021687200 0.0757870221 2.0671709983 0.3021687200 -0.9531821340 0.0117424022 -16.1310167314 0.0757870221 0.0117424022 -0.9970548848 11.1208390290 
# 
_struct_biol.id        1 
_struct_biol.details   ? 
# 
loop_
_struct_conf.conf_type_id 
_struct_conf.id 
_struct_conf.pdbx_PDB_helix_id 
_struct_conf.beg_label_comp_id 
_struct_conf.beg_label_asym_id 
_struct_conf.beg_label_seq_id 
_struct_conf.pdbx_beg_PDB_ins_code 
_struct_conf.end_label_comp_id 
_struct_conf.end_label_asym_id 
_struct_conf.end_label_seq_id 
_struct_conf.pdbx_end_PDB_ins_code 
_struct_conf.beg_auth_comp_id 
_struct_conf.beg_auth_asym_id 
_struct_conf.beg_auth_seq_id 
_struct_conf.end_auth_comp_id 
_struct_conf.end_auth_asym_id 
_struct_conf.end_auth_seq_id 
_struct_conf.pdbx_PDB_helix_class 
_struct_conf.details 
_struct_conf.pdbx_PDB_helix_length 
HELX_P HELX_P1 1 GLY A 1   ? ILE A 26  ? GLY A 0   ILE A 25  1 ? 26 
HELX_P HELX_P2 2 GLU A 27  ? ASP A 30  ? GLU A 26  ASP A 29  5 ? 4  
HELX_P HELX_P3 3 SER A 32  ? SER A 45  ? SER A 31  SER A 44  1 ? 14 
HELX_P HELX_P4 4 MSE A 50  ? MSE A 57  ? MSE A 49  MSE A 56  1 ? 8  
HELX_P HELX_P5 5 ASN A 63  ? ASP A 74  ? ASN A 62  ASP A 73  1 ? 12 
HELX_P HELX_P6 6 THR A 94  ? GLY A 117 ? THR A 93  GLY A 116 1 ? 24 
HELX_P HELX_P7 7 THR A 120 ? ASN A 139 ? THR A 119 ASN A 138 1 ? 20 
# 
_struct_conf_type.id          HELX_P 
_struct_conf_type.criteria    ? 
_struct_conf_type.reference   ? 
# 
loop_
_struct_conn.id 
_struct_conn.conn_type_id 
_struct_conn.pdbx_leaving_atom_flag 
_struct_conn.pdbx_PDB_id 
_struct_conn.ptnr1_label_asym_id 
_struct_conn.ptnr1_label_comp_id 
_struct_conn.ptnr1_label_seq_id 
_struct_conn.ptnr1_label_atom_id 
_struct_conn.pdbx_ptnr1_label_alt_id 
_struct_conn.pdbx_ptnr1_PDB_ins_code 
_struct_conn.pdbx_ptnr1_standard_comp_id 
_struct_conn.ptnr1_symmetry 
_struct_conn.ptnr2_label_asym_id 
_struct_conn.ptnr2_label_comp_id 
_struct_conn.ptnr2_label_seq_id 
_struct_conn.ptnr2_label_atom_id 
_struct_conn.pdbx_ptnr2_label_alt_id 
_struct_conn.pdbx_ptnr2_PDB_ins_code 
_struct_conn.ptnr1_auth_asym_id 
_struct_conn.ptnr1_auth_comp_id 
_struct_conn.ptnr1_auth_seq_id 
_struct_conn.ptnr2_auth_asym_id 
_struct_conn.ptnr2_auth_comp_id 
_struct_conn.ptnr2_auth_seq_id 
_struct_conn.ptnr2_symmetry 
_struct_conn.pdbx_ptnr3_label_atom_id 
_struct_conn.pdbx_ptnr3_label_seq_id 
_struct_conn.pdbx_ptnr3_label_comp_id 
_struct_conn.pdbx_ptnr3_label_asym_id 
_struct_conn.pdbx_ptnr3_label_alt_id 
_struct_conn.pdbx_ptnr3_PDB_ins_code 
_struct_conn.details 
_struct_conn.pdbx_dist_value 
_struct_conn.pdbx_value_order 
_struct_conn.pdbx_role 
covale1  covale both ? A GLY 1  C ? ? ? 1_555 A MSE 2  N ? ? A GLY 0  A MSE 1  1_555 ? ? ? ? ? ? ? 1.336 ? ? 
covale2  covale both ? A MSE 2  C ? ? ? 1_555 A ASN 3  N ? ? A MSE 1  A ASN 2  1_555 ? ? ? ? ? ? ? 1.337 ? ? 
covale3  covale both ? A SER 49 C ? ? ? 1_555 A MSE 50 N ? ? A SER 48 A MSE 49 1_555 ? ? ? ? ? ? ? 1.331 ? ? 
covale4  covale both ? A MSE 50 C ? ? ? 1_555 A SER 51 N ? ? A MSE 49 A SER 50 1_555 ? ? ? ? ? ? ? 1.338 ? ? 
covale5  covale both ? A ASN 56 C ? ? ? 1_555 A MSE 57 N ? ? A ASN 55 A MSE 56 1_555 ? ? ? ? ? ? ? 1.341 ? ? 
covale6  covale both ? A MSE 57 C ? ? ? 1_555 A GLY 58 N ? ? A MSE 56 A GLY 57 1_555 ? ? ? ? ? ? ? 1.341 ? ? 
covale7  covale both ? A ASN 63 C ? ? ? 1_555 A MSE 64 N ? ? A ASN 62 A MSE 63 1_555 ? ? ? ? ? ? ? 1.342 ? ? 
covale8  covale both ? A MSE 64 C ? ? ? 1_555 A THR 65 N ? ? A MSE 63 A THR 64 1_555 ? ? ? ? ? ? ? 1.329 ? ? 
covale9  covale both ? A THR 66 C ? ? ? 1_555 A MSE 67 N ? ? A THR 65 A MSE 66 1_555 ? ? ? ? ? ? ? 1.327 ? ? 
covale10 covale both ? A MSE 67 C ? ? ? 1_555 A ILE 68 N ? ? A MSE 66 A ILE 67 1_555 ? ? ? ? ? ? ? 1.338 ? ? 
covale11 covale both ? A ARG 70 C ? ? ? 1_555 A MSE 71 N ? ? A ARG 69 A MSE 70 1_555 ? ? ? ? ? ? ? 1.336 ? ? 
covale12 covale both ? A MSE 71 C ? ? ? 1_555 A LYS 72 N ? ? A MSE 70 A LYS 71 1_555 ? ? ? ? ? ? ? 1.334 ? ? 
covale13 covale both ? A VAL 77 C ? ? ? 1_555 A MSE 78 N ? ? A VAL 76 A MSE 77 1_555 ? ? ? ? ? ? ? 1.336 ? ? 
covale14 covale both ? A MSE 78 C ? ? ? 1_555 A THR 79 N ? ? A MSE 77 A THR 78 1_555 ? ? ? ? ? ? ? 1.334 ? ? 
# 
_struct_conn_type.id          covale 
_struct_conn_type.criteria    ? 
_struct_conn_type.reference   ? 
# 
loop_
_pdbx_modification_feature.ordinal 
_pdbx_modification_feature.label_comp_id 
_pdbx_modification_feature.label_asym_id 
_pdbx_modification_feature.label_seq_id 
_pdbx_modification_feature.label_alt_id 
_pdbx_modification_feature.modified_residue_label_comp_id 
_pdbx_modification_feature.modified_residue_label_asym_id 
_pdbx_modification_feature.modified_residue_label_seq_id 
_pdbx_modification_feature.modified_residue_label_alt_id 
_pdbx_modification_feature.auth_comp_id 
_pdbx_modification_feature.auth_asym_id 
_pdbx_modification_feature.auth_seq_id 
_pdbx_modification_feature.PDB_ins_code 
_pdbx_modification_feature.symmetry 
_pdbx_modification_feature.modified_residue_auth_comp_id 
_pdbx_modification_feature.modified_residue_auth_asym_id 
_pdbx_modification_feature.modified_residue_auth_seq_id 
_pdbx_modification_feature.modified_residue_PDB_ins_code 
_pdbx_modification_feature.modified_residue_symmetry 
_pdbx_modification_feature.comp_id_linking_atom 
_pdbx_modification_feature.modified_residue_id_linking_atom 
_pdbx_modification_feature.modified_residue_id 
_pdbx_modification_feature.ref_pcm_id 
_pdbx_modification_feature.ref_comp_id 
_pdbx_modification_feature.type 
_pdbx_modification_feature.category 
1 MSE A 2  ? . . . . MSE A 1  ? 1_555 . . . . . . . MET 1 MSE Selenomethionine 'Named protein modification' 
2 MSE A 50 ? . . . . MSE A 49 ? 1_555 . . . . . . . MET 1 MSE Selenomethionine 'Named protein modification' 
3 MSE A 57 ? . . . . MSE A 56 ? 1_555 . . . . . . . MET 1 MSE Selenomethionine 'Named protein modification' 
4 MSE A 64 ? . . . . MSE A 63 ? 1_555 . . . . . . . MET 1 MSE Selenomethionine 'Named protein modification' 
5 MSE A 67 ? . . . . MSE A 66 ? 1_555 . . . . . . . MET 1 MSE Selenomethionine 'Named protein modification' 
6 MSE A 71 ? . . . . MSE A 70 ? 1_555 . . . . . . . MET 1 MSE Selenomethionine 'Named protein modification' 
7 MSE A 78 ? . . . . MSE A 77 ? 1_555 . . . . . . . MET 1 MSE Selenomethionine 'Named protein modification' 
# 
_struct_sheet.id               A 
_struct_sheet.type             ? 
_struct_sheet.number_strands   3 
_struct_sheet.details          ? 
# 
loop_
_struct_sheet_order.sheet_id 
_struct_sheet_order.range_id_1 
_struct_sheet_order.range_id_2 
_struct_sheet_order.offset 
_struct_sheet_order.sense 
A 1 2 ? anti-parallel 
A 2 3 ? anti-parallel 
# 
loop_
_struct_sheet_range.sheet_id 
_struct_sheet_range.id 
_struct_sheet_range.beg_label_comp_id 
_struct_sheet_range.beg_label_asym_id 
_struct_sheet_range.beg_label_seq_id 
_struct_sheet_range.pdbx_beg_PDB_ins_code 
_struct_sheet_range.end_label_comp_id 
_struct_sheet_range.end_label_asym_id 
_struct_sheet_range.end_label_seq_id 
_struct_sheet_range.pdbx_end_PDB_ins_code 
_struct_sheet_range.beg_auth_comp_id 
_struct_sheet_range.beg_auth_asym_id 
_struct_sheet_range.beg_auth_seq_id 
_struct_sheet_range.end_auth_comp_id 
_struct_sheet_range.end_auth_asym_id 
_struct_sheet_range.end_auth_seq_id 
A 1 VAL A 48 ? SER A 49 ? VAL A 47 SER A 48 
A 2 THR A 89 ? LEU A 93 ? THR A 88 LEU A 92 
A 3 VAL A 77 ? LYS A 81 ? VAL A 76 LYS A 80 
# 
loop_
_pdbx_struct_sheet_hbond.sheet_id 
_pdbx_struct_sheet_hbond.range_id_1 
_pdbx_struct_sheet_hbond.range_id_2 
_pdbx_struct_sheet_hbond.range_1_label_atom_id 
_pdbx_struct_sheet_hbond.range_1_label_comp_id 
_pdbx_struct_sheet_hbond.range_1_label_asym_id 
_pdbx_struct_sheet_hbond.range_1_label_seq_id 
_pdbx_struct_sheet_hbond.range_1_PDB_ins_code 
_pdbx_struct_sheet_hbond.range_1_auth_atom_id 
_pdbx_struct_sheet_hbond.range_1_auth_comp_id 
_pdbx_struct_sheet_hbond.range_1_auth_asym_id 
_pdbx_struct_sheet_hbond.range_1_auth_seq_id 
_pdbx_struct_sheet_hbond.range_2_label_atom_id 
_pdbx_struct_sheet_hbond.range_2_label_comp_id 
_pdbx_struct_sheet_hbond.range_2_label_asym_id 
_pdbx_struct_sheet_hbond.range_2_label_seq_id 
_pdbx_struct_sheet_hbond.range_2_PDB_ins_code 
_pdbx_struct_sheet_hbond.range_2_auth_atom_id 
_pdbx_struct_sheet_hbond.range_2_auth_comp_id 
_pdbx_struct_sheet_hbond.range_2_auth_asym_id 
_pdbx_struct_sheet_hbond.range_2_auth_seq_id 
A 1 2 N VAL A 48 ? N VAL A 47 O VAL A 91 ? O VAL A 90 
A 2 3 O LEU A 90 ? O LEU A 89 N GLU A 80 ? N GLU A 79 
# 
_pdbx_entry_details.entry_id                   3BJA 
_pdbx_entry_details.compound_details           ? 
_pdbx_entry_details.source_details             ? 
_pdbx_entry_details.nonpolymer_details         ? 
_pdbx_entry_details.sequence_details           ? 
_pdbx_entry_details.has_ligand_of_interest     ? 
_pdbx_entry_details.has_protein_modification   Y 
# 
_pdbx_validate_rmsd_angle.id                         1 
_pdbx_validate_rmsd_angle.PDB_model_num              1 
_pdbx_validate_rmsd_angle.auth_atom_id_1             NE 
_pdbx_validate_rmsd_angle.auth_asym_id_1             A 
_pdbx_validate_rmsd_angle.auth_comp_id_1             ARG 
_pdbx_validate_rmsd_angle.auth_seq_id_1              72 
_pdbx_validate_rmsd_angle.PDB_ins_code_1             ? 
_pdbx_validate_rmsd_angle.label_alt_id_1             ? 
_pdbx_validate_rmsd_angle.auth_atom_id_2             CZ 
_pdbx_validate_rmsd_angle.auth_asym_id_2             A 
_pdbx_validate_rmsd_angle.auth_comp_id_2             ARG 
_pdbx_validate_rmsd_angle.auth_seq_id_2              72 
_pdbx_validate_rmsd_angle.PDB_ins_code_2             ? 
_pdbx_validate_rmsd_angle.label_alt_id_2             ? 
_pdbx_validate_rmsd_angle.auth_atom_id_3             NH1 
_pdbx_validate_rmsd_angle.auth_asym_id_3             A 
_pdbx_validate_rmsd_angle.auth_comp_id_3             ARG 
_pdbx_validate_rmsd_angle.auth_seq_id_3              72 
_pdbx_validate_rmsd_angle.PDB_ins_code_3             ? 
_pdbx_validate_rmsd_angle.label_alt_id_3             ? 
_pdbx_validate_rmsd_angle.angle_value                125.28 
_pdbx_validate_rmsd_angle.angle_target_value         120.30 
_pdbx_validate_rmsd_angle.angle_deviation            4.98 
_pdbx_validate_rmsd_angle.angle_standard_deviation   0.50 
_pdbx_validate_rmsd_angle.linker_flag                N 
# 
_pdbx_validate_torsion.id              1 
_pdbx_validate_torsion.PDB_model_num   1 
_pdbx_validate_torsion.auth_comp_id    ASN 
_pdbx_validate_torsion.auth_asym_id    A 
_pdbx_validate_torsion.auth_seq_id     62 
_pdbx_validate_torsion.PDB_ins_code    ? 
_pdbx_validate_torsion.label_alt_id    ? 
_pdbx_validate_torsion.phi             -162.82 
_pdbx_validate_torsion.psi             40.92 
# 
_pdbx_SG_project.project_name          'PSI, Protein Structure Initiative' 
_pdbx_SG_project.full_name_of_center   'Joint Center for Structural Genomics' 
_pdbx_SG_project.id                    1 
_pdbx_SG_project.initial_of_center     JCSG 
# 
loop_
_pdbx_struct_mod_residue.id 
_pdbx_struct_mod_residue.label_asym_id 
_pdbx_struct_mod_residue.label_comp_id 
_pdbx_struct_mod_residue.label_seq_id 
_pdbx_struct_mod_residue.auth_asym_id 
_pdbx_struct_mod_residue.auth_comp_id 
_pdbx_struct_mod_residue.auth_seq_id 
_pdbx_struct_mod_residue.PDB_ins_code 
_pdbx_struct_mod_residue.parent_comp_id 
_pdbx_struct_mod_residue.details 
1 A MSE 2  A MSE 1  ? MET SELENOMETHIONINE 
2 A MSE 50 A MSE 49 ? MET SELENOMETHIONINE 
3 A MSE 57 A MSE 56 ? MET SELENOMETHIONINE 
4 A MSE 64 A MSE 63 ? MET SELENOMETHIONINE 
5 A MSE 67 A MSE 66 ? MET SELENOMETHIONINE 
6 A MSE 71 A MSE 70 ? MET SELENOMETHIONINE 
7 A MSE 78 A MSE 77 ? MET SELENOMETHIONINE 
# 
_pdbx_refine_tls.id               1 
_pdbx_refine_tls.details          ? 
_pdbx_refine_tls.method           refined 
_pdbx_refine_tls.origin_x         -0.5725 
_pdbx_refine_tls.origin_y         -0.3751 
_pdbx_refine_tls.origin_z         0.1715 
_pdbx_refine_tls.T[1][1]          -0.3469 
_pdbx_refine_tls.T[2][2]          -0.1083 
_pdbx_refine_tls.T[3][3]          -0.3037 
_pdbx_refine_tls.T[1][2]          0.1150 
_pdbx_refine_tls.T[1][3]          -0.1073 
_pdbx_refine_tls.T[2][3]          0.2022 
_pdbx_refine_tls.L[1][1]          3.1557 
_pdbx_refine_tls.L[2][2]          5.5401 
_pdbx_refine_tls.L[3][3]          3.3383 
_pdbx_refine_tls.L[1][2]          2.3976 
_pdbx_refine_tls.L[1][3]          0.4382 
_pdbx_refine_tls.L[2][3]          0.1635 
_pdbx_refine_tls.S[1][1]          -0.0379 
_pdbx_refine_tls.S[2][2]          -0.0569 
_pdbx_refine_tls.S[3][3]          0.0948 
_pdbx_refine_tls.S[1][2]          0.3465 
_pdbx_refine_tls.S[1][3]          -0.0001 
_pdbx_refine_tls.S[2][3]          -0.4605 
_pdbx_refine_tls.S[2][1]          -0.0971 
_pdbx_refine_tls.S[3][1]          -0.3277 
_pdbx_refine_tls.S[3][2]          0.4565 
_pdbx_refine_tls.pdbx_refine_id   'X-RAY DIFFRACTION' 
# 
_pdbx_refine_tls_group.id                  1 
_pdbx_refine_tls_group.refine_tls_id       1 
_pdbx_refine_tls_group.beg_label_asym_id   A 
_pdbx_refine_tls_group.beg_label_seq_id    1 
_pdbx_refine_tls_group.end_label_asym_id   A 
_pdbx_refine_tls_group.end_label_seq_id    139 
_pdbx_refine_tls_group.selection           ? 
_pdbx_refine_tls_group.beg_auth_asym_id    A 
_pdbx_refine_tls_group.beg_auth_seq_id     0 
_pdbx_refine_tls_group.end_auth_asym_id    A 
_pdbx_refine_tls_group.end_auth_seq_id     138 
_pdbx_refine_tls_group.pdbx_refine_id      'X-RAY DIFFRACTION' 
_pdbx_refine_tls_group.selection_details   ? 
# 
_phasing.method   MAD 
# 
_pdbx_database_remark.id     999 
_pdbx_database_remark.text   
;
SEQUENCE
THE CONSTRUCT WAS EXPRESSED WITH A PURIFICATION TAG
MGSDKIHHHHHHENLYFQG. THE TAG WAS REMOVED WITH TEV PROTEASE
LEAVING ONLY A GLYCINE (0) FOLLOWED BY THE TARGET SEQUENCE.
;
# 
loop_
_chem_comp_atom.comp_id 
_chem_comp_atom.atom_id 
_chem_comp_atom.type_symbol 
_chem_comp_atom.pdbx_aromatic_flag 
_chem_comp_atom.pdbx_stereo_config 
_chem_comp_atom.pdbx_ordinal 
ALA N    N  N N 1   
ALA CA   C  N S 2   
ALA C    C  N N 3   
ALA O    O  N N 4   
ALA CB   C  N N 5   
ALA OXT  O  N N 6   
ALA H    H  N N 7   
ALA H2   H  N N 8   
ALA HA   H  N N 9   
ALA HB1  H  N N 10  
ALA HB2  H  N N 11  
ALA HB3  H  N N 12  
ALA HXT  H  N N 13  
ARG N    N  N N 14  
ARG CA   C  N S 15  
ARG C    C  N N 16  
ARG O    O  N N 17  
ARG CB   C  N N 18  
ARG CG   C  N N 19  
ARG CD   C  N N 20  
ARG NE   N  N N 21  
ARG CZ   C  N N 22  
ARG NH1  N  N N 23  
ARG NH2  N  N N 24  
ARG OXT  O  N N 25  
ARG H    H  N N 26  
ARG H2   H  N N 27  
ARG HA   H  N N 28  
ARG HB2  H  N N 29  
ARG HB3  H  N N 30  
ARG HG2  H  N N 31  
ARG HG3  H  N N 32  
ARG HD2  H  N N 33  
ARG HD3  H  N N 34  
ARG HE   H  N N 35  
ARG HH11 H  N N 36  
ARG HH12 H  N N 37  
ARG HH21 H  N N 38  
ARG HH22 H  N N 39  
ARG HXT  H  N N 40  
ASN N    N  N N 41  
ASN CA   C  N S 42  
ASN C    C  N N 43  
ASN O    O  N N 44  
ASN CB   C  N N 45  
ASN CG   C  N N 46  
ASN OD1  O  N N 47  
ASN ND2  N  N N 48  
ASN OXT  O  N N 49  
ASN H    H  N N 50  
ASN H2   H  N N 51  
ASN HA   H  N N 52  
ASN HB2  H  N N 53  
ASN HB3  H  N N 54  
ASN HD21 H  N N 55  
ASN HD22 H  N N 56  
ASN HXT  H  N N 57  
ASP N    N  N N 58  
ASP CA   C  N S 59  
ASP C    C  N N 60  
ASP O    O  N N 61  
ASP CB   C  N N 62  
ASP CG   C  N N 63  
ASP OD1  O  N N 64  
ASP OD2  O  N N 65  
ASP OXT  O  N N 66  
ASP H    H  N N 67  
ASP H2   H  N N 68  
ASP HA   H  N N 69  
ASP HB2  H  N N 70  
ASP HB3  H  N N 71  
ASP HD2  H  N N 72  
ASP HXT  H  N N 73  
CYS N    N  N N 74  
CYS CA   C  N R 75  
CYS C    C  N N 76  
CYS O    O  N N 77  
CYS CB   C  N N 78  
CYS SG   S  N N 79  
CYS OXT  O  N N 80  
CYS H    H  N N 81  
CYS H2   H  N N 82  
CYS HA   H  N N 83  
CYS HB2  H  N N 84  
CYS HB3  H  N N 85  
CYS HG   H  N N 86  
CYS HXT  H  N N 87  
GLN N    N  N N 88  
GLN CA   C  N S 89  
GLN C    C  N N 90  
GLN O    O  N N 91  
GLN CB   C  N N 92  
GLN CG   C  N N 93  
GLN CD   C  N N 94  
GLN OE1  O  N N 95  
GLN NE2  N  N N 96  
GLN OXT  O  N N 97  
GLN H    H  N N 98  
GLN H2   H  N N 99  
GLN HA   H  N N 100 
GLN HB2  H  N N 101 
GLN HB3  H  N N 102 
GLN HG2  H  N N 103 
GLN HG3  H  N N 104 
GLN HE21 H  N N 105 
GLN HE22 H  N N 106 
GLN HXT  H  N N 107 
GLU N    N  N N 108 
GLU CA   C  N S 109 
GLU C    C  N N 110 
GLU O    O  N N 111 
GLU CB   C  N N 112 
GLU CG   C  N N 113 
GLU CD   C  N N 114 
GLU OE1  O  N N 115 
GLU OE2  O  N N 116 
GLU OXT  O  N N 117 
GLU H    H  N N 118 
GLU H2   H  N N 119 
GLU HA   H  N N 120 
GLU HB2  H  N N 121 
GLU HB3  H  N N 122 
GLU HG2  H  N N 123 
GLU HG3  H  N N 124 
GLU HE2  H  N N 125 
GLU HXT  H  N N 126 
GLY N    N  N N 127 
GLY CA   C  N N 128 
GLY C    C  N N 129 
GLY O    O  N N 130 
GLY OXT  O  N N 131 
GLY H    H  N N 132 
GLY H2   H  N N 133 
GLY HA2  H  N N 134 
GLY HA3  H  N N 135 
GLY HXT  H  N N 136 
HIS N    N  N N 137 
HIS CA   C  N S 138 
HIS C    C  N N 139 
HIS O    O  N N 140 
HIS CB   C  N N 141 
HIS CG   C  Y N 142 
HIS ND1  N  Y N 143 
HIS CD2  C  Y N 144 
HIS CE1  C  Y N 145 
HIS NE2  N  Y N 146 
HIS OXT  O  N N 147 
HIS H    H  N N 148 
HIS H2   H  N N 149 
HIS HA   H  N N 150 
HIS HB2  H  N N 151 
HIS HB3  H  N N 152 
HIS HD1  H  N N 153 
HIS HD2  H  N N 154 
HIS HE1  H  N N 155 
HIS HE2  H  N N 156 
HIS HXT  H  N N 157 
HOH O    O  N N 158 
HOH H1   H  N N 159 
HOH H2   H  N N 160 
ILE N    N  N N 161 
ILE CA   C  N S 162 
ILE C    C  N N 163 
ILE O    O  N N 164 
ILE CB   C  N S 165 
ILE CG1  C  N N 166 
ILE CG2  C  N N 167 
ILE CD1  C  N N 168 
ILE OXT  O  N N 169 
ILE H    H  N N 170 
ILE H2   H  N N 171 
ILE HA   H  N N 172 
ILE HB   H  N N 173 
ILE HG12 H  N N 174 
ILE HG13 H  N N 175 
ILE HG21 H  N N 176 
ILE HG22 H  N N 177 
ILE HG23 H  N N 178 
ILE HD11 H  N N 179 
ILE HD12 H  N N 180 
ILE HD13 H  N N 181 
ILE HXT  H  N N 182 
LEU N    N  N N 183 
LEU CA   C  N S 184 
LEU C    C  N N 185 
LEU O    O  N N 186 
LEU CB   C  N N 187 
LEU CG   C  N N 188 
LEU CD1  C  N N 189 
LEU CD2  C  N N 190 
LEU OXT  O  N N 191 
LEU H    H  N N 192 
LEU H2   H  N N 193 
LEU HA   H  N N 194 
LEU HB2  H  N N 195 
LEU HB3  H  N N 196 
LEU HG   H  N N 197 
LEU HD11 H  N N 198 
LEU HD12 H  N N 199 
LEU HD13 H  N N 200 
LEU HD21 H  N N 201 
LEU HD22 H  N N 202 
LEU HD23 H  N N 203 
LEU HXT  H  N N 204 
LYS N    N  N N 205 
LYS CA   C  N S 206 
LYS C    C  N N 207 
LYS O    O  N N 208 
LYS CB   C  N N 209 
LYS CG   C  N N 210 
LYS CD   C  N N 211 
LYS CE   C  N N 212 
LYS NZ   N  N N 213 
LYS OXT  O  N N 214 
LYS H    H  N N 215 
LYS H2   H  N N 216 
LYS HA   H  N N 217 
LYS HB2  H  N N 218 
LYS HB3  H  N N 219 
LYS HG2  H  N N 220 
LYS HG3  H  N N 221 
LYS HD2  H  N N 222 
LYS HD3  H  N N 223 
LYS HE2  H  N N 224 
LYS HE3  H  N N 225 
LYS HZ1  H  N N 226 
LYS HZ2  H  N N 227 
LYS HZ3  H  N N 228 
LYS HXT  H  N N 229 
MSE N    N  N N 230 
MSE CA   C  N S 231 
MSE C    C  N N 232 
MSE O    O  N N 233 
MSE OXT  O  N N 234 
MSE CB   C  N N 235 
MSE CG   C  N N 236 
MSE SE   SE N N 237 
MSE CE   C  N N 238 
MSE H    H  N N 239 
MSE H2   H  N N 240 
MSE HA   H  N N 241 
MSE HXT  H  N N 242 
MSE HB2  H  N N 243 
MSE HB3  H  N N 244 
MSE HG2  H  N N 245 
MSE HG3  H  N N 246 
MSE HE1  H  N N 247 
MSE HE2  H  N N 248 
MSE HE3  H  N N 249 
PHE N    N  N N 250 
PHE CA   C  N S 251 
PHE C    C  N N 252 
PHE O    O  N N 253 
PHE CB   C  N N 254 
PHE CG   C  Y N 255 
PHE CD1  C  Y N 256 
PHE CD2  C  Y N 257 
PHE CE1  C  Y N 258 
PHE CE2  C  Y N 259 
PHE CZ   C  Y N 260 
PHE OXT  O  N N 261 
PHE H    H  N N 262 
PHE H2   H  N N 263 
PHE HA   H  N N 264 
PHE HB2  H  N N 265 
PHE HB3  H  N N 266 
PHE HD1  H  N N 267 
PHE HD2  H  N N 268 
PHE HE1  H  N N 269 
PHE HE2  H  N N 270 
PHE HZ   H  N N 271 
PHE HXT  H  N N 272 
PRO N    N  N N 273 
PRO CA   C  N S 274 
PRO C    C  N N 275 
PRO O    O  N N 276 
PRO CB   C  N N 277 
PRO CG   C  N N 278 
PRO CD   C  N N 279 
PRO OXT  O  N N 280 
PRO H    H  N N 281 
PRO HA   H  N N 282 
PRO HB2  H  N N 283 
PRO HB3  H  N N 284 
PRO HG2  H  N N 285 
PRO HG3  H  N N 286 
PRO HD2  H  N N 287 
PRO HD3  H  N N 288 
PRO HXT  H  N N 289 
SER N    N  N N 290 
SER CA   C  N S 291 
SER C    C  N N 292 
SER O    O  N N 293 
SER CB   C  N N 294 
SER OG   O  N N 295 
SER OXT  O  N N 296 
SER H    H  N N 297 
SER H2   H  N N 298 
SER HA   H  N N 299 
SER HB2  H  N N 300 
SER HB3  H  N N 301 
SER HG   H  N N 302 
SER HXT  H  N N 303 
THR N    N  N N 304 
THR CA   C  N S 305 
THR C    C  N N 306 
THR O    O  N N 307 
THR CB   C  N R 308 
THR OG1  O  N N 309 
THR CG2  C  N N 310 
THR OXT  O  N N 311 
THR H    H  N N 312 
THR H2   H  N N 313 
THR HA   H  N N 314 
THR HB   H  N N 315 
THR HG1  H  N N 316 
THR HG21 H  N N 317 
THR HG22 H  N N 318 
THR HG23 H  N N 319 
THR HXT  H  N N 320 
TRP N    N  N N 321 
TRP CA   C  N S 322 
TRP C    C  N N 323 
TRP O    O  N N 324 
TRP CB   C  N N 325 
TRP CG   C  Y N 326 
TRP CD1  C  Y N 327 
TRP CD2  C  Y N 328 
TRP NE1  N  Y N 329 
TRP CE2  C  Y N 330 
TRP CE3  C  Y N 331 
TRP CZ2  C  Y N 332 
TRP CZ3  C  Y N 333 
TRP CH2  C  Y N 334 
TRP OXT  O  N N 335 
TRP H    H  N N 336 
TRP H2   H  N N 337 
TRP HA   H  N N 338 
TRP HB2  H  N N 339 
TRP HB3  H  N N 340 
TRP HD1  H  N N 341 
TRP HE1  H  N N 342 
TRP HE3  H  N N 343 
TRP HZ2  H  N N 344 
TRP HZ3  H  N N 345 
TRP HH2  H  N N 346 
TRP HXT  H  N N 347 
TYR N    N  N N 348 
TYR CA   C  N S 349 
TYR C    C  N N 350 
TYR O    O  N N 351 
TYR CB   C  N N 352 
TYR CG   C  Y N 353 
TYR CD1  C  Y N 354 
TYR CD2  C  Y N 355 
TYR CE1  C  Y N 356 
TYR CE2  C  Y N 357 
TYR CZ   C  Y N 358 
TYR OH   O  N N 359 
TYR OXT  O  N N 360 
TYR H    H  N N 361 
TYR H2   H  N N 362 
TYR HA   H  N N 363 
TYR HB2  H  N N 364 
TYR HB3  H  N N 365 
TYR HD1  H  N N 366 
TYR HD2  H  N N 367 
TYR HE1  H  N N 368 
TYR HE2  H  N N 369 
TYR HH   H  N N 370 
TYR HXT  H  N N 371 
VAL N    N  N N 372 
VAL CA   C  N S 373 
VAL C    C  N N 374 
VAL O    O  N N 375 
VAL CB   C  N N 376 
VAL CG1  C  N N 377 
VAL CG2  C  N N 378 
VAL OXT  O  N N 379 
VAL H    H  N N 380 
VAL H2   H  N N 381 
VAL HA   H  N N 382 
VAL HB   H  N N 383 
VAL HG11 H  N N 384 
VAL HG12 H  N N 385 
VAL HG13 H  N N 386 
VAL HG21 H  N N 387 
VAL HG22 H  N N 388 
VAL HG23 H  N N 389 
VAL HXT  H  N N 390 
# 
loop_
_chem_comp_bond.comp_id 
_chem_comp_bond.atom_id_1 
_chem_comp_bond.atom_id_2 
_chem_comp_bond.value_order 
_chem_comp_bond.pdbx_aromatic_flag 
_chem_comp_bond.pdbx_stereo_config 
_chem_comp_bond.pdbx_ordinal 
ALA N   CA   sing N N 1   
ALA N   H    sing N N 2   
ALA N   H2   sing N N 3   
ALA CA  C    sing N N 4   
ALA CA  CB   sing N N 5   
ALA CA  HA   sing N N 6   
ALA C   O    doub N N 7   
ALA C   OXT  sing N N 8   
ALA CB  HB1  sing N N 9   
ALA CB  HB2  sing N N 10  
ALA CB  HB3  sing N N 11  
ALA OXT HXT  sing N N 12  
ARG N   CA   sing N N 13  
ARG N   H    sing N N 14  
ARG N   H2   sing N N 15  
ARG CA  C    sing N N 16  
ARG CA  CB   sing N N 17  
ARG CA  HA   sing N N 18  
ARG C   O    doub N N 19  
ARG C   OXT  sing N N 20  
ARG CB  CG   sing N N 21  
ARG CB  HB2  sing N N 22  
ARG CB  HB3  sing N N 23  
ARG CG  CD   sing N N 24  
ARG CG  HG2  sing N N 25  
ARG CG  HG3  sing N N 26  
ARG CD  NE   sing N N 27  
ARG CD  HD2  sing N N 28  
ARG CD  HD3  sing N N 29  
ARG NE  CZ   sing N N 30  
ARG NE  HE   sing N N 31  
ARG CZ  NH1  sing N N 32  
ARG CZ  NH2  doub N N 33  
ARG NH1 HH11 sing N N 34  
ARG NH1 HH12 sing N N 35  
ARG NH2 HH21 sing N N 36  
ARG NH2 HH22 sing N N 37  
ARG OXT HXT  sing N N 38  
ASN N   CA   sing N N 39  
ASN N   H    sing N N 40  
ASN N   H2   sing N N 41  
ASN CA  C    sing N N 42  
ASN CA  CB   sing N N 43  
ASN CA  HA   sing N N 44  
ASN C   O    doub N N 45  
ASN C   OXT  sing N N 46  
ASN CB  CG   sing N N 47  
ASN CB  HB2  sing N N 48  
ASN CB  HB3  sing N N 49  
ASN CG  OD1  doub N N 50  
ASN CG  ND2  sing N N 51  
ASN ND2 HD21 sing N N 52  
ASN ND2 HD22 sing N N 53  
ASN OXT HXT  sing N N 54  
ASP N   CA   sing N N 55  
ASP N   H    sing N N 56  
ASP N   H2   sing N N 57  
ASP CA  C    sing N N 58  
ASP CA  CB   sing N N 59  
ASP CA  HA   sing N N 60  
ASP C   O    doub N N 61  
ASP C   OXT  sing N N 62  
ASP CB  CG   sing N N 63  
ASP CB  HB2  sing N N 64  
ASP CB  HB3  sing N N 65  
ASP CG  OD1  doub N N 66  
ASP CG  OD2  sing N N 67  
ASP OD2 HD2  sing N N 68  
ASP OXT HXT  sing N N 69  
CYS N   CA   sing N N 70  
CYS N   H    sing N N 71  
CYS N   H2   sing N N 72  
CYS CA  C    sing N N 73  
CYS CA  CB   sing N N 74  
CYS CA  HA   sing N N 75  
CYS C   O    doub N N 76  
CYS C   OXT  sing N N 77  
CYS CB  SG   sing N N 78  
CYS CB  HB2  sing N N 79  
CYS CB  HB3  sing N N 80  
CYS SG  HG   sing N N 81  
CYS OXT HXT  sing N N 82  
GLN N   CA   sing N N 83  
GLN N   H    sing N N 84  
GLN N   H2   sing N N 85  
GLN CA  C    sing N N 86  
GLN CA  CB   sing N N 87  
GLN CA  HA   sing N N 88  
GLN C   O    doub N N 89  
GLN C   OXT  sing N N 90  
GLN CB  CG   sing N N 91  
GLN CB  HB2  sing N N 92  
GLN CB  HB3  sing N N 93  
GLN CG  CD   sing N N 94  
GLN CG  HG2  sing N N 95  
GLN CG  HG3  sing N N 96  
GLN CD  OE1  doub N N 97  
GLN CD  NE2  sing N N 98  
GLN NE2 HE21 sing N N 99  
GLN NE2 HE22 sing N N 100 
GLN OXT HXT  sing N N 101 
GLU N   CA   sing N N 102 
GLU N   H    sing N N 103 
GLU N   H2   sing N N 104 
GLU CA  C    sing N N 105 
GLU CA  CB   sing N N 106 
GLU CA  HA   sing N N 107 
GLU C   O    doub N N 108 
GLU C   OXT  sing N N 109 
GLU CB  CG   sing N N 110 
GLU CB  HB2  sing N N 111 
GLU CB  HB3  sing N N 112 
GLU CG  CD   sing N N 113 
GLU CG  HG2  sing N N 114 
GLU CG  HG3  sing N N 115 
GLU CD  OE1  doub N N 116 
GLU CD  OE2  sing N N 117 
GLU OE2 HE2  sing N N 118 
GLU OXT HXT  sing N N 119 
GLY N   CA   sing N N 120 
GLY N   H    sing N N 121 
GLY N   H2   sing N N 122 
GLY CA  C    sing N N 123 
GLY CA  HA2  sing N N 124 
GLY CA  HA3  sing N N 125 
GLY C   O    doub N N 126 
GLY C   OXT  sing N N 127 
GLY OXT HXT  sing N N 128 
HIS N   CA   sing N N 129 
HIS N   H    sing N N 130 
HIS N   H2   sing N N 131 
HIS CA  C    sing N N 132 
HIS CA  CB   sing N N 133 
HIS CA  HA   sing N N 134 
HIS C   O    doub N N 135 
HIS C   OXT  sing N N 136 
HIS CB  CG   sing N N 137 
HIS CB  HB2  sing N N 138 
HIS CB  HB3  sing N N 139 
HIS CG  ND1  sing Y N 140 
HIS CG  CD2  doub Y N 141 
HIS ND1 CE1  doub Y N 142 
HIS ND1 HD1  sing N N 143 
HIS CD2 NE2  sing Y N 144 
HIS CD2 HD2  sing N N 145 
HIS CE1 NE2  sing Y N 146 
HIS CE1 HE1  sing N N 147 
HIS NE2 HE2  sing N N 148 
HIS OXT HXT  sing N N 149 
HOH O   H1   sing N N 150 
HOH O   H2   sing N N 151 
ILE N   CA   sing N N 152 
ILE N   H    sing N N 153 
ILE N   H2   sing N N 154 
ILE CA  C    sing N N 155 
ILE CA  CB   sing N N 156 
ILE CA  HA   sing N N 157 
ILE C   O    doub N N 158 
ILE C   OXT  sing N N 159 
ILE CB  CG1  sing N N 160 
ILE CB  CG2  sing N N 161 
ILE CB  HB   sing N N 162 
ILE CG1 CD1  sing N N 163 
ILE CG1 HG12 sing N N 164 
ILE CG1 HG13 sing N N 165 
ILE CG2 HG21 sing N N 166 
ILE CG2 HG22 sing N N 167 
ILE CG2 HG23 sing N N 168 
ILE CD1 HD11 sing N N 169 
ILE CD1 HD12 sing N N 170 
ILE CD1 HD13 sing N N 171 
ILE OXT HXT  sing N N 172 
LEU N   CA   sing N N 173 
LEU N   H    sing N N 174 
LEU N   H2   sing N N 175 
LEU CA  C    sing N N 176 
LEU CA  CB   sing N N 177 
LEU CA  HA   sing N N 178 
LEU C   O    doub N N 179 
LEU C   OXT  sing N N 180 
LEU CB  CG   sing N N 181 
LEU CB  HB2  sing N N 182 
LEU CB  HB3  sing N N 183 
LEU CG  CD1  sing N N 184 
LEU CG  CD2  sing N N 185 
LEU CG  HG   sing N N 186 
LEU CD1 HD11 sing N N 187 
LEU CD1 HD12 sing N N 188 
LEU CD1 HD13 sing N N 189 
LEU CD2 HD21 sing N N 190 
LEU CD2 HD22 sing N N 191 
LEU CD2 HD23 sing N N 192 
LEU OXT HXT  sing N N 193 
LYS N   CA   sing N N 194 
LYS N   H    sing N N 195 
LYS N   H2   sing N N 196 
LYS CA  C    sing N N 197 
LYS CA  CB   sing N N 198 
LYS CA  HA   sing N N 199 
LYS C   O    doub N N 200 
LYS C   OXT  sing N N 201 
LYS CB  CG   sing N N 202 
LYS CB  HB2  sing N N 203 
LYS CB  HB3  sing N N 204 
LYS CG  CD   sing N N 205 
LYS CG  HG2  sing N N 206 
LYS CG  HG3  sing N N 207 
LYS CD  CE   sing N N 208 
LYS CD  HD2  sing N N 209 
LYS CD  HD3  sing N N 210 
LYS CE  NZ   sing N N 211 
LYS CE  HE2  sing N N 212 
LYS CE  HE3  sing N N 213 
LYS NZ  HZ1  sing N N 214 
LYS NZ  HZ2  sing N N 215 
LYS NZ  HZ3  sing N N 216 
LYS OXT HXT  sing N N 217 
MSE N   CA   sing N N 218 
MSE N   H    sing N N 219 
MSE N   H2   sing N N 220 
MSE CA  C    sing N N 221 
MSE CA  CB   sing N N 222 
MSE CA  HA   sing N N 223 
MSE C   O    doub N N 224 
MSE C   OXT  sing N N 225 
MSE OXT HXT  sing N N 226 
MSE CB  CG   sing N N 227 
MSE CB  HB2  sing N N 228 
MSE CB  HB3  sing N N 229 
MSE CG  SE   sing N N 230 
MSE CG  HG2  sing N N 231 
MSE CG  HG3  sing N N 232 
MSE SE  CE   sing N N 233 
MSE CE  HE1  sing N N 234 
MSE CE  HE2  sing N N 235 
MSE CE  HE3  sing N N 236 
PHE N   CA   sing N N 237 
PHE N   H    sing N N 238 
PHE N   H2   sing N N 239 
PHE CA  C    sing N N 240 
PHE CA  CB   sing N N 241 
PHE CA  HA   sing N N 242 
PHE C   O    doub N N 243 
PHE C   OXT  sing N N 244 
PHE CB  CG   sing N N 245 
PHE CB  HB2  sing N N 246 
PHE CB  HB3  sing N N 247 
PHE CG  CD1  doub Y N 248 
PHE CG  CD2  sing Y N 249 
PHE CD1 CE1  sing Y N 250 
PHE CD1 HD1  sing N N 251 
PHE CD2 CE2  doub Y N 252 
PHE CD2 HD2  sing N N 253 
PHE CE1 CZ   doub Y N 254 
PHE CE1 HE1  sing N N 255 
PHE CE2 CZ   sing Y N 256 
PHE CE2 HE2  sing N N 257 
PHE CZ  HZ   sing N N 258 
PHE OXT HXT  sing N N 259 
PRO N   CA   sing N N 260 
PRO N   CD   sing N N 261 
PRO N   H    sing N N 262 
PRO CA  C    sing N N 263 
PRO CA  CB   sing N N 264 
PRO CA  HA   sing N N 265 
PRO C   O    doub N N 266 
PRO C   OXT  sing N N 267 
PRO CB  CG   sing N N 268 
PRO CB  HB2  sing N N 269 
PRO CB  HB3  sing N N 270 
PRO CG  CD   sing N N 271 
PRO CG  HG2  sing N N 272 
PRO CG  HG3  sing N N 273 
PRO CD  HD2  sing N N 274 
PRO CD  HD3  sing N N 275 
PRO OXT HXT  sing N N 276 
SER N   CA   sing N N 277 
SER N   H    sing N N 278 
SER N   H2   sing N N 279 
SER CA  C    sing N N 280 
SER CA  CB   sing N N 281 
SER CA  HA   sing N N 282 
SER C   O    doub N N 283 
SER C   OXT  sing N N 284 
SER CB  OG   sing N N 285 
SER CB  HB2  sing N N 286 
SER CB  HB3  sing N N 287 
SER OG  HG   sing N N 288 
SER OXT HXT  sing N N 289 
THR N   CA   sing N N 290 
THR N   H    sing N N 291 
THR N   H2   sing N N 292 
THR CA  C    sing N N 293 
THR CA  CB   sing N N 294 
THR CA  HA   sing N N 295 
THR C   O    doub N N 296 
THR C   OXT  sing N N 297 
THR CB  OG1  sing N N 298 
THR CB  CG2  sing N N 299 
THR CB  HB   sing N N 300 
THR OG1 HG1  sing N N 301 
THR CG2 HG21 sing N N 302 
THR CG2 HG22 sing N N 303 
THR CG2 HG23 sing N N 304 
THR OXT HXT  sing N N 305 
TRP N   CA   sing N N 306 
TRP N   H    sing N N 307 
TRP N   H2   sing N N 308 
TRP CA  C    sing N N 309 
TRP CA  CB   sing N N 310 
TRP CA  HA   sing N N 311 
TRP C   O    doub N N 312 
TRP C   OXT  sing N N 313 
TRP CB  CG   sing N N 314 
TRP CB  HB2  sing N N 315 
TRP CB  HB3  sing N N 316 
TRP CG  CD1  doub Y N 317 
TRP CG  CD2  sing Y N 318 
TRP CD1 NE1  sing Y N 319 
TRP CD1 HD1  sing N N 320 
TRP CD2 CE2  doub Y N 321 
TRP CD2 CE3  sing Y N 322 
TRP NE1 CE2  sing Y N 323 
TRP NE1 HE1  sing N N 324 
TRP CE2 CZ2  sing Y N 325 
TRP CE3 CZ3  doub Y N 326 
TRP CE3 HE3  sing N N 327 
TRP CZ2 CH2  doub Y N 328 
TRP CZ2 HZ2  sing N N 329 
TRP CZ3 CH2  sing Y N 330 
TRP CZ3 HZ3  sing N N 331 
TRP CH2 HH2  sing N N 332 
TRP OXT HXT  sing N N 333 
TYR N   CA   sing N N 334 
TYR N   H    sing N N 335 
TYR N   H2   sing N N 336 
TYR CA  C    sing N N 337 
TYR CA  CB   sing N N 338 
TYR CA  HA   sing N N 339 
TYR C   O    doub N N 340 
TYR C   OXT  sing N N 341 
TYR CB  CG   sing N N 342 
TYR CB  HB2  sing N N 343 
TYR CB  HB3  sing N N 344 
TYR CG  CD1  doub Y N 345 
TYR CG  CD2  sing Y N 346 
TYR CD1 CE1  sing Y N 347 
TYR CD1 HD1  sing N N 348 
TYR CD2 CE2  doub Y N 349 
TYR CD2 HD2  sing N N 350 
TYR CE1 CZ   doub Y N 351 
TYR CE1 HE1  sing N N 352 
TYR CE2 CZ   sing Y N 353 
TYR CE2 HE2  sing N N 354 
TYR CZ  OH   sing N N 355 
TYR OH  HH   sing N N 356 
TYR OXT HXT  sing N N 357 
VAL N   CA   sing N N 358 
VAL N   H    sing N N 359 
VAL N   H2   sing N N 360 
VAL CA  C    sing N N 361 
VAL CA  CB   sing N N 362 
VAL CA  HA   sing N N 363 
VAL C   O    doub N N 364 
VAL C   OXT  sing N N 365 
VAL CB  CG1  sing N N 366 
VAL CB  CG2  sing N N 367 
VAL CB  HB   sing N N 368 
VAL CG1 HG11 sing N N 369 
VAL CG1 HG12 sing N N 370 
VAL CG1 HG13 sing N N 371 
VAL CG2 HG21 sing N N 372 
VAL CG2 HG22 sing N N 373 
VAL CG2 HG23 sing N N 374 
VAL OXT HXT  sing N N 375 
# 
_atom_sites.entry_id                    3BJA 
_atom_sites.fract_transf_matrix[1][1]   0.00948223 
_atom_sites.fract_transf_matrix[1][2]   0.00575179 
_atom_sites.fract_transf_matrix[1][3]   -0.00857862 
_atom_sites.fract_transf_matrix[2][1]   0.01009823 
_atom_sites.fract_transf_matrix[2][2]   -0.00271801 
_atom_sites.fract_transf_matrix[2][3]   0.00933952 
_atom_sites.fract_transf_matrix[3][1]   0.00235314 
_atom_sites.fract_transf_matrix[3][2]   -0.01355962 
_atom_sites.fract_transf_matrix[3][3]   -0.00649045 
_atom_sites.fract_transf_vector[1]      0.353721 
_atom_sites.fract_transf_vector[2]      0.185139 
_atom_sites.fract_transf_vector[3]      -0.075708 
# 
loop_
_atom_type.symbol 
C  
N  
O  
S  
SE 
# 
loop_
_atom_site.group_PDB 
_atom_site.id 
_atom_site.type_symbol 
_atom_site.label_atom_id 
_atom_site.label_alt_id 
_atom_site.label_comp_id 
_atom_site.label_asym_id 
_atom_site.label_entity_id 
_atom_site.label_seq_id 
_atom_site.pdbx_PDB_ins_code 
_atom_site.Cartn_x 
_atom_site.Cartn_y 
_atom_site.Cartn_z 
_atom_site.occupancy 
_atom_site.B_iso_or_equiv 
_atom_site.pdbx_formal_charge 
_atom_site.auth_seq_id 
_atom_site.auth_comp_id 
_atom_site.auth_asym_id 
_atom_site.auth_atom_id 
_atom_site.pdbx_PDB_model_num 
ATOM   1    N  N   . GLY A 1 1   ? -12.784 -20.346 19.432  1.00 101.89 ? 0   GLY A N   1 
ATOM   2    C  CA  . GLY A 1 1   ? -12.557 -21.801 19.182  1.00 100.68 ? 0   GLY A CA  1 
ATOM   3    C  C   . GLY A 1 1   ? -12.118 -22.027 17.751  1.00 99.17  ? 0   GLY A C   1 
ATOM   4    O  O   . GLY A 1 1   ? -11.463 -21.160 17.171  1.00 100.17 ? 0   GLY A O   1 
HETATM 5    N  N   . MSE A 1 2   ? -12.486 -23.180 17.185  1.00 97.82  ? 1   MSE A N   1 
HETATM 6    C  CA  . MSE A 1 2   ? -12.146 -23.541 15.785  1.00 94.85  ? 1   MSE A CA  1 
HETATM 7    C  C   . MSE A 1 2   ? -12.842 -22.632 14.764  1.00 92.28  ? 1   MSE A C   1 
HETATM 8    O  O   . MSE A 1 2   ? -12.304 -22.409 13.702  1.00 91.89  ? 1   MSE A O   1 
HETATM 9    C  CB  . MSE A 1 2   ? -12.461 -25.030 15.503  1.00 98.34  ? 1   MSE A CB  1 
HETATM 10   C  CG  . MSE A 1 2   ? -11.864 -25.642 14.206  1.00 100.19 ? 1   MSE A CG  1 
HETATM 11   SE SE  . MSE A 1 2   ? -9.895  -25.532 14.032  0.75 113.87 ? 1   MSE A SE  1 
HETATM 12   C  CE  . MSE A 1 2   ? -9.342  -26.068 15.809  1.00 107.40 ? 1   MSE A CE  1 
ATOM   13   N  N   . ASN A 1 3   ? -14.045 -22.146 15.089  1.00 90.09  ? 2   ASN A N   1 
ATOM   14   C  CA  . ASN A 1 3   ? -14.778 -21.140 14.274  1.00 87.50  ? 2   ASN A CA  1 
ATOM   15   C  C   . ASN A 1 3   ? -14.033 -19.792 14.170  1.00 84.17  ? 2   ASN A C   1 
ATOM   16   O  O   . ASN A 1 3   ? -13.978 -19.199 13.088  1.00 83.50  ? 2   ASN A O   1 
ATOM   17   C  CB  . ASN A 1 3   ? -16.220 -20.897 14.808  1.00 88.10  ? 2   ASN A CB  1 
ATOM   18   C  CG  . ASN A 1 3   ? -16.274 -20.499 16.336  1.00 93.96  ? 2   ASN A CG  1 
ATOM   19   O  OD1 . ASN A 1 3   ? -15.379 -20.841 17.130  1.00 94.53  ? 2   ASN A OD1 1 
ATOM   20   N  ND2 . ASN A 1 3   ? -17.345 -19.807 16.730  1.00 94.37  ? 2   ASN A ND2 1 
ATOM   21   N  N   . ASN A 1 4   ? -13.474 -19.329 15.293  1.00 80.59  ? 3   ASN A N   1 
ATOM   22   C  CA  . ASN A 1 4   ? -12.704 -18.073 15.380  1.00 80.28  ? 3   ASN A CA  1 
ATOM   23   C  C   . ASN A 1 4   ? -11.379 -18.210 14.651  1.00 77.31  ? 3   ASN A C   1 
ATOM   24   O  O   . ASN A 1 4   ? -10.960 -17.328 13.920  1.00 77.29  ? 3   ASN A O   1 
ATOM   25   C  CB  . ASN A 1 4   ? -12.395 -17.713 16.835  1.00 79.82  ? 3   ASN A CB  1 
ATOM   26   C  CG  . ASN A 1 4   ? -13.637 -17.446 17.672  1.00 80.82  ? 3   ASN A CG  1 
ATOM   27   O  OD1 . ASN A 1 4   ? -14.732 -17.268 17.157  1.00 91.63  ? 3   ASN A OD1 1 
ATOM   28   N  ND2 . ASN A 1 4   ? -13.455 -17.395 18.970  1.00 78.06  ? 3   ASN A ND2 1 
ATOM   29   N  N   . ARG A 1 5   ? -10.744 -19.349 14.858  1.00 75.88  ? 4   ARG A N   1 
ATOM   30   C  CA  . ARG A 1 5   ? -9.484  -19.691 14.231  1.00 75.13  ? 4   ARG A CA  1 
ATOM   31   C  C   . ARG A 1 5   ? -9.642  -19.834 12.715  1.00 73.95  ? 4   ARG A C   1 
ATOM   32   O  O   . ARG A 1 5   ? -8.817  -19.309 11.962  1.00 74.53  ? 4   ARG A O   1 
ATOM   33   C  CB  . ARG A 1 5   ? -8.964  -20.962 14.889  1.00 76.22  ? 4   ARG A CB  1 
ATOM   34   C  CG  . ARG A 1 5   ? -7.584  -21.388 14.519  1.00 77.69  ? 4   ARG A CG  1 
ATOM   35   C  CD  . ARG A 1 5   ? -7.212  -22.592 15.336  1.00 75.46  ? 4   ARG A CD  1 
ATOM   36   N  NE  . ARG A 1 5   ? -6.863  -22.275 16.720  1.00 77.96  ? 4   ARG A NE  1 
ATOM   37   C  CZ  . ARG A 1 5   ? -5.629  -22.189 17.230  1.00 73.72  ? 4   ARG A CZ  1 
ATOM   38   N  NH1 . ARG A 1 5   ? -4.528  -22.383 16.488  1.00 72.27  ? 4   ARG A NH1 1 
ATOM   39   N  NH2 . ARG A 1 5   ? -5.493  -21.918 18.531  1.00 70.16  ? 4   ARG A NH2 1 
ATOM   40   N  N   . GLU A 1 6   ? -10.702 -20.515 12.272  1.00 73.98  ? 5   GLU A N   1 
ATOM   41   C  CA  . GLU A 1 6   ? -11.029 -20.646 10.822  1.00 75.17  ? 5   GLU A CA  1 
ATOM   42   C  C   . GLU A 1 6   ? -11.301 -19.290 10.137  1.00 74.79  ? 5   GLU A C   1 
ATOM   43   O  O   . GLU A 1 6   ? -11.015 -19.124 8.956   1.00 76.17  ? 5   GLU A O   1 
ATOM   44   C  CB  . GLU A 1 6   ? -12.239 -21.562 10.605  1.00 76.44  ? 5   GLU A CB  1 
ATOM   45   C  CG  . GLU A 1 6   ? -11.984 -23.087 10.816  1.00 86.82  ? 5   GLU A CG  1 
ATOM   46   C  CD  . GLU A 1 6   ? -11.601 -23.878 9.558   1.00 101.24 ? 5   GLU A CD  1 
ATOM   47   O  OE1 . GLU A 1 6   ? -11.551 -23.317 8.426   1.00 106.84 ? 5   GLU A OE1 1 
ATOM   48   O  OE2 . GLU A 1 6   ? -11.374 -25.100 9.720   1.00 102.97 ? 5   GLU A OE2 1 
ATOM   49   N  N   . LEU A 1 7   ? -11.884 -18.352 10.877  1.00 73.92  ? 6   LEU A N   1 
ATOM   50   C  CA  . LEU A 1 7   ? -12.182 -17.000 10.386  1.00 73.01  ? 6   LEU A CA  1 
ATOM   51   C  C   . LEU A 1 7   ? -10.902 -16.160 10.250  1.00 71.47  ? 6   LEU A C   1 
ATOM   52   O  O   . LEU A 1 7   ? -10.734 -15.458 9.257   1.00 71.09  ? 6   LEU A O   1 
ATOM   53   C  CB  . LEU A 1 7   ? -13.173 -16.312 11.329  1.00 72.26  ? 6   LEU A CB  1 
ATOM   54   C  CG  . LEU A 1 7   ? -13.671 -14.905 11.013  1.00 75.43  ? 6   LEU A CG  1 
ATOM   55   C  CD1 . LEU A 1 7   ? -14.382 -14.883 9.677   1.00 76.64  ? 6   LEU A CD1 1 
ATOM   56   C  CD2 . LEU A 1 7   ? -14.587 -14.419 12.156  1.00 74.58  ? 6   LEU A CD2 1 
ATOM   57   N  N   . TYR A 1 8   ? -10.019 -16.221 11.248  1.00 72.97  ? 7   TYR A N   1 
ATOM   58   C  CA  . TYR A 1 8   ? -8.723  -15.514 11.198  1.00 74.11  ? 7   TYR A CA  1 
ATOM   59   C  C   . TYR A 1 8   ? -7.956  -15.982 9.967   1.00 74.16  ? 7   TYR A C   1 
ATOM   60   O  O   . TYR A 1 8   ? -7.538  -15.156 9.151   1.00 75.03  ? 7   TYR A O   1 
ATOM   61   C  CB  . TYR A 1 8   ? -7.915  -15.758 12.460  1.00 76.77  ? 7   TYR A CB  1 
ATOM   62   C  CG  . TYR A 1 8   ? -6.561  -15.065 12.505  1.00 76.82  ? 7   TYR A CG  1 
ATOM   63   C  CD1 . TYR A 1 8   ? -6.469  -13.686 12.398  1.00 75.30  ? 7   TYR A CD1 1 
ATOM   64   C  CD2 . TYR A 1 8   ? -5.379  -15.792 12.720  1.00 78.32  ? 7   TYR A CD2 1 
ATOM   65   C  CE1 . TYR A 1 8   ? -5.236  -13.039 12.461  1.00 80.70  ? 7   TYR A CE1 1 
ATOM   66   C  CE2 . TYR A 1 8   ? -4.137  -15.151 12.802  1.00 82.05  ? 7   TYR A CE2 1 
ATOM   67   C  CZ  . TYR A 1 8   ? -4.074  -13.767 12.668  1.00 84.42  ? 7   TYR A CZ  1 
ATOM   68   O  OH  . TYR A 1 8   ? -2.857  -13.107 12.727  1.00 86.23  ? 7   TYR A OH  1 
ATOM   69   N  N   . GLY A 1 9   ? -7.868  -17.302 9.805   1.00 73.10  ? 8   GLY A N   1 
ATOM   70   C  CA  . GLY A 1 9   ? -7.242  -17.932 8.646   1.00 73.15  ? 8   GLY A CA  1 
ATOM   71   C  C   . GLY A 1 9   ? -7.822  -17.535 7.300   1.00 73.07  ? 8   GLY A C   1 
ATOM   72   O  O   . GLY A 1 9   ? -7.074  -17.299 6.362   1.00 74.68  ? 8   GLY A O   1 
ATOM   73   N  N   . ASN A 1 10  ? -9.140  -17.439 7.199   1.00 72.69  ? 9   ASN A N   1 
ATOM   74   C  CA  . ASN A 1 10  ? -9.763  -17.057 5.929   1.00 75.63  ? 9   ASN A CA  1 
ATOM   75   C  C   . ASN A 1 10  ? -9.473  -15.620 5.549   1.00 75.35  ? 9   ASN A C   1 
ATOM   76   O  O   . ASN A 1 10  ? -9.220  -15.355 4.370   1.00 73.25  ? 9   ASN A O   1 
ATOM   77   C  CB  . ASN A 1 10  ? -11.277 -17.315 5.909   1.00 76.45  ? 9   ASN A CB  1 
ATOM   78   C  CG  . ASN A 1 10  ? -11.621 -18.806 5.936   1.00 84.22  ? 9   ASN A CG  1 
ATOM   79   O  OD1 . ASN A 1 10  ? -10.856 -19.655 5.435   1.00 80.41  ? 9   ASN A OD1 1 
ATOM   80   N  ND2 . ASN A 1 10  ? -12.782 -19.134 6.534   1.00 82.88  ? 9   ASN A ND2 1 
ATOM   81   N  N   . ILE A 1 11  ? -9.491  -14.712 6.532   1.00 75.43  ? 10  ILE A N   1 
ATOM   82   C  CA  . ILE A 1 11  ? -9.207  -13.318 6.259   1.00 76.88  ? 10  ILE A CA  1 
ATOM   83   C  C   . ILE A 1 11  ? -7.731  -13.133 5.845   1.00 75.51  ? 10  ILE A C   1 
ATOM   84   O  O   . ILE A 1 11  ? -7.486  -12.381 4.894   1.00 74.36  ? 10  ILE A O   1 
ATOM   85   C  CB  . ILE A 1 11  ? -9.713  -12.328 7.353   1.00 75.11  ? 10  ILE A CB  1 
ATOM   86   C  CG1 . ILE A 1 11  ? -9.889  -10.941 6.719   1.00 81.44  ? 10  ILE A CG1 1 
ATOM   87   C  CG2 . ILE A 1 11  ? -8.817  -12.303 8.534   1.00 78.65  ? 10  ILE A CG2 1 
ATOM   88   C  CD1 . ILE A 1 11  ? -10.461 -9.913  7.607   1.00 81.16  ? 10  ILE A CD1 1 
ATOM   89   N  N   . ARG A 1 12  ? -6.786  -13.834 6.503   1.00 76.30  ? 11  ARG A N   1 
ATOM   90   C  CA  A ARG A 1 12  ? -5.374  -13.735 6.114   0.50 76.92  ? 11  ARG A CA  1 
ATOM   91   C  CA  B ARG A 1 12  ? -5.354  -13.787 6.134   0.50 76.58  ? 11  ARG A CA  1 
ATOM   92   C  C   . ARG A 1 12  ? -5.155  -14.277 4.702   1.00 77.16  ? 11  ARG A C   1 
ATOM   93   O  O   . ARG A 1 12  ? -4.470  -13.646 3.919   1.00 78.39  ? 11  ARG A O   1 
ATOM   94   C  CB  A ARG A 1 12  ? -4.423  -14.480 7.055   0.50 76.46  ? 11  ARG A CB  1 
ATOM   95   C  CB  B ARG A 1 12  ? -4.475  -14.733 6.969   0.50 76.21  ? 11  ARG A CB  1 
ATOM   96   C  CG  A ARG A 1 12  ? -4.428  -14.040 8.503   0.50 76.77  ? 11  ARG A CG  1 
ATOM   97   C  CG  B ARG A 1 12  ? -4.141  -14.437 8.425   0.50 76.77  ? 11  ARG A CG  1 
ATOM   98   C  CD  A ARG A 1 12  ? -3.071  -14.323 9.183   0.50 81.42  ? 11  ARG A CD  1 
ATOM   99   C  CD  B ARG A 1 12  ? -2.923  -15.354 8.859   0.50 77.99  ? 11  ARG A CD  1 
ATOM   100  N  NE  A ARG A 1 12  ? -2.207  -13.135 9.218   0.50 86.93  ? 11  ARG A NE  1 
ATOM   101  N  NE  B ARG A 1 12  ? -3.039  -16.697 8.251   0.50 79.20  ? 11  ARG A NE  1 
ATOM   102  C  CZ  A ARG A 1 12  ? -0.889  -13.131 9.448   0.50 88.54  ? 11  ARG A CZ  1 
ATOM   103  C  CZ  B ARG A 1 12  ? -3.494  -17.822 8.820   0.50 79.65  ? 11  ARG A CZ  1 
ATOM   104  N  NH1 A ARG A 1 12  ? -0.192  -14.263 9.629   0.50 89.07  ? 11  ARG A NH1 1 
ATOM   105  N  NH1 B ARG A 1 12  ? -3.827  -17.899 10.117  0.50 76.94  ? 11  ARG A NH1 1 
ATOM   106  N  NH2 A ARG A 1 12  ? -0.242  -11.961 9.474   0.50 88.65  ? 11  ARG A NH2 1 
ATOM   107  N  NH2 B ARG A 1 12  ? -3.582  -18.922 8.064   0.50 76.22  ? 11  ARG A NH2 1 
ATOM   108  N  N   . ASP A 1 13  ? -5.723  -15.456 4.407   1.00 76.57  ? 12  ASP A N   1 
ATOM   109  C  CA  . ASP A 1 13  ? -5.592  -16.102 3.098   1.00 75.83  ? 12  ASP A CA  1 
ATOM   110  C  C   . ASP A 1 13  ? -6.084  -15.204 1.972   1.00 77.25  ? 12  ASP A C   1 
ATOM   111  O  O   . ASP A 1 13  ? -5.389  -15.054 0.966   1.00 81.03  ? 12  ASP A O   1 
ATOM   112  C  CB  . ASP A 1 13  ? -6.301  -17.465 3.063   1.00 74.93  ? 12  ASP A CB  1 
ATOM   113  C  CG  . ASP A 1 13  ? -5.635  -18.519 3.960   1.00 76.44  ? 12  ASP A CG  1 
ATOM   114  O  OD1 . ASP A 1 13  ? -4.542  -18.283 4.548   1.00 78.58  ? 12  ASP A OD1 1 
ATOM   115  O  OD2 . ASP A 1 13  ? -6.218  -19.617 4.079   1.00 79.06  ? 12  ASP A OD2 1 
ATOM   116  N  N   . VAL A 1 14  ? -7.241  -14.574 2.146   1.00 75.50  ? 13  VAL A N   1 
ATOM   117  C  CA  . VAL A 1 14  ? -7.749  -13.654 1.127   1.00 76.60  ? 13  VAL A CA  1 
ATOM   118  C  C   . VAL A 1 14  ? -6.810  -12.437 0.948   1.00 78.11  ? 13  VAL A C   1 
ATOM   119  O  O   . VAL A 1 14  ? -6.532  -12.035 -0.186  1.00 78.65  ? 13  VAL A O   1 
ATOM   120  C  CB  . VAL A 1 14  ? -9.203  -13.208 1.410   1.00 76.38  ? 13  VAL A CB  1 
ATOM   121  C  CG1 . VAL A 1 14  ? -9.620  -12.071 0.465   1.00 66.28  ? 13  VAL A CG1 1 
ATOM   122  C  CG2 . VAL A 1 14  ? -10.134 -14.400 1.258   1.00 76.24  ? 13  VAL A CG2 1 
ATOM   123  N  N   . TYR A 1 15  ? -6.327  -11.883 2.061   1.00 79.18  ? 14  TYR A N   1 
ATOM   124  C  CA  . TYR A 1 15  ? -5.401  -10.751 2.028   1.00 79.92  ? 14  TYR A CA  1 
ATOM   125  C  C   . TYR A 1 15  ? -4.109  -11.123 1.309   1.00 77.38  ? 14  TYR A C   1 
ATOM   126  O  O   . TYR A 1 15  ? -3.649  -10.362 0.470   1.00 78.55  ? 14  TYR A O   1 
ATOM   127  C  CB  . TYR A 1 15  ? -5.125  -10.256 3.431   1.00 82.33  ? 14  TYR A CB  1 
ATOM   128  C  CG  . TYR A 1 15  ? -4.136  -9.113  3.559   1.00 88.71  ? 14  TYR A CG  1 
ATOM   129  C  CD1 . TYR A 1 15  ? -4.554  -7.772  3.515   1.00 92.56  ? 14  TYR A CD1 1 
ATOM   130  C  CD2 . TYR A 1 15  ? -2.779  -9.370  3.777   1.00 87.73  ? 14  TYR A CD2 1 
ATOM   131  C  CE1 . TYR A 1 15  ? -3.625  -6.712  3.672   1.00 91.97  ? 14  TYR A CE1 1 
ATOM   132  C  CE2 . TYR A 1 15  ? -1.852  -8.338  3.908   1.00 88.13  ? 14  TYR A CE2 1 
ATOM   133  C  CZ  . TYR A 1 15  ? -2.275  -7.017  3.882   1.00 93.18  ? 14  TYR A CZ  1 
ATOM   134  O  OH  . TYR A 1 15  ? -1.329  -6.035  4.058   1.00 97.43  ? 14  TYR A OH  1 
ATOM   135  N  N   . HIS A 1 16  ? -3.551  -12.289 1.617   1.00 76.37  ? 15  HIS A N   1 
ATOM   136  C  CA  . HIS A 1 16  ? -2.320  -12.747 0.971   1.00 76.10  ? 15  HIS A CA  1 
ATOM   137  C  C   . HIS A 1 16  ? -2.497  -13.009 -0.539  1.00 76.83  ? 15  HIS A C   1 
ATOM   138  O  O   . HIS A 1 16  ? -1.627  -12.636 -1.324  1.00 78.37  ? 15  HIS A O   1 
ATOM   139  C  CB  . HIS A 1 16  ? -1.697  -13.936 1.692   1.00 76.91  ? 15  HIS A CB  1 
ATOM   140  C  CG  . HIS A 1 16  ? -1.194  -13.611 3.068   1.00 81.63  ? 15  HIS A CG  1 
ATOM   141  N  ND1 . HIS A 1 16  ? -1.167  -14.536 4.091   1.00 88.52  ? 15  HIS A ND1 1 
ATOM   142  C  CD2 . HIS A 1 16  ? -0.730  -12.452 3.597   1.00 89.36  ? 15  HIS A CD2 1 
ATOM   143  C  CE1 . HIS A 1 16  ? -0.686  -13.967 5.182   1.00 88.18  ? 15  HIS A CE1 1 
ATOM   144  N  NE2 . HIS A 1 16  ? -0.423  -12.699 4.912   1.00 87.10  ? 15  HIS A NE2 1 
ATOM   145  N  N   . LEU A 1 17  ? -3.621  -13.601 -0.944  1.00 76.03  ? 16  LEU A N   1 
ATOM   146  C  CA  . LEU A 1 17  ? -3.933  -13.780 -2.378  1.00 74.01  ? 16  LEU A CA  1 
ATOM   147  C  C   . LEU A 1 17  ? -4.048  -12.428 -3.108  1.00 72.51  ? 16  LEU A C   1 
ATOM   148  O  O   . LEU A 1 17  ? -3.628  -12.306 -4.256  1.00 72.25  ? 16  LEU A O   1 
ATOM   149  C  CB  . LEU A 1 17  ? -5.209  -14.600 -2.585  1.00 72.63  ? 16  LEU A CB  1 
ATOM   150  C  CG  . LEU A 1 17  ? -5.126  -16.088 -2.220  1.00 72.34  ? 16  LEU A CG  1 
ATOM   151  C  CD1 . LEU A 1 17  ? -6.532  -16.693 -2.096  1.00 75.71  ? 16  LEU A CD1 1 
ATOM   152  C  CD2 . LEU A 1 17  ? -4.297  -16.854 -3.236  1.00 61.91  ? 16  LEU A CD2 1 
ATOM   153  N  N   . LEU A 1 18  ? -4.612  -11.429 -2.437  1.00 73.25  ? 17  LEU A N   1 
ATOM   154  C  CA  . LEU A 1 18  ? -4.706  -10.070 -2.983  1.00 74.16  ? 17  LEU A CA  1 
ATOM   155  C  C   . LEU A 1 18  ? -3.317  -9.422  -3.173  1.00 74.72  ? 17  LEU A C   1 
ATOM   156  O  O   . LEU A 1 18  ? -3.146  -8.730  -4.174  1.00 78.71  ? 17  LEU A O   1 
ATOM   157  C  CB  . LEU A 1 18  ? -5.634  -9.161  -2.146  1.00 72.99  ? 17  LEU A CB  1 
ATOM   158  C  CG  . LEU A 1 18  ? -7.148  -9.404  -2.153  1.00 72.23  ? 17  LEU A CG  1 
ATOM   159  C  CD1 . LEU A 1 18  ? -7.868  -8.653  -1.006  1.00 71.84  ? 17  LEU A CD1 1 
ATOM   160  C  CD2 . LEU A 1 18  ? -7.735  -9.030  -3.482  1.00 59.70  ? 17  LEU A CD2 1 
ATOM   161  N  N   . GLN A 1 19  ? -2.360  -9.598  -2.245  1.00 74.25  ? 18  GLN A N   1 
ATOM   162  C  CA  A GLN A 1 19  ? -1.039  -9.009  -2.460  0.50 75.17  ? 18  GLN A CA  1 
ATOM   163  C  CA  B GLN A 1 19  ? -0.977  -9.082  -2.401  0.50 75.23  ? 18  GLN A CA  1 
ATOM   164  C  C   . GLN A 1 19  ? -0.336  -9.761  -3.611  1.00 76.25  ? 18  GLN A C   1 
ATOM   165  O  O   . GLN A 1 19  ? 0.190   -9.101  -4.531  1.00 75.51  ? 18  GLN A O   1 
ATOM   166  C  CB  A GLN A 1 19  ? -0.222  -8.897  -1.170  0.50 75.40  ? 18  GLN A CB  1 
ATOM   167  C  CB  B GLN A 1 19  ? -0.065  -9.367  -1.182  0.50 75.74  ? 18  GLN A CB  1 
ATOM   168  C  CG  A GLN A 1 19  ? -0.921  -8.068  -0.055  0.50 78.61  ? 18  GLN A CG  1 
ATOM   169  C  CG  B GLN A 1 19  ? -0.221  -8.468  0.052   0.50 77.94  ? 18  GLN A CG  1 
ATOM   170  C  CD  A GLN A 1 19  ? -1.291  -6.623  -0.453  0.50 80.37  ? 18  GLN A CD  1 
ATOM   171  C  CD  B GLN A 1 19  ? 0.856   -8.702  1.146   0.50 77.26  ? 18  GLN A CD  1 
ATOM   172  O  OE1 A GLN A 1 19  ? -0.426  -5.737  -0.569  0.50 75.73  ? 18  GLN A OE1 1 
ATOM   173  O  OE1 B GLN A 1 19  ? 1.133   -7.803  1.940   0.50 84.13  ? 18  GLN A OE1 1 
ATOM   174  N  NE2 A GLN A 1 19  ? -2.588  -6.384  -0.629  0.50 75.03  ? 18  GLN A NE2 1 
ATOM   175  N  NE2 B GLN A 1 19  ? 1.445   -9.902  1.192   0.50 69.19  ? 18  GLN A NE2 1 
ATOM   176  N  N   . LYS A 1 20  ? -0.375  -11.098 -3.593  1.00 75.37  ? 19  LYS A N   1 
ATOM   177  C  CA  . LYS A 1 20  ? 0.174   -11.931 -4.671  1.00 76.54  ? 19  LYS A CA  1 
ATOM   178  C  C   . LYS A 1 20  ? -0.313  -11.472 -6.055  1.00 74.76  ? 19  LYS A C   1 
ATOM   179  O  O   . LYS A 1 20  ? 0.492   -11.234 -6.944  1.00 77.05  ? 19  LYS A O   1 
ATOM   180  C  CB  . LYS A 1 20  ? -0.231  -13.387 -4.435  1.00 78.14  ? 19  LYS A CB  1 
ATOM   181  C  CG  . LYS A 1 20  ? 0.145   -14.432 -5.518  1.00 80.13  ? 19  LYS A CG  1 
ATOM   182  C  CD  . LYS A 1 20  ? -0.366  -15.819 -5.078  1.00 83.59  ? 19  LYS A CD  1 
ATOM   183  C  CE  . LYS A 1 20  ? -0.435  -16.852 -6.206  1.00 93.37  ? 19  LYS A CE  1 
ATOM   184  N  NZ  . LYS A 1 20  ? -1.298  -18.035 -5.811  1.00 93.64  ? 19  LYS A NZ  1 
ATOM   185  N  N   . ASN A 1 21  ? -1.627  -11.327 -6.198  1.00 72.49  ? 20  ASN A N   1 
ATOM   186  C  CA  . ASN A 1 21  ? -2.256  -10.910 -7.456  1.00 70.52  ? 20  ASN A CA  1 
ATOM   187  C  C   . ASN A 1 21  ? -1.974  -9.457  -7.871  1.00 70.52  ? 20  ASN A C   1 
ATOM   188  O  O   . ASN A 1 21  ? -1.955  -9.174  -9.077  1.00 71.20  ? 20  ASN A O   1 
ATOM   189  C  CB  . ASN A 1 21  ? -3.775  -11.148 -7.414  1.00 69.96  ? 20  ASN A CB  1 
ATOM   190  C  CG  . ASN A 1 21  ? -4.160  -12.632 -7.416  1.00 69.06  ? 20  ASN A CG  1 
ATOM   191  O  OD1 . ASN A 1 21  ? -3.318  -13.524 -7.464  1.00 59.28  ? 20  ASN A OD1 1 
ATOM   192  N  ND2 . ASN A 1 21  ? -5.466  -12.890 -7.366  1.00 66.40  ? 20  ASN A ND2 1 
ATOM   193  N  N   . LEU A 1 22  ? -1.811  -8.554  -6.891  1.00 68.07  ? 21  LEU A N   1 
ATOM   194  C  CA  . LEU A 1 22  ? -1.428  -7.148  -7.146  1.00 67.34  ? 21  LEU A CA  1 
ATOM   195  C  C   . LEU A 1 22  ? 0.010   -7.060  -7.669  1.00 67.91  ? 21  LEU A C   1 
ATOM   196  O  O   . LEU A 1 22  ? 0.270   -6.297  -8.618  1.00 69.81  ? 21  LEU A O   1 
ATOM   197  C  CB  . LEU A 1 22  ? -1.555  -6.285  -5.889  1.00 66.75  ? 21  LEU A CB  1 
ATOM   198  C  CG  . LEU A 1 22  ? -1.167  -4.800  -5.943  1.00 67.71  ? 21  LEU A CG  1 
ATOM   199  C  CD1 . LEU A 1 22  ? -1.927  -4.030  -7.014  1.00 65.17  ? 21  LEU A CD1 1 
ATOM   200  C  CD2 . LEU A 1 22  ? -1.399  -4.178  -4.591  1.00 68.35  ? 21  LEU A CD2 1 
ATOM   201  N  N   . ASP A 1 23  ? 0.922   -7.813  -7.032  1.00 65.52  ? 22  ASP A N   1 
ATOM   202  C  CA  . ASP A 1 23  ? 2.331   -7.897  -7.426  1.00 65.75  ? 22  ASP A CA  1 
ATOM   203  C  C   . ASP A 1 23  ? 2.493   -8.398  -8.845  1.00 66.08  ? 22  ASP A C   1 
ATOM   204  O  O   . ASP A 1 23  ? 3.384   -7.921  -9.561  1.00 62.97  ? 22  ASP A O   1 
ATOM   205  C  CB  . ASP A 1 23  ? 3.147   -8.820  -6.490  1.00 65.12  ? 22  ASP A CB  1 
ATOM   206  C  CG  . ASP A 1 23  ? 3.580   -8.143  -5.186  1.00 71.24  ? 22  ASP A CG  1 
ATOM   207  O  OD1 . ASP A 1 23  ? 3.226   -6.956  -4.929  1.00 77.93  ? 22  ASP A OD1 1 
ATOM   208  O  OD2 . ASP A 1 23  ? 4.302   -8.823  -4.404  1.00 79.40  ? 22  ASP A OD2 1 
ATOM   209  N  N   . LYS A 1 24  ? 1.643   -9.365  -9.221  1.00 66.70  ? 23  LYS A N   1 
ATOM   210  C  CA  . LYS A 1 24  ? 1.606   -9.917  -10.577 1.00 67.24  ? 23  LYS A CA  1 
ATOM   211  C  C   . LYS A 1 24  ? 1.168   -8.798  -11.518 1.00 68.12  ? 23  LYS A C   1 
ATOM   212  O  O   . LYS A 1 24  ? 1.809   -8.570  -12.542 1.00 70.14  ? 23  LYS A O   1 
ATOM   213  C  CB  . LYS A 1 24  ? 0.648   -11.121 -10.661 1.00 67.51  ? 23  LYS A CB  1 
ATOM   214  C  CG  . LYS A 1 24  ? 0.952   -12.162 -11.751 1.00 73.39  ? 23  LYS A CG  1 
ATOM   215  C  CD  . LYS A 1 24  ? 0.547   -11.759 -13.163 1.00 79.03  ? 23  LYS A CD  1 
ATOM   216  C  CE  . LYS A 1 24  ? 0.900   -12.850 -14.176 1.00 78.47  ? 23  LYS A CE  1 
ATOM   217  N  NZ  . LYS A 1 24  ? 2.376   -13.009 -14.342 1.00 80.64  ? 23  LYS A NZ  1 
ATOM   218  N  N   . ALA A 1 25  ? 0.108   -8.084  -11.124 1.00 68.79  ? 24  ALA A N   1 
ATOM   219  C  CA  . ALA A 1 25  ? -0.474  -6.977  -11.895 1.00 68.03  ? 24  ALA A CA  1 
ATOM   220  C  C   . ALA A 1 25  ? 0.449   -5.774  -12.138 1.00 68.01  ? 24  ALA A C   1 
ATOM   221  O  O   . ALA A 1 25  ? 0.424   -5.206  -13.244 1.00 69.34  ? 24  ALA A O   1 
ATOM   222  C  CB  . ALA A 1 25  ? -1.765  -6.509  -11.237 1.00 66.13  ? 24  ALA A CB  1 
ATOM   223  N  N   . ILE A 1 26  ? 1.240   -5.383  -11.128 1.00 68.19  ? 25  ILE A N   1 
ATOM   224  C  CA  . ILE A 1 26  ? 2.184   -4.231  -11.244 1.00 67.97  ? 25  ILE A CA  1 
ATOM   225  C  C   . ILE A 1 26  ? 3.643   -4.614  -11.605 1.00 67.50  ? 25  ILE A C   1 
ATOM   226  O  O   . ILE A 1 26  ? 4.518   -3.735  -11.673 1.00 63.75  ? 25  ILE A O   1 
ATOM   227  C  CB  . ILE A 1 26  ? 2.142   -3.310  -9.968  1.00 68.24  ? 25  ILE A CB  1 
ATOM   228  C  CG1 . ILE A 1 26  ? 2.805   -3.959  -8.730  1.00 70.69  ? 25  ILE A CG1 1 
ATOM   229  C  CG2 . ILE A 1 26  ? 0.715   -2.897  -9.676  1.00 62.64  ? 25  ILE A CG2 1 
ATOM   230  C  CD1 . ILE A 1 26  ? 2.837   -3.062  -7.502  1.00 67.56  ? 25  ILE A CD1 1 
ATOM   231  N  N   . GLU A 1 27  ? 3.862   -5.915  -11.851 1.00 69.55  ? 26  GLU A N   1 
ATOM   232  C  CA  . GLU A 1 27  ? 5.174   -6.548  -12.162 1.00 69.63  ? 26  GLU A CA  1 
ATOM   233  C  C   . GLU A 1 27  ? 5.993   -5.811  -13.212 1.00 67.93  ? 26  GLU A C   1 
ATOM   234  O  O   . GLU A 1 27  ? 7.193   -5.577  -13.028 1.00 68.68  ? 26  GLU A O   1 
ATOM   235  C  CB  . GLU A 1 27  ? 4.925   -7.998  -12.641 1.00 69.56  ? 26  GLU A CB  1 
ATOM   236  C  CG  . GLU A 1 27  ? 6.140   -8.888  -12.889 1.00 72.06  ? 26  GLU A CG  1 
ATOM   237  C  CD  . GLU A 1 27  ? 5.783   -10.243 -13.521 1.00 74.84  ? 26  GLU A CD  1 
ATOM   238  O  OE1 . GLU A 1 27  ? 4.591   -10.642 -13.477 1.00 79.57  ? 26  GLU A OE1 1 
ATOM   239  O  OE2 . GLU A 1 27  ? 6.711   -10.912 -14.070 1.00 82.34  ? 26  GLU A OE2 1 
ATOM   240  N  N   . GLN A 1 28  ? 5.324   -5.469  -14.309 1.00 66.24  ? 27  GLN A N   1 
ATOM   241  C  CA  . GLN A 1 28  ? 5.922   -4.751  -15.447 1.00 66.29  ? 27  GLN A CA  1 
ATOM   242  C  C   . GLN A 1 28  ? 6.617   -3.424  -15.111 1.00 63.32  ? 27  GLN A C   1 
ATOM   243  O  O   . GLN A 1 28  ? 7.521   -3.036  -15.830 1.00 63.24  ? 27  GLN A O   1 
ATOM   244  C  CB  . GLN A 1 28  ? 4.871   -4.514  -16.548 1.00 66.81  ? 27  GLN A CB  1 
ATOM   245  C  CG  . GLN A 1 28  ? 3.693   -3.591  -16.147 1.00 73.49  ? 27  GLN A CG  1 
ATOM   246  C  CD  . GLN A 1 28  ? 2.694   -3.398  -17.281 1.00 72.98  ? 27  GLN A CD  1 
ATOM   247  O  OE1 . GLN A 1 28  ? 1.757   -4.188  -17.435 1.00 81.18  ? 27  GLN A OE1 1 
ATOM   248  N  NE2 . GLN A 1 28  ? 2.875   -2.320  -18.064 1.00 74.61  ? 27  GLN A NE2 1 
ATOM   249  N  N   . TYR A 1 29  ? 6.197   -2.752  -14.036 1.00 61.34  ? 28  TYR A N   1 
ATOM   250  C  CA  . TYR A 1 29  ? 6.792   -1.473  -13.602 1.00 61.22  ? 28  TYR A CA  1 
ATOM   251  C  C   . TYR A 1 29  ? 7.987   -1.608  -12.654 1.00 60.93  ? 28  TYR A C   1 
ATOM   252  O  O   . TYR A 1 29  ? 8.421   -0.604  -12.080 1.00 62.06  ? 28  TYR A O   1 
ATOM   253  C  CB  . TYR A 1 29  ? 5.720   -0.585  -12.944 1.00 61.23  ? 28  TYR A CB  1 
ATOM   254  C  CG  . TYR A 1 29  ? 4.564   -0.309  -13.856 1.00 61.81  ? 28  TYR A CG  1 
ATOM   255  C  CD1 . TYR A 1 29  ? 4.668   0.663   -14.841 1.00 62.82  ? 28  TYR A CD1 1 
ATOM   256  C  CD2 . TYR A 1 29  ? 3.365   -1.031  -13.754 1.00 61.88  ? 28  TYR A CD2 1 
ATOM   257  C  CE1 . TYR A 1 29  ? 3.619   0.919   -15.717 1.00 64.95  ? 28  TYR A CE1 1 
ATOM   258  C  CE2 . TYR A 1 29  ? 2.303   -0.782  -14.627 1.00 63.89  ? 28  TYR A CE2 1 
ATOM   259  C  CZ  . TYR A 1 29  ? 2.445   0.206   -15.607 1.00 63.24  ? 28  TYR A CZ  1 
ATOM   260  O  OH  . TYR A 1 29  ? 1.447   0.500   -16.487 1.00 64.90  ? 28  TYR A OH  1 
ATOM   261  N  N   . ASP A 1 30  ? 8.528   -2.818  -12.481 1.00 60.48  ? 29  ASP A N   1 
ATOM   262  C  CA  . ASP A 1 30  ? 9.674   -3.055  -11.585 1.00 60.81  ? 29  ASP A CA  1 
ATOM   263  C  C   . ASP A 1 30  ? 9.486   -2.551  -10.137 1.00 61.56  ? 29  ASP A C   1 
ATOM   264  O  O   . ASP A 1 30  ? 10.388  -1.945  -9.545  1.00 64.01  ? 29  ASP A O   1 
ATOM   265  C  CB  . ASP A 1 30  ? 10.951  -2.501  -12.229 1.00 59.00  ? 29  ASP A CB  1 
ATOM   266  C  CG  . ASP A 1 30  ? 11.233  -3.141  -13.554 1.00 58.42  ? 29  ASP A CG  1 
ATOM   267  O  OD1 . ASP A 1 30  ? 11.253  -4.381  -13.595 1.00 46.00  ? 29  ASP A OD1 1 
ATOM   268  O  OD2 . ASP A 1 30  ? 11.456  -2.420  -14.547 1.00 65.06  ? 29  ASP A OD2 1 
ATOM   269  N  N   . ILE A 1 31  ? 8.289   -2.786  -9.609  1.00 62.37  ? 30  ILE A N   1 
ATOM   270  C  CA  . ILE A 1 31  ? 7.916   -2.438  -8.232  1.00 63.76  ? 30  ILE A CA  1 
ATOM   271  C  C   . ILE A 1 31  ? 7.039   -3.544  -7.661  1.00 64.74  ? 30  ILE A C   1 
ATOM   272  O  O   . ILE A 1 31  ? 6.428   -4.307  -8.415  1.00 64.60  ? 30  ILE A O   1 
ATOM   273  C  CB  . ILE A 1 31  ? 7.169   -1.060  -8.124  1.00 63.60  ? 30  ILE A CB  1 
ATOM   274  C  CG1 . ILE A 1 31  ? 5.859   -1.012  -8.927  1.00 64.87  ? 30  ILE A CG1 1 
ATOM   275  C  CG2 . ILE A 1 31  ? 8.078   0.082   -8.573  1.00 63.96  ? 30  ILE A CG2 1 
ATOM   276  C  CD1 . ILE A 1 31  ? 4.957   0.178   -8.564  1.00 63.83  ? 30  ILE A CD1 1 
ATOM   277  N  N   . SER A 1 32  ? 6.988   -3.627  -6.337  1.00 69.15  ? 31  SER A N   1 
ATOM   278  C  CA  . SER A 1 32  ? 6.108   -4.578  -5.621  1.00 72.68  ? 31  SER A CA  1 
ATOM   279  C  C   . SER A 1 32  ? 5.105   -3.754  -4.834  1.00 72.84  ? 31  SER A C   1 
ATOM   280  O  O   . SER A 1 32  ? 5.169   -2.511  -4.866  1.00 71.94  ? 31  SER A O   1 
ATOM   281  C  CB  . SER A 1 32  ? 6.925   -5.451  -4.679  1.00 73.50  ? 31  SER A CB  1 
ATOM   282  O  OG  . SER A 1 32  ? 7.392   -4.684  -3.581  1.00 80.23  ? 31  SER A OG  1 
ATOM   283  N  N   . TYR A 1 33  ? 4.207   -4.429  -4.107  1.00 75.04  ? 32  TYR A N   1 
ATOM   284  C  CA  . TYR A 1 33  ? 3.176   -3.734  -3.305  1.00 77.87  ? 32  TYR A CA  1 
ATOM   285  C  C   . TYR A 1 33  ? 3.792   -2.692  -2.342  1.00 75.77  ? 32  TYR A C   1 
ATOM   286  O  O   . TYR A 1 33  ? 3.250   -1.594  -2.205  1.00 75.20  ? 32  TYR A O   1 
ATOM   287  C  CB  . TYR A 1 33  ? 2.213   -4.720  -2.557  1.00 82.69  ? 32  TYR A CB  1 
ATOM   288  C  CG  . TYR A 1 33  ? 2.834   -5.521  -1.406  1.00 86.64  ? 32  TYR A CG  1 
ATOM   289  C  CD1 . TYR A 1 33  ? 3.457   -6.760  -1.639  1.00 95.58  ? 32  TYR A CD1 1 
ATOM   290  C  CD2 . TYR A 1 33  ? 2.809   -5.036  -0.078  1.00 90.07  ? 32  TYR A CD2 1 
ATOM   291  C  CE1 . TYR A 1 33  ? 4.053   -7.511  -0.587  1.00 96.34  ? 32  TYR A CE1 1 
ATOM   292  C  CE2 . TYR A 1 33  ? 3.402   -5.772  0.982   1.00 92.45  ? 32  TYR A CE2 1 
ATOM   293  C  CZ  . TYR A 1 33  ? 4.019   -7.021  0.721   1.00 95.44  ? 32  TYR A CZ  1 
ATOM   294  O  OH  . TYR A 1 33  ? 4.615   -7.777  1.732   1.00 94.93  ? 32  TYR A OH  1 
ATOM   295  N  N   . VAL A 1 34  ? 4.935   -3.024  -1.726  1.00 76.25  ? 33  VAL A N   1 
ATOM   296  C  CA  . VAL A 1 34  ? 5.594   -2.108  -0.764  1.00 76.18  ? 33  VAL A CA  1 
ATOM   297  C  C   . VAL A 1 34  ? 6.014   -0.768  -1.430  1.00 74.16  ? 33  VAL A C   1 
ATOM   298  O  O   . VAL A 1 34  ? 5.684   0.298   -0.905  1.00 73.59  ? 33  VAL A O   1 
ATOM   299  C  CB  . VAL A 1 34  ? 6.706   -2.804  0.104   1.00 76.60  ? 33  VAL A CB  1 
ATOM   300  C  CG1 . VAL A 1 34  ? 7.788   -3.421  -0.741  1.00 82.88  ? 33  VAL A CG1 1 
ATOM   301  C  CG2 . VAL A 1 34  ? 7.314   -1.823  1.114   1.00 75.72  ? 33  VAL A CG2 1 
ATOM   302  N  N   . GLN A 1 35  ? 6.621   -0.818  -2.615  1.00 73.44  ? 34  GLN A N   1 
ATOM   303  C  CA  . GLN A 1 35  ? 7.026   0.425   -3.331  1.00 73.43  ? 34  GLN A CA  1 
ATOM   304  C  C   . GLN A 1 35  ? 5.797   1.185   -3.849  1.00 70.18  ? 34  GLN A C   1 
ATOM   305  O  O   . GLN A 1 35  ? 5.729   2.413   -3.764  1.00 68.18  ? 34  GLN A O   1 
ATOM   306  C  CB  . GLN A 1 35  ? 8.018   0.170   -4.469  1.00 72.23  ? 34  GLN A CB  1 
ATOM   307  C  CG  . GLN A 1 35  ? 9.383   -0.332  -4.018  1.00 73.85  ? 34  GLN A CG  1 
ATOM   308  C  CD  . GLN A 1 35  ? 9.404   -1.793  -3.627  1.00 73.63  ? 34  GLN A CD  1 
ATOM   309  O  OE1 . GLN A 1 35  ? 8.680   -2.601  -4.195  1.00 73.88  ? 34  GLN A OE1 1 
ATOM   310  N  NE2 . GLN A 1 35  ? 10.242  -2.142  -2.653  1.00 79.14  ? 34  GLN A NE2 1 
ATOM   311  N  N   . PHE A 1 36  ? 4.841   0.434   -4.382  1.00 68.73  ? 35  PHE A N   1 
ATOM   312  C  CA  . PHE A 1 36  ? 3.557   0.981   -4.822  1.00 70.19  ? 35  PHE A CA  1 
ATOM   313  C  C   . PHE A 1 36  ? 2.884   1.758   -3.680  1.00 69.93  ? 35  PHE A C   1 
ATOM   314  O  O   . PHE A 1 36  ? 2.506   2.907   -3.873  1.00 68.26  ? 35  PHE A O   1 
ATOM   315  C  CB  . PHE A 1 36  ? 2.665   -0.154  -5.347  1.00 72.87  ? 35  PHE A CB  1 
ATOM   316  C  CG  . PHE A 1 36  ? 1.298   0.279   -5.768  1.00 73.05  ? 35  PHE A CG  1 
ATOM   317  C  CD1 . PHE A 1 36  ? 1.115   0.958   -6.971  1.00 79.83  ? 35  PHE A CD1 1 
ATOM   318  C  CD2 . PHE A 1 36  ? 0.182   -0.018  -4.977  1.00 82.17  ? 35  PHE A CD2 1 
ATOM   319  C  CE1 . PHE A 1 36  ? -0.162  1.362   -7.382  1.00 78.78  ? 35  PHE A CE1 1 
ATOM   320  C  CE2 . PHE A 1 36  ? -1.117  0.384   -5.383  1.00 84.20  ? 35  PHE A CE2 1 
ATOM   321  C  CZ  . PHE A 1 36  ? -1.278  1.062   -6.585  1.00 75.37  ? 35  PHE A CZ  1 
ATOM   322  N  N   . GLY A 1 37  ? 2.809   1.139   -2.492  1.00 68.96  ? 36  GLY A N   1 
ATOM   323  C  CA  . GLY A 1 37  ? 2.257   1.769   -1.293  1.00 69.38  ? 36  GLY A CA  1 
ATOM   324  C  C   . GLY A 1 37  ? 2.859   3.127   -0.967  1.00 70.68  ? 36  GLY A C   1 
ATOM   325  O  O   . GLY A 1 37  ? 2.115   4.102   -0.762  1.00 73.36  ? 36  GLY A O   1 
ATOM   326  N  N   . VAL A 1 38  ? 4.198   3.184   -0.969  1.00 70.12  ? 37  VAL A N   1 
ATOM   327  C  CA  . VAL A 1 38  ? 4.970   4.427   -0.734  1.00 69.29  ? 37  VAL A CA  1 
ATOM   328  C  C   . VAL A 1 38  ? 4.618   5.497   -1.741  1.00 70.10  ? 37  VAL A C   1 
ATOM   329  O  O   . VAL A 1 38  ? 4.437   6.656   -1.368  1.00 72.68  ? 37  VAL A O   1 
ATOM   330  C  CB  . VAL A 1 38  ? 6.527   4.190   -0.797  1.00 70.39  ? 37  VAL A CB  1 
ATOM   331  C  CG1 . VAL A 1 38  ? 7.326   5.526   -0.844  1.00 66.67  ? 37  VAL A CG1 1 
ATOM   332  C  CG2 . VAL A 1 38  ? 6.977   3.329   0.347   1.00 59.67  ? 37  VAL A CG2 1 
ATOM   333  N  N   . ILE A 1 39  ? 4.545   5.111   -3.015  1.00 71.56  ? 38  ILE A N   1 
ATOM   334  C  CA  . ILE A 1 39  ? 4.166   6.041   -4.114  1.00 71.87  ? 38  ILE A CA  1 
ATOM   335  C  C   . ILE A 1 39  ? 2.745   6.617   -3.900  1.00 69.87  ? 38  ILE A C   1 
ATOM   336  O  O   . ILE A 1 39  ? 2.540   7.818   -4.057  1.00 68.80  ? 38  ILE A O   1 
ATOM   337  C  CB  . ILE A 1 39  ? 4.334   5.363   -5.520  1.00 72.40  ? 38  ILE A CB  1 
ATOM   338  C  CG1 . ILE A 1 39  ? 5.830   5.206   -5.834  1.00 71.93  ? 38  ILE A CG1 1 
ATOM   339  C  CG2 . ILE A 1 39  ? 3.636   6.152   -6.618  1.00 70.95  ? 38  ILE A CG2 1 
ATOM   340  C  CD1 . ILE A 1 39  ? 6.121   4.358   -7.050  1.00 70.55  ? 38  ILE A CD1 1 
ATOM   341  N  N   . GLN A 1 40  ? 1.803   5.756   -3.522  1.00 70.61  ? 39  GLN A N   1 
ATOM   342  C  CA  . GLN A 1 40  ? 0.421   6.170   -3.212  1.00 72.91  ? 39  GLN A CA  1 
ATOM   343  C  C   . GLN A 1 40  ? 0.433   7.137   -2.017  1.00 72.97  ? 39  GLN A C   1 
ATOM   344  O  O   . GLN A 1 40  ? -0.105  8.244   -2.123  1.00 74.58  ? 39  GLN A O   1 
ATOM   345  C  CB  . GLN A 1 40  ? -0.511  4.959   -2.944  1.00 73.33  ? 39  GLN A CB  1 
ATOM   346  C  CG  . GLN A 1 40  ? -0.715  4.017   -4.153  1.00 81.35  ? 39  GLN A CG  1 
ATOM   347  C  CD  . GLN A 1 40  ? -1.326  4.713   -5.383  1.00 97.36  ? 39  GLN A CD  1 
ATOM   348  O  OE1 . GLN A 1 40  ? -2.092  5.670   -5.256  1.00 112.93 ? 39  GLN A OE1 1 
ATOM   349  N  NE2 . GLN A 1 40  ? -0.995  4.221   -6.576  1.00 100.94 ? 39  GLN A NE2 1 
ATOM   350  N  N   . VAL A 1 41  ? 1.092   6.743   -0.917  1.00 73.37  ? 40  VAL A N   1 
ATOM   351  C  CA  . VAL A 1 41  ? 1.202   7.611   0.274   1.00 72.75  ? 40  VAL A CA  1 
ATOM   352  C  C   . VAL A 1 41  ? 1.821   8.975   -0.070  1.00 72.87  ? 40  VAL A C   1 
ATOM   353  O  O   . VAL A 1 41  ? 1.235   10.009  0.263   1.00 74.77  ? 40  VAL A O   1 
ATOM   354  C  CB  . VAL A 1 41  ? 2.007   6.953   1.415   1.00 73.62  ? 40  VAL A CB  1 
ATOM   355  C  CG1 . VAL A 1 41  ? 2.402   7.996   2.503   1.00 72.06  ? 40  VAL A CG1 1 
ATOM   356  C  CG2 . VAL A 1 41  ? 1.231   5.764   2.003   1.00 73.56  ? 40  VAL A CG2 1 
ATOM   357  N  N   . LEU A 1 42  ? 2.965   8.967   -0.766  1.00 72.62  ? 41  LEU A N   1 
ATOM   358  C  CA  . LEU A 1 42  ? 3.674   10.216  -1.139  1.00 72.27  ? 41  LEU A CA  1 
ATOM   359  C  C   . LEU A 1 42  ? 2.995   11.091  -2.195  1.00 72.64  ? 41  LEU A C   1 
ATOM   360  O  O   . LEU A 1 42  ? 3.385   12.253  -2.351  1.00 73.35  ? 41  LEU A O   1 
ATOM   361  C  CB  . LEU A 1 42  ? 5.123   9.928   -1.575  1.00 72.17  ? 41  LEU A CB  1 
ATOM   362  C  CG  . LEU A 1 42  ? 6.143   9.452   -0.534  1.00 73.75  ? 41  LEU A CG  1 
ATOM   363  C  CD1 . LEU A 1 42  ? 7.451   9.169   -1.253  1.00 72.47  ? 41  LEU A CD1 1 
ATOM   364  C  CD2 . LEU A 1 42  ? 6.367   10.457  0.603   1.00 72.90  ? 41  LEU A CD2 1 
ATOM   365  N  N   . ALA A 1 43  ? 2.051   10.546  -2.965  1.00 73.35  ? 42  ALA A N   1 
ATOM   366  C  CA  . ALA A 1 43  ? 1.313   11.362  -3.944  1.00 74.45  ? 42  ALA A CA  1 
ATOM   367  C  C   . ALA A 1 43  ? 0.250   12.191  -3.216  1.00 73.70  ? 42  ALA A C   1 
ATOM   368  O  O   . ALA A 1 43  ? 0.155   13.405  -3.472  1.00 67.73  ? 42  ALA A O   1 
ATOM   369  C  CB  . ALA A 1 43  ? 0.678   10.503  -4.997  1.00 75.77  ? 42  ALA A CB  1 
ATOM   370  N  N   . LYS A 1 44  ? -0.513  11.530  -2.313  1.00 74.85  ? 43  LYS A N   1 
ATOM   371  C  CA  . LYS A 1 44  ? -1.607  12.164  -1.510  1.00 77.56  ? 43  LYS A CA  1 
ATOM   372  C  C   . LYS A 1 44  ? -1.062  13.271  -0.614  1.00 80.55  ? 43  LYS A C   1 
ATOM   373  O  O   . LYS A 1 44  ? -1.496  14.422  -0.703  1.00 83.37  ? 43  LYS A O   1 
ATOM   374  C  CB  . LYS A 1 44  ? -2.365  11.149  -0.637  1.00 78.49  ? 43  LYS A CB  1 
ATOM   375  C  CG  . LYS A 1 44  ? -3.138  10.066  -1.393  1.00 81.41  ? 43  LYS A CG  1 
ATOM   376  N  N   . SER A 1 45  ? -0.105  12.917  0.239   1.00 81.68  ? 44  SER A N   1 
ATOM   377  C  CA  . SER A 1 45  ? 0.576   13.903  1.087   1.00 82.40  ? 44  SER A CA  1 
ATOM   378  C  C   . SER A 1 45  ? 1.681   14.548  0.258   1.00 81.60  ? 44  SER A C   1 
ATOM   379  O  O   . SER A 1 45  ? 2.096   14.005  -0.760  1.00 82.77  ? 44  SER A O   1 
ATOM   380  C  CB  . SER A 1 45  ? 1.200   13.220  2.306   1.00 84.42  ? 44  SER A CB  1 
ATOM   381  O  OG  . SER A 1 45  ? 2.278   12.350  1.944   1.00 86.51  ? 44  SER A OG  1 
ATOM   382  N  N   . GLY A 1 46  ? 2.187   15.688  0.686   1.00 79.44  ? 45  GLY A N   1 
ATOM   383  C  CA  . GLY A 1 46  ? 3.287   16.315  -0.035  1.00 79.48  ? 45  GLY A CA  1 
ATOM   384  C  C   . GLY A 1 46  ? 4.613   15.763  0.476   1.00 80.31  ? 45  GLY A C   1 
ATOM   385  O  O   . GLY A 1 46  ? 4.775   14.554  0.717   1.00 79.09  ? 45  GLY A O   1 
ATOM   386  N  N   . LYS A 1 47  ? 5.555   16.680  0.655   1.00 79.96  ? 46  LYS A N   1 
ATOM   387  C  CA  . LYS A 1 47  ? 6.857   16.388  1.207   1.00 80.14  ? 46  LYS A CA  1 
ATOM   388  C  C   . LYS A 1 47  ? 6.625   16.138  2.705   1.00 81.35  ? 46  LYS A C   1 
ATOM   389  O  O   . LYS A 1 47  ? 6.382   17.081  3.460   1.00 83.58  ? 46  LYS A O   1 
ATOM   390  C  CB  . LYS A 1 47  ? 7.788   17.582  0.941   1.00 79.43  ? 46  LYS A CB  1 
ATOM   391  C  CG  . LYS A 1 47  ? 9.223   17.452  1.390   1.00 78.38  ? 46  LYS A CG  1 
ATOM   392  C  CD  . LYS A 1 47  ? 9.995   18.763  1.194   1.00 80.80  ? 46  LYS A CD  1 
ATOM   393  C  CE  . LYS A 1 47  ? 10.244  19.124  -0.274  1.00 82.72  ? 46  LYS A CE  1 
ATOM   394  N  NZ  . LYS A 1 47  ? 10.903  20.452  -0.451  1.00 81.78  ? 46  LYS A NZ  1 
ATOM   395  N  N   . VAL A 1 48  ? 6.619   14.865  3.103   1.00 80.93  ? 47  VAL A N   1 
ATOM   396  C  CA  . VAL A 1 48  ? 6.462   14.460  4.520   1.00 80.52  ? 47  VAL A CA  1 
ATOM   397  C  C   . VAL A 1 48  ? 7.804   13.988  5.105   1.00 80.53  ? 47  VAL A C   1 
ATOM   398  O  O   . VAL A 1 48  ? 8.811   13.883  4.388   1.00 80.52  ? 47  VAL A O   1 
ATOM   399  C  CB  . VAL A 1 48  ? 5.367   13.366  4.717   1.00 80.27  ? 47  VAL A CB  1 
ATOM   400  C  CG1 . VAL A 1 48  ? 3.976   13.928  4.374   1.00 78.55  ? 47  VAL A CG1 1 
ATOM   401  C  CG2 . VAL A 1 48  ? 5.677   12.106  3.910   1.00 80.37  ? 47  VAL A CG2 1 
ATOM   402  N  N   . SER A 1 49  ? 7.813   13.755  6.414   1.00 78.74  ? 48  SER A N   1 
ATOM   403  C  CA  . SER A 1 49  ? 8.991   13.244  7.105   1.00 78.12  ? 48  SER A CA  1 
ATOM   404  C  C   . SER A 1 49  ? 9.040   11.724  6.972   1.00 78.61  ? 48  SER A C   1 
ATOM   405  O  O   . SER A 1 49  ? 8.022   11.074  6.691   1.00 78.05  ? 48  SER A O   1 
ATOM   406  C  CB  . SER A 1 49  ? 8.970   13.624  8.596   1.00 77.99  ? 48  SER A CB  1 
ATOM   407  O  OG  . SER A 1 49  ? 7.943   12.939  9.309   1.00 71.84  ? 48  SER A OG  1 
HETATM 408  N  N   . MSE A 1 50  ? 10.232  11.171  7.187   1.00 79.30  ? 49  MSE A N   1 
HETATM 409  C  CA  . MSE A 1 50  ? 10.427  9.720   7.233   1.00 81.03  ? 49  MSE A CA  1 
HETATM 410  C  C   . MSE A 1 50  ? 9.510   9.063   8.258   1.00 82.41  ? 49  MSE A C   1 
HETATM 411  O  O   . MSE A 1 50  ? 8.948   8.004   7.980   1.00 82.35  ? 49  MSE A O   1 
HETATM 412  C  CB  . MSE A 1 50  ? 11.896  9.351   7.536   1.00 81.23  ? 49  MSE A CB  1 
HETATM 413  C  CG  . MSE A 1 50  ? 12.709  9.144   6.284   1.00 84.36  ? 49  MSE A CG  1 
HETATM 414  SE SE  . MSE A 1 50  ? 12.204  7.418   5.553   0.75 78.26  ? 49  MSE A SE  1 
HETATM 415  C  CE  . MSE A 1 50  ? 13.385  6.345   6.690   1.00 78.71  ? 49  MSE A CE  1 
ATOM   416  N  N   . SER A 1 51  ? 9.364   9.707   9.422   1.00 83.52  ? 50  SER A N   1 
ATOM   417  C  CA  . SER A 1 51  ? 8.484   9.227   10.488  1.00 84.59  ? 50  SER A CA  1 
ATOM   418  C  C   . SER A 1 51  ? 7.036   9.260   10.011  1.00 84.78  ? 50  SER A C   1 
ATOM   419  O  O   . SER A 1 51  ? 6.365   8.240   10.086  1.00 83.69  ? 50  SER A O   1 
ATOM   420  C  CB  . SER A 1 51  ? 8.672   10.031  11.786  1.00 84.40  ? 50  SER A CB  1 
ATOM   421  O  OG  . SER A 1 51  ? 9.997   9.904   12.274  1.00 77.94  ? 50  SER A OG  1 
ATOM   422  N  N   . LYS A 1 52  ? 6.582   10.406  9.481   1.00 87.79  ? 51  LYS A N   1 
ATOM   423  C  CA  . LYS A 1 52  ? 5.213   10.516  8.896   1.00 89.44  ? 51  LYS A CA  1 
ATOM   424  C  C   . LYS A 1 52  ? 4.908   9.445   7.858   1.00 89.48  ? 51  LYS A C   1 
ATOM   425  O  O   . LYS A 1 52  ? 3.798   8.928   7.835   1.00 89.52  ? 51  LYS A O   1 
ATOM   426  C  CB  . LYS A 1 52  ? 4.889   11.909  8.293   1.00 92.55  ? 51  LYS A CB  1 
ATOM   427  C  CG  . LYS A 1 52  ? 3.921   12.754  9.119   1.00 98.75  ? 51  LYS A CG  1 
ATOM   428  C  CD  . LYS A 1 52  ? 2.488   12.186  9.013   1.00 102.31 ? 51  LYS A CD  1 
ATOM   429  C  CE  . LYS A 1 52  ? 1.512   12.929  9.907   1.00 104.16 ? 51  LYS A CE  1 
ATOM   430  N  NZ  . LYS A 1 52  ? 0.171   12.278  9.902   1.00 106.50 ? 51  LYS A NZ  1 
ATOM   431  N  N   . LEU A 1 53  ? 5.896   9.136   7.013   1.00 89.36  ? 52  LEU A N   1 
ATOM   432  C  CA  . LEU A 1 53  ? 5.769   8.085   6.002   1.00 89.21  ? 52  LEU A CA  1 
ATOM   433  C  C   . LEU A 1 53  ? 5.623   6.733   6.686   1.00 88.60  ? 52  LEU A C   1 
ATOM   434  O  O   . LEU A 1 53  ? 4.733   5.982   6.333   1.00 89.02  ? 52  LEU A O   1 
ATOM   435  C  CB  . LEU A 1 53  ? 6.956   8.092   5.017   1.00 89.42  ? 52  LEU A CB  1 
ATOM   436  C  CG  . LEU A 1 53  ? 7.012   7.020   3.920   1.00 87.20  ? 52  LEU A CG  1 
ATOM   437  C  CD1 . LEU A 1 53  ? 5.759   7.079   3.045   1.00 72.95  ? 52  LEU A CD1 1 
ATOM   438  C  CD2 . LEU A 1 53  ? 8.275   7.173   3.104   1.00 84.76  ? 52  LEU A CD2 1 
ATOM   439  N  N   . ILE A 1 54  ? 6.467   6.441   7.676   1.00 91.34  ? 53  ILE A N   1 
ATOM   440  C  CA  . ILE A 1 54  ? 6.380   5.163   8.440   1.00 93.19  ? 53  ILE A CA  1 
ATOM   441  C  C   . ILE A 1 54  ? 4.988   5.009   9.107   1.00 96.02  ? 53  ILE A C   1 
ATOM   442  O  O   . ILE A 1 54  ? 4.383   3.937   9.055   1.00 96.06  ? 53  ILE A O   1 
ATOM   443  C  CB  . ILE A 1 54  ? 7.525   5.028   9.484   1.00 91.74  ? 53  ILE A CB  1 
ATOM   444  C  CG1 . ILE A 1 54  ? 8.883   4.871   8.785   1.00 93.02  ? 53  ILE A CG1 1 
ATOM   445  C  CG2 . ILE A 1 54  ? 7.310   3.809   10.372  1.00 90.23  ? 53  ILE A CG2 1 
ATOM   446  C  CD1 . ILE A 1 54  ? 10.087  5.265   9.641   1.00 88.67  ? 53  ILE A CD1 1 
ATOM   447  N  N   . GLU A 1 55  ? 4.488   6.101   9.685   1.00 99.39  ? 54  GLU A N   1 
ATOM   448  C  CA  . GLU A 1 55  ? 3.156   6.143   10.327  1.00 101.61 ? 54  GLU A CA  1 
ATOM   449  C  C   . GLU A 1 55  ? 2.026   5.933   9.293   1.00 103.94 ? 54  GLU A C   1 
ATOM   450  O  O   . GLU A 1 55  ? 1.158   5.063   9.485   1.00 103.41 ? 54  GLU A O   1 
ATOM   451  C  CB  . GLU A 1 55  ? 2.983   7.459   11.119  1.00 101.88 ? 54  GLU A CB  1 
ATOM   452  C  CG  . GLU A 1 55  ? 3.937   7.534   12.344  1.00 102.47 ? 54  GLU A CG  1 
ATOM   453  C  CD  . GLU A 1 55  ? 4.100   8.926   12.977  1.00 102.83 ? 54  GLU A CD  1 
ATOM   454  O  OE1 . GLU A 1 55  ? 3.655   9.960   12.408  1.00 101.03 ? 54  GLU A OE1 1 
ATOM   455  O  OE2 . GLU A 1 55  ? 4.719   8.968   14.066  1.00 98.23  ? 54  GLU A OE2 1 
ATOM   456  N  N   . ASN A 1 56  ? 2.089   6.694   8.188   1.00 105.44 ? 55  ASN A N   1 
ATOM   457  C  CA  . ASN A 1 56  ? 1.130   6.584   7.079   1.00 106.05 ? 55  ASN A CA  1 
ATOM   458  C  C   . ASN A 1 56  ? 1.198   5.268   6.301   1.00 107.41 ? 55  ASN A C   1 
ATOM   459  O  O   . ASN A 1 56  ? 0.285   4.998   5.516   1.00 107.76 ? 55  ASN A O   1 
ATOM   460  C  CB  . ASN A 1 56  ? 1.255   7.761   6.097   1.00 106.39 ? 55  ASN A CB  1 
ATOM   461  C  CG  . ASN A 1 56  ? 0.884   9.100   6.718   1.00 106.70 ? 55  ASN A CG  1 
ATOM   462  O  OD1 . ASN A 1 56  ? 0.786   9.235   7.941   1.00 110.33 ? 55  ASN A OD1 1 
ATOM   463  N  ND2 . ASN A 1 56  ? 0.711   10.109  5.872   1.00 103.14 ? 55  ASN A ND2 1 
HETATM 464  N  N   . MSE A 1 57  ? 2.274   4.484   6.458   1.00 110.07 ? 56  MSE A N   1 
HETATM 465  C  CA  . MSE A 1 57  ? 2.335   3.135   5.872   1.00 112.64 ? 56  MSE A CA  1 
HETATM 466  C  C   . MSE A 1 57  ? 1.388   2.289   6.710   1.00 115.01 ? 56  MSE A C   1 
HETATM 467  O  O   . MSE A 1 57  ? 1.580   2.197   7.936   1.00 117.76 ? 56  MSE A O   1 
HETATM 468  C  CB  . MSE A 1 57  ? 3.750   2.499   5.890   1.00 113.30 ? 56  MSE A CB  1 
HETATM 469  C  CG  . MSE A 1 57  ? 4.757   2.991   4.818   1.00 114.85 ? 56  MSE A CG  1 
HETATM 470  SE SE  . MSE A 1 57  ? 4.134   2.768   2.969   0.75 118.63 ? 56  MSE A SE  1 
HETATM 471  C  CE  . MSE A 1 57  ? 4.145   0.821   2.799   1.00 121.89 ? 56  MSE A CE  1 
ATOM   472  N  N   . GLY A 1 58  ? 0.358   1.722   6.066   1.00 116.21 ? 57  GLY A N   1 
ATOM   473  C  CA  . GLY A 1 58  ? -0.625  0.829   6.722   1.00 117.41 ? 57  GLY A CA  1 
ATOM   474  C  C   . GLY A 1 58  ? 0.061   -0.363  7.390   1.00 120.16 ? 57  GLY A C   1 
ATOM   475  O  O   . GLY A 1 58  ? -0.322  -0.782  8.500   1.00 120.21 ? 57  GLY A O   1 
ATOM   476  N  N   . CYS A 1 59  ? 1.070   -0.886  6.683   1.00 121.82 ? 58  CYS A N   1 
ATOM   477  C  CA  . CYS A 1 59  ? 1.967   -1.930  7.153   1.00 121.51 ? 58  CYS A CA  1 
ATOM   478  C  C   . CYS A 1 59  ? 3.412   -1.475  6.843   1.00 121.24 ? 58  CYS A C   1 
ATOM   479  O  O   . CYS A 1 59  ? 3.742   -1.233  5.675   1.00 120.72 ? 58  CYS A O   1 
ATOM   480  C  CB  . CYS A 1 59  ? 1.638   -3.230  6.438   1.00 122.13 ? 58  CYS A CB  1 
ATOM   481  S  SG  . CYS A 1 59  ? 2.607   -4.618  6.989   1.00 124.23 ? 58  CYS A SG  1 
ATOM   482  N  N   . VAL A 1 60  ? 4.244   -1.347  7.884   1.00 120.90 ? 59  VAL A N   1 
ATOM   483  C  CA  . VAL A 1 60  ? 5.650   -0.905  7.765   1.00 119.97 ? 59  VAL A CA  1 
ATOM   484  C  C   . VAL A 1 60  ? 6.598   -2.110  7.625   1.00 119.67 ? 59  VAL A C   1 
ATOM   485  O  O   . VAL A 1 60  ? 6.549   -3.007  8.478   1.00 118.90 ? 59  VAL A O   1 
ATOM   486  C  CB  . VAL A 1 60  ? 6.105   -0.112  9.028   1.00 120.10 ? 59  VAL A CB  1 
ATOM   487  C  CG1 . VAL A 1 60  ? 7.536   0.421   8.864   1.00 116.65 ? 59  VAL A CG1 1 
ATOM   488  C  CG2 . VAL A 1 60  ? 5.146   1.025   9.318   1.00 119.49 ? 59  VAL A CG2 1 
ATOM   489  N  N   . PRO A 1 61  ? 7.475   -2.132  6.581   1.00 118.72 ? 60  PRO A N   1 
ATOM   490  C  CA  . PRO A 1 61  ? 8.428   -3.254  6.455   1.00 117.61 ? 60  PRO A CA  1 
ATOM   491  C  C   . PRO A 1 61  ? 9.562   -3.185  7.478   1.00 115.58 ? 60  PRO A C   1 
ATOM   492  O  O   . PRO A 1 61  ? 9.707   -2.181  8.189   1.00 116.41 ? 60  PRO A O   1 
ATOM   493  C  CB  . PRO A 1 61  ? 8.984   -3.093  5.031   1.00 117.30 ? 60  PRO A CB  1 
ATOM   494  C  CG  . PRO A 1 61  ? 8.909   -1.651  4.772   1.00 118.52 ? 60  PRO A CG  1 
ATOM   495  C  CD  . PRO A 1 61  ? 7.652   -1.166  5.476   1.00 118.80 ? 60  PRO A CD  1 
ATOM   496  N  N   . SER A 1 62  ? 10.377  -4.241  7.515   1.00 113.14 ? 61  SER A N   1 
ATOM   497  C  CA  . SER A 1 62  ? 11.534  -4.333  8.423   1.00 110.39 ? 61  SER A CA  1 
ATOM   498  C  C   . SER A 1 62  ? 12.841  -3.758  7.831   1.00 109.17 ? 61  SER A C   1 
ATOM   499  O  O   . SER A 1 62  ? 13.930  -4.142  8.274   1.00 110.50 ? 61  SER A O   1 
ATOM   500  C  CB  . SER A 1 62  ? 11.748  -5.797  8.848   1.00 110.84 ? 61  SER A CB  1 
ATOM   501  N  N   . ASN A 1 63  ? 12.738  -2.840  6.864   1.00 107.24 ? 62  ASN A N   1 
ATOM   502  C  CA  . ASN A 1 63  ? 13.902  -2.212  6.201   1.00 105.70 ? 62  ASN A CA  1 
ATOM   503  C  C   . ASN A 1 63  ? 13.581  -0.899  5.426   1.00 103.35 ? 62  ASN A C   1 
ATOM   504  O  O   . ASN A 1 63  ? 14.118  -0.674  4.334   1.00 103.91 ? 62  ASN A O   1 
ATOM   505  C  CB  . ASN A 1 63  ? 14.655  -3.247  5.305   1.00 106.98 ? 62  ASN A CB  1 
ATOM   506  C  CG  . ASN A 1 63  ? 13.813  -3.807  4.114   1.00 110.10 ? 62  ASN A CG  1 
ATOM   507  O  OD1 . ASN A 1 63  ? 14.377  -4.469  3.241   1.00 112.82 ? 62  ASN A OD1 1 
ATOM   508  N  ND2 . ASN A 1 63  ? 12.496  -3.550  4.081   1.00 114.38 ? 62  ASN A ND2 1 
HETATM 509  N  N   . MSE A 1 64  ? 12.730  -0.044  6.013   1.00 99.57  ? 63  MSE A N   1 
HETATM 510  C  CA  . MSE A 1 64  ? 12.295  1.243   5.404   1.00 97.42  ? 63  MSE A CA  1 
HETATM 511  C  C   . MSE A 1 64  ? 13.391  2.123   4.840   1.00 92.45  ? 63  MSE A C   1 
HETATM 512  O  O   . MSE A 1 64  ? 13.298  2.562   3.690   1.00 93.28  ? 63  MSE A O   1 
HETATM 513  C  CB  . MSE A 1 64  ? 11.469  2.103   6.384   1.00 96.08  ? 63  MSE A CB  1 
HETATM 514  C  CG  . MSE A 1 64  ? 9.985   1.871   6.305   1.00 98.46  ? 63  MSE A CG  1 
HETATM 515  SE SE  . MSE A 1 64  ? 9.183   2.602   4.693   0.75 99.45  ? 63  MSE A SE  1 
HETATM 516  C  CE  . MSE A 1 64  ? 9.548   4.494   4.937   1.00 106.72 ? 63  MSE A CE  1 
ATOM   517  N  N   . THR A 1 65  ? 14.405  2.386   5.657   1.00 87.13  ? 64  THR A N   1 
ATOM   518  C  CA  . THR A 1 65  ? 15.526  3.238   5.261   1.00 84.08  ? 64  THR A CA  1 
ATOM   519  C  C   . THR A 1 65  ? 16.305  2.660   4.067   1.00 82.08  ? 64  THR A C   1 
ATOM   520  O  O   . THR A 1 65  ? 16.709  3.411   3.163   1.00 80.60  ? 64  THR A O   1 
ATOM   521  C  CB  . THR A 1 65  ? 16.453  3.528   6.465   1.00 83.44  ? 64  THR A CB  1 
ATOM   522  O  OG1 . THR A 1 65  ? 15.672  4.117   7.511   1.00 80.20  ? 64  THR A OG1 1 
ATOM   523  C  CG2 . THR A 1 65  ? 17.583  4.486   6.082   1.00 80.54  ? 64  THR A CG2 1 
ATOM   524  N  N   . THR A 1 66  ? 16.491  1.338   4.066   1.00 79.96  ? 65  THR A N   1 
ATOM   525  C  CA  . THR A 1 66  ? 17.175  0.637   2.973   1.00 79.33  ? 65  THR A CA  1 
ATOM   526  C  C   . THR A 1 66  ? 16.293  0.657   1.723   1.00 76.96  ? 65  THR A C   1 
ATOM   527  O  O   . THR A 1 66  ? 16.752  0.963   0.617   1.00 77.02  ? 65  THR A O   1 
ATOM   528  C  CB  . THR A 1 66  ? 17.489  -0.844  3.333   1.00 80.25  ? 65  THR A CB  1 
ATOM   529  O  OG1 . THR A 1 66  ? 18.027  -0.926  4.662   1.00 83.51  ? 65  THR A OG1 1 
ATOM   530  C  CG2 . THR A 1 66  ? 18.488  -1.450  2.327   1.00 79.95  ? 65  THR A CG2 1 
HETATM 531  N  N   . MSE A 1 67  ? 15.022  0.340   1.938   1.00 74.57  ? 66  MSE A N   1 
HETATM 532  C  CA  . MSE A 1 67  ? 14.000  0.284   0.888   1.00 72.71  ? 66  MSE A CA  1 
HETATM 533  C  C   . MSE A 1 67  ? 13.766  1.653   0.196   1.00 70.97  ? 66  MSE A C   1 
HETATM 534  O  O   . MSE A 1 67  ? 13.546  1.692   -1.016  1.00 70.06  ? 66  MSE A O   1 
HETATM 535  C  CB  . MSE A 1 67  ? 12.719  -0.354  1.486   1.00 73.31  ? 66  MSE A CB  1 
HETATM 536  C  CG  . MSE A 1 67  ? 11.673  -0.784  0.504   1.00 71.96  ? 66  MSE A CG  1 
HETATM 537  SE SE  . MSE A 1 67  ? 10.506  0.665   0.124   0.75 71.65  ? 66  MSE A SE  1 
HETATM 538  C  CE  . MSE A 1 67  ? 9.445   0.671   1.747   1.00 87.96  ? 66  MSE A CE  1 
ATOM   539  N  N   . ILE A 1 68  ? 13.820  2.750   0.960   1.00 69.23  ? 67  ILE A N   1 
ATOM   540  C  CA  . ILE A 1 68  ? 13.715  4.126   0.407   1.00 69.84  ? 67  ILE A CA  1 
ATOM   541  C  C   . ILE A 1 68  ? 14.968  4.506   -0.379  1.00 69.07  ? 67  ILE A C   1 
ATOM   542  O  O   . ILE A 1 68  ? 14.865  5.155   -1.409  1.00 69.30  ? 67  ILE A O   1 
ATOM   543  C  CB  . ILE A 1 68  ? 13.349  5.205   1.502   1.00 71.06  ? 67  ILE A CB  1 
ATOM   544  C  CG1 . ILE A 1 68  ? 11.816  5.353   1.617   1.00 73.30  ? 67  ILE A CG1 1 
ATOM   545  C  CG2 . ILE A 1 68  ? 13.874  6.591   1.159   1.00 65.59  ? 67  ILE A CG2 1 
ATOM   546  C  CD1 . ILE A 1 68  ? 11.099  4.087   1.993   1.00 81.51  ? 67  ILE A CD1 1 
ATOM   547  N  N   . GLN A 1 69  ? 16.144  4.133   0.122   1.00 69.70  ? 68  GLN A N   1 
ATOM   548  C  CA  . GLN A 1 69  ? 17.416  4.346   -0.610  1.00 69.27  ? 68  GLN A CA  1 
ATOM   549  C  C   . GLN A 1 69  ? 17.435  3.692   -1.995  1.00 67.69  ? 68  GLN A C   1 
ATOM   550  O  O   . GLN A 1 69  ? 17.961  4.268   -2.950  1.00 66.00  ? 68  GLN A O   1 
ATOM   551  C  CB  . GLN A 1 69  ? 18.633  3.878   0.217   1.00 69.75  ? 68  GLN A CB  1 
ATOM   552  C  CG  . GLN A 1 69  ? 19.375  5.029   0.866   1.00 75.76  ? 68  GLN A CG  1 
ATOM   553  C  CD  . GLN A 1 69  ? 20.197  5.846   -0.148  1.00 79.09  ? 68  GLN A CD  1 
ATOM   554  O  OE1 . GLN A 1 69  ? 20.921  5.289   -0.976  1.00 80.40  ? 68  GLN A OE1 1 
ATOM   555  N  NE2 . GLN A 1 69  ? 20.094  7.169   -0.067  1.00 82.96  ? 68  GLN A NE2 1 
ATOM   556  N  N   . ARG A 1 70  ? 16.856  2.496   -2.073  1.00 68.30  ? 69  ARG A N   1 
ATOM   557  C  CA  . ARG A 1 70  ? 16.694  1.748   -3.318  1.00 67.86  ? 69  ARG A CA  1 
ATOM   558  C  C   . ARG A 1 70  ? 15.799  2.551   -4.268  1.00 66.63  ? 69  ARG A C   1 
ATOM   559  O  O   . ARG A 1 70  ? 16.134  2.726   -5.437  1.00 68.24  ? 69  ARG A O   1 
ATOM   560  C  CB  . ARG A 1 70  ? 16.085  0.367   -3.007  1.00 69.55  ? 69  ARG A CB  1 
ATOM   561  C  CG  . ARG A 1 70  ? 15.954  -0.635  -4.146  1.00 73.26  ? 69  ARG A CG  1 
ATOM   562  C  CD  . ARG A 1 70  ? 17.265  -0.835  -4.829  1.00 90.40  ? 69  ARG A CD  1 
ATOM   563  N  NE  . ARG A 1 70  ? 17.415  -2.149  -5.466  1.00 97.63  ? 69  ARG A NE  1 
ATOM   564  C  CZ  . ARG A 1 70  ? 18.202  -3.159  -5.043  1.00 102.79 ? 69  ARG A CZ  1 
ATOM   565  N  NH1 . ARG A 1 70  ? 18.993  -3.069  -3.954  1.00 101.81 ? 69  ARG A NH1 1 
ATOM   566  N  NH2 . ARG A 1 70  ? 18.221  -4.296  -5.749  1.00 104.61 ? 69  ARG A NH2 1 
HETATM 567  N  N   . MSE A 1 71  ? 14.679  3.060   -3.745  1.00 64.65  ? 70  MSE A N   1 
HETATM 568  C  CA  . MSE A 1 71  ? 13.770  3.935   -4.507  1.00 61.47  ? 70  MSE A CA  1 
HETATM 569  C  C   . MSE A 1 71  ? 14.436  5.274   -4.870  1.00 63.09  ? 70  MSE A C   1 
HETATM 570  O  O   . MSE A 1 71  ? 14.071  5.891   -5.863  1.00 61.48  ? 70  MSE A O   1 
HETATM 571  C  CB  . MSE A 1 71  ? 12.454  4.188   -3.737  1.00 59.75  ? 70  MSE A CB  1 
HETATM 572  C  CG  . MSE A 1 71  ? 11.604  2.946   -3.531  1.00 58.31  ? 70  MSE A CG  1 
HETATM 573  SE SE  . MSE A 1 71  ? 9.876   3.297   -2.625  0.75 52.81  ? 70  MSE A SE  1 
HETATM 574  C  CE  . MSE A 1 71  ? 8.826   4.030   -4.121  1.00 59.45  ? 70  MSE A CE  1 
ATOM   575  N  N   . LYS A 1 72  ? 15.389  5.722   -4.051  1.00 66.06  ? 71  LYS A N   1 
ATOM   576  C  CA  . LYS A 1 72  ? 16.122  6.959   -4.301  1.00 69.52  ? 71  LYS A CA  1 
ATOM   577  C  C   . LYS A 1 72  ? 17.043  6.805   -5.527  1.00 70.93  ? 71  LYS A C   1 
ATOM   578  O  O   . LYS A 1 72  ? 17.019  7.670   -6.410  1.00 69.77  ? 71  LYS A O   1 
ATOM   579  C  CB  . LYS A 1 72  ? 16.914  7.413   -3.057  1.00 68.78  ? 71  LYS A CB  1 
ATOM   580  C  CG  . LYS A 1 72  ? 17.349  8.879   -3.090  1.00 68.60  ? 71  LYS A CG  1 
ATOM   581  C  CD  . LYS A 1 72  ? 18.330  9.198   -1.968  1.00 70.76  ? 71  LYS A CD  1 
ATOM   582  C  CE  . LYS A 1 72  ? 18.713  10.684  -1.920  1.00 70.68  ? 71  LYS A CE  1 
ATOM   583  N  NZ  . LYS A 1 72  ? 19.213  11.184  -3.202  1.00 75.25  ? 71  LYS A NZ  1 
ATOM   584  N  N   . ARG A 1 73  ? 17.817  5.706   -5.583  1.00 72.84  ? 72  ARG A N   1 
ATOM   585  C  CA  . ARG A 1 73  ? 18.736  5.439   -6.712  1.00 74.25  ? 72  ARG A CA  1 
ATOM   586  C  C   . ARG A 1 73  ? 17.914  5.122   -7.986  1.00 74.17  ? 72  ARG A C   1 
ATOM   587  O  O   . ARG A 1 73  ? 18.296  5.556   -9.078  1.00 74.76  ? 72  ARG A O   1 
ATOM   588  C  CB  . ARG A 1 73  ? 19.790  4.333   -6.404  1.00 75.74  ? 72  ARG A CB  1 
ATOM   589  C  CG  . ARG A 1 73  ? 19.354  2.906   -6.760  1.00 79.75  ? 72  ARG A CG  1 
ATOM   590  C  CD  . ARG A 1 73  ? 20.333  1.770   -6.461  1.00 79.89  ? 72  ARG A CD  1 
ATOM   591  N  NE  . ARG A 1 73  ? 20.096  0.431   -7.085  1.00 85.13  ? 72  ARG A NE  1 
ATOM   592  C  CZ  . ARG A 1 73  ? 18.983  -0.088  -7.662  1.00 86.04  ? 72  ARG A CZ  1 
ATOM   593  N  NH1 . ARG A 1 73  ? 17.800  0.526   -7.747  1.00 84.37  ? 72  ARG A NH1 1 
ATOM   594  N  NH2 . ARG A 1 73  ? 19.042  -1.336  -8.161  1.00 84.82  ? 72  ARG A NH2 1 
ATOM   595  N  N   . ASP A 1 74  ? 16.822  4.351   -7.837  1.00 73.24  ? 73  ASP A N   1 
ATOM   596  C  CA  . ASP A 1 74  ? 15.868  4.074   -8.933  1.00 73.26  ? 73  ASP A CA  1 
ATOM   597  C  C   . ASP A 1 74  ? 15.225  5.324   -9.521  1.00 72.24  ? 73  ASP A C   1 
ATOM   598  O  O   . ASP A 1 74  ? 14.674  5.258   -10.616 1.00 72.87  ? 73  ASP A O   1 
ATOM   599  C  CB  . ASP A 1 74  ? 14.713  3.136   -8.493  1.00 74.89  ? 73  ASP A CB  1 
ATOM   600  C  CG  . ASP A 1 74  ? 15.064  1.669   -8.576  1.00 78.81  ? 73  ASP A CG  1 
ATOM   601  O  OD1 . ASP A 1 74  ? 15.789  1.277   -9.517  1.00 87.02  ? 73  ASP A OD1 1 
ATOM   602  O  OD2 . ASP A 1 74  ? 14.601  0.883   -7.720  1.00 85.43  ? 73  ASP A OD2 1 
ATOM   603  N  N   . GLY A 1 75  ? 15.224  6.424   -8.767  1.00 71.18  ? 74  GLY A N   1 
ATOM   604  C  CA  . GLY A 1 75  ? 14.734  7.710   -9.239  1.00 70.52  ? 74  GLY A CA  1 
ATOM   605  C  C   . GLY A 1 75  ? 13.269  7.992   -9.015  1.00 68.77  ? 74  GLY A C   1 
ATOM   606  O  O   . GLY A 1 75  ? 12.757  8.939   -9.587  1.00 67.64  ? 74  GLY A O   1 
ATOM   607  N  N   . TYR A 1 76  ? 12.608  7.202   -8.171  1.00 69.54  ? 75  TYR A N   1 
ATOM   608  C  CA  . TYR A 1 76  ? 11.198  7.401   -7.851  1.00 69.63  ? 75  TYR A CA  1 
ATOM   609  C  C   . TYR A 1 76  ? 11.009  8.487   -6.789  1.00 69.39  ? 75  TYR A C   1 
ATOM   610  O  O   . TYR A 1 76  ? 10.132  9.332   -6.932  1.00 69.32  ? 75  TYR A O   1 
ATOM   611  C  CB  . TYR A 1 76  ? 10.554  6.113   -7.351  1.00 71.56  ? 75  TYR A CB  1 
ATOM   612  C  CG  . TYR A 1 76  ? 10.623  4.927   -8.295  1.00 74.45  ? 75  TYR A CG  1 
ATOM   613  C  CD1 . TYR A 1 76  ? 10.007  4.961   -9.555  1.00 74.50  ? 75  TYR A CD1 1 
ATOM   614  C  CD2 . TYR A 1 76  ? 11.254  3.735   -7.904  1.00 78.87  ? 75  TYR A CD2 1 
ATOM   615  C  CE1 . TYR A 1 76  ? 10.057  3.842   -10.425 1.00 74.78  ? 75  TYR A CE1 1 
ATOM   616  C  CE2 . TYR A 1 76  ? 11.300  2.611   -8.759  1.00 79.22  ? 75  TYR A CE2 1 
ATOM   617  C  CZ  . TYR A 1 76  ? 10.705  2.673   -10.014 1.00 76.28  ? 75  TYR A CZ  1 
ATOM   618  O  OH  . TYR A 1 76  ? 10.768  1.564   -10.819 1.00 74.75  ? 75  TYR A OH  1 
ATOM   619  N  N   . VAL A 1 77  ? 11.814  8.437   -5.721  1.00 70.43  ? 76  VAL A N   1 
ATOM   620  C  CA  . VAL A 1 77  ? 11.741  9.388   -4.590  1.00 68.91  ? 76  VAL A CA  1 
ATOM   621  C  C   . VAL A 1 77  ? 13.046  10.150  -4.386  1.00 69.12  ? 76  VAL A C   1 
ATOM   622  O  O   . VAL A 1 77  ? 14.109  9.711   -4.833  1.00 69.42  ? 76  VAL A O   1 
ATOM   623  C  CB  . VAL A 1 77  ? 11.390  8.682   -3.249  1.00 69.18  ? 76  VAL A CB  1 
ATOM   624  C  CG1 . VAL A 1 77  ? 10.110  7.855   -3.387  1.00 66.28  ? 76  VAL A CG1 1 
ATOM   625  C  CG2 . VAL A 1 77  ? 12.551  7.804   -2.747  1.00 63.31  ? 76  VAL A CG2 1 
HETATM 626  N  N   . MSE A 1 78  ? 12.936  11.289  -3.696  1.00 70.16  ? 77  MSE A N   1 
HETATM 627  C  CA  . MSE A 1 78  ? 14.066  12.164  -3.340  1.00 69.50  ? 77  MSE A CA  1 
HETATM 628  C  C   . MSE A 1 78  ? 13.995  12.488  -1.844  1.00 69.84  ? 77  MSE A C   1 
HETATM 629  O  O   . MSE A 1 78  ? 12.924  12.831  -1.337  1.00 70.53  ? 77  MSE A O   1 
HETATM 630  C  CB  . MSE A 1 78  ? 14.002  13.452  -4.152  1.00 69.15  ? 77  MSE A CB  1 
HETATM 631  C  CG  . MSE A 1 78  ? 15.120  14.454  -3.893  1.00 70.33  ? 77  MSE A CG  1 
HETATM 632  SE SE  . MSE A 1 78  ? 16.905  13.681  -4.055  0.75 70.63  ? 77  MSE A SE  1 
HETATM 633  C  CE  . MSE A 1 78  ? 16.905  13.252  -5.977  1.00 69.00  ? 77  MSE A CE  1 
ATOM   634  N  N   . THR A 1 79  ? 15.131  12.367  -1.156  1.00 69.35  ? 78  THR A N   1 
ATOM   635  C  CA  . THR A 1 79  ? 15.243  12.640  0.283   1.00 69.14  ? 78  THR A CA  1 
ATOM   636  C  C   . THR A 1 79  ? 16.204  13.810  0.551   1.00 71.10  ? 78  THR A C   1 
ATOM   637  O  O   . THR A 1 79  ? 17.196  14.004  -0.174  1.00 68.01  ? 78  THR A O   1 
ATOM   638  C  CB  . THR A 1 79  ? 15.662  11.381  1.096   1.00 68.66  ? 78  THR A CB  1 
ATOM   639  O  OG1 . THR A 1 79  ? 17.008  11.007  0.795   1.00 61.87  ? 78  THR A OG1 1 
ATOM   640  C  CG2 . THR A 1 79  ? 14.715  10.196  0.799   1.00 66.21  ? 78  THR A CG2 1 
ATOM   641  N  N   . GLU A 1 80  ? 15.888  14.574  1.597   1.00 74.24  ? 79  GLU A N   1 
ATOM   642  C  CA  . GLU A 1 80  ? 16.676  15.734  2.012   1.00 77.43  ? 79  GLU A CA  1 
ATOM   643  C  C   . GLU A 1 80  ? 16.503  16.021  3.511   1.00 79.02  ? 79  GLU A C   1 
ATOM   644  O  O   . GLU A 1 80  ? 15.432  15.771  4.072   1.00 79.15  ? 79  GLU A O   1 
ATOM   645  C  CB  . GLU A 1 80  ? 16.272  16.962  1.182   1.00 76.95  ? 79  GLU A CB  1 
ATOM   646  C  CG  . GLU A 1 80  ? 14.817  17.444  1.392   1.00 79.52  ? 79  GLU A CG  1 
ATOM   647  C  CD  . GLU A 1 80  ? 14.374  18.571  0.445   1.00 80.07  ? 79  GLU A CD  1 
ATOM   648  O  OE1 . GLU A 1 80  ? 15.074  18.888  -0.555  1.00 78.16  ? 79  GLU A OE1 1 
ATOM   649  O  OE2 . GLU A 1 80  ? 13.286  19.131  0.712   1.00 83.21  ? 79  GLU A OE2 1 
ATOM   650  N  N   . LYS A 1 81  ? 17.554  16.551  4.139   1.00 81.31  ? 80  LYS A N   1 
ATOM   651  C  CA  . LYS A 1 81  ? 17.513  16.923  5.555   1.00 83.80  ? 80  LYS A CA  1 
ATOM   652  C  C   . LYS A 1 81  ? 16.674  18.195  5.711   1.00 85.25  ? 80  LYS A C   1 
ATOM   653  O  O   . LYS A 1 81  ? 16.819  19.130  4.916   1.00 84.39  ? 80  LYS A O   1 
ATOM   654  C  CB  . LYS A 1 81  ? 18.926  17.148  6.111   1.00 82.28  ? 80  LYS A CB  1 
ATOM   655  N  N   . ASN A 1 82  ? 15.787  18.208  6.712   1.00 88.45  ? 81  ASN A N   1 
ATOM   656  C  CA  . ASN A 1 82  ? 14.949  19.378  7.021   1.00 90.81  ? 81  ASN A CA  1 
ATOM   657  C  C   . ASN A 1 82  ? 15.861  20.500  7.555   1.00 93.06  ? 81  ASN A C   1 
ATOM   658  O  O   . ASN A 1 82  ? 16.538  20.278  8.573   1.00 93.66  ? 81  ASN A O   1 
ATOM   659  C  CB  . ASN A 1 82  ? 13.886  19.017  8.076   1.00 90.90  ? 81  ASN A CB  1 
ATOM   660  C  CG  . ASN A 1 82  ? 12.970  20.193  8.452   1.00 90.95  ? 81  ASN A CG  1 
ATOM   661  O  OD1 . ASN A 1 82  ? 12.847  21.184  7.722   1.00 97.72  ? 81  ASN A OD1 1 
ATOM   662  N  ND2 . ASN A 1 82  ? 12.306  20.065  9.597   1.00 92.08  ? 81  ASN A ND2 1 
ATOM   663  N  N   . PRO A 1 83  ? 15.900  21.691  6.877   1.00 94.50  ? 82  PRO A N   1 
ATOM   664  C  CA  . PRO A 1 83  ? 16.750  22.811  7.380   1.00 94.51  ? 82  PRO A CA  1 
ATOM   665  C  C   . PRO A 1 83  ? 16.457  23.301  8.824   1.00 95.38  ? 82  PRO A C   1 
ATOM   666  O  O   . PRO A 1 83  ? 17.326  23.936  9.435   1.00 94.79  ? 82  PRO A O   1 
ATOM   667  C  CB  . PRO A 1 83  ? 16.516  23.929  6.354   1.00 94.93  ? 82  PRO A CB  1 
ATOM   668  C  CG  . PRO A 1 83  ? 16.033  23.227  5.128   1.00 95.60  ? 82  PRO A CG  1 
ATOM   669  C  CD  . PRO A 1 83  ? 15.223  22.072  5.620   1.00 94.20  ? 82  PRO A CD  1 
ATOM   670  N  N   . ASN A 1 84  ? 15.248  23.013  9.335   1.00 95.71  ? 83  ASN A N   1 
ATOM   671  C  CA  . ASN A 1 84  ? 14.858  23.315  10.721  1.00 95.11  ? 83  ASN A CA  1 
ATOM   672  C  C   . ASN A 1 84  ? 15.510  22.303  11.692  1.00 94.93  ? 83  ASN A C   1 
ATOM   673  O  O   . ASN A 1 84  ? 16.401  22.685  12.465  1.00 95.33  ? 83  ASN A O   1 
ATOM   674  C  CB  . ASN A 1 84  ? 13.318  23.331  10.886  1.00 95.47  ? 83  ASN A CB  1 
ATOM   675  C  CG  . ASN A 1 84  ? 12.622  24.360  9.981   1.00 96.19  ? 83  ASN A CG  1 
ATOM   676  O  OD1 . ASN A 1 84  ? 13.262  25.077  9.205   1.00 93.94  ? 83  ASN A OD1 1 
ATOM   677  N  ND2 . ASN A 1 84  ? 11.298  24.420  10.078  1.00 95.32  ? 83  ASN A ND2 1 
ATOM   678  N  N   . ASP A 1 85  ? 15.089  21.028  11.612  1.00 93.10  ? 84  ASP A N   1 
ATOM   679  C  CA  . ASP A 1 85  ? 15.586  19.921  12.462  1.00 92.19  ? 84  ASP A CA  1 
ATOM   680  C  C   . ASP A 1 85  ? 16.535  19.011  11.650  1.00 91.37  ? 84  ASP A C   1 
ATOM   681  O  O   . ASP A 1 85  ? 16.078  18.208  10.836  1.00 91.64  ? 84  ASP A O   1 
ATOM   682  C  CB  . ASP A 1 85  ? 14.391  19.120  13.024  1.00 91.70  ? 84  ASP A CB  1 
ATOM   683  C  CG  . ASP A 1 85  ? 14.804  17.953  13.961  1.00 91.87  ? 84  ASP A CG  1 
ATOM   684  O  OD1 . ASP A 1 85  ? 15.920  17.941  14.534  1.00 89.44  ? 84  ASP A OD1 1 
ATOM   685  O  OD2 . ASP A 1 85  ? 13.972  17.039  14.142  1.00 83.65  ? 84  ASP A OD2 1 
ATOM   686  N  N   . GLN A 1 86  ? 17.842  19.127  11.907  1.00 90.61  ? 85  GLN A N   1 
ATOM   687  C  CA  . GLN A 1 86  ? 18.895  18.348  11.209  1.00 89.77  ? 85  GLN A CA  1 
ATOM   688  C  C   . GLN A 1 86  ? 18.836  16.821  11.379  1.00 88.66  ? 85  GLN A C   1 
ATOM   689  O  O   . GLN A 1 86  ? 19.328  16.091  10.518  1.00 88.80  ? 85  GLN A O   1 
ATOM   690  C  CB  . GLN A 1 86  ? 20.294  18.836  11.623  1.00 90.91  ? 85  GLN A CB  1 
ATOM   691  N  N   . ARG A 1 87  ? 18.220  16.345  12.462  1.00 87.54  ? 86  ARG A N   1 
ATOM   692  C  CA  . ARG A 1 87  ? 18.075  14.902  12.732  1.00 86.27  ? 86  ARG A CA  1 
ATOM   693  C  C   . ARG A 1 87  ? 16.788  14.300  12.077  1.00 85.52  ? 86  ARG A C   1 
ATOM   694  O  O   . ARG A 1 87  ? 16.395  13.166  12.409  1.00 85.07  ? 86  ARG A O   1 
ATOM   695  C  CB  . ARG A 1 87  ? 18.122  14.681  14.266  1.00 87.67  ? 86  ARG A CB  1 
ATOM   696  C  CG  . ARG A 1 87  ? 18.529  13.272  14.767  1.00 87.60  ? 86  ARG A CG  1 
ATOM   697  C  CD  . ARG A 1 87  ? 18.854  13.282  16.265  1.00 84.33  ? 86  ARG A CD  1 
ATOM   698  N  N   . GLU A 1 88  ? 16.167  15.049  11.143  1.00 84.42  ? 87  GLU A N   1 
ATOM   699  C  CA  . GLU A 1 88  ? 14.930  14.672  10.419  1.00 81.94  ? 87  GLU A CA  1 
ATOM   700  C  C   . GLU A 1 88  ? 15.155  14.676  8.893   1.00 78.28  ? 87  GLU A C   1 
ATOM   701  O  O   . GLU A 1 88  ? 15.765  15.610  8.360   1.00 76.55  ? 87  GLU A O   1 
ATOM   702  C  CB  . GLU A 1 88  ? 13.817  15.678  10.746  1.00 82.29  ? 87  GLU A CB  1 
ATOM   703  C  CG  . GLU A 1 88  ? 12.417  15.265  10.285  1.00 84.65  ? 87  GLU A CG  1 
ATOM   704  C  CD  . GLU A 1 88  ? 11.369  16.325  10.573  1.00 85.57  ? 87  GLU A CD  1 
ATOM   705  O  OE1 . GLU A 1 88  ? 11.550  17.483  10.120  1.00 93.83  ? 87  GLU A OE1 1 
ATOM   706  O  OE2 . GLU A 1 88  ? 10.347  15.984  11.222  1.00 91.08  ? 87  GLU A OE2 1 
ATOM   707  N  N   . THR A 1 89  ? 14.615  13.659  8.215   1.00 75.51  ? 88  THR A N   1 
ATOM   708  C  CA  . THR A 1 89  ? 14.716  13.486  6.764   1.00 74.20  ? 88  THR A CA  1 
ATOM   709  C  C   . THR A 1 89  ? 13.336  13.662  6.133   1.00 72.26  ? 88  THR A C   1 
ATOM   710  O  O   . THR A 1 89  ? 12.390  12.979  6.530   1.00 70.63  ? 88  THR A O   1 
ATOM   711  C  CB  . THR A 1 89  ? 15.240  12.078  6.412   1.00 72.56  ? 88  THR A CB  1 
ATOM   712  O  OG1 . THR A 1 89  ? 16.488  11.865  7.059   1.00 72.55  ? 88  THR A OG1 1 
ATOM   713  C  CG2 . THR A 1 89  ? 15.444  11.918  4.910   1.00 69.86  ? 88  THR A CG2 1 
ATOM   714  N  N   . LEU A 1 90  ? 13.235  14.574  5.162   1.00 71.14  ? 89  LEU A N   1 
ATOM   715  C  CA  . LEU A 1 90  ? 11.992  14.814  4.401   1.00 70.79  ? 89  LEU A CA  1 
ATOM   716  C  C   . LEU A 1 90  ? 12.065  13.983  3.128   1.00 69.07  ? 89  LEU A C   1 
ATOM   717  O  O   . LEU A 1 90  ? 13.139  13.902  2.526   1.00 67.22  ? 89  LEU A O   1 
ATOM   718  C  CB  . LEU A 1 90  ? 11.847  16.292  4.033   1.00 71.29  ? 89  LEU A CB  1 
ATOM   719  C  CG  . LEU A 1 90  ? 11.750  17.290  5.191   1.00 74.21  ? 89  LEU A CG  1 
ATOM   720  C  CD1 . LEU A 1 90  ? 11.949  18.735  4.713   1.00 72.34  ? 89  LEU A CD1 1 
ATOM   721  C  CD2 . LEU A 1 90  ? 10.429  17.110  5.948   1.00 74.91  ? 89  LEU A CD2 1 
ATOM   722  N  N   . VAL A 1 91  ? 10.937  13.388  2.723   1.00 67.61  ? 90  VAL A N   1 
ATOM   723  C  CA  . VAL A 1 91  ? 10.853  12.524  1.527   1.00 67.34  ? 90  VAL A CA  1 
ATOM   724  C  C   . VAL A 1 91  ? 9.711   12.980  0.600   1.00 67.48  ? 90  VAL A C   1 
ATOM   725  O  O   . VAL A 1 91  ? 8.664   13.436  1.062   1.00 66.33  ? 90  VAL A O   1 
ATOM   726  C  CB  . VAL A 1 91  ? 10.593  11.043  1.910   1.00 67.24  ? 90  VAL A CB  1 
ATOM   727  C  CG1 . VAL A 1 91  ? 10.832  10.128  0.711   1.00 64.07  ? 90  VAL A CG1 1 
ATOM   728  C  CG2 . VAL A 1 91  ? 11.484  10.610  3.061   1.00 69.67  ? 90  VAL A CG2 1 
ATOM   729  N  N   . TYR A 1 92  ? 9.911   12.837  -0.706  1.00 68.61  ? 91  TYR A N   1 
ATOM   730  C  CA  . TYR A 1 92  ? 8.906   13.239  -1.700  1.00 68.44  ? 91  TYR A CA  1 
ATOM   731  C  C   . TYR A 1 92  ? 9.125   12.572  -3.051  1.00 69.18  ? 91  TYR A C   1 
ATOM   732  O  O   . TYR A 1 92  ? 10.226  12.087  -3.337  1.00 68.63  ? 91  TYR A O   1 
ATOM   733  C  CB  . TYR A 1 92  ? 8.855   14.779  -1.845  1.00 66.38  ? 91  TYR A CB  1 
ATOM   734  C  CG  . TYR A 1 92  ? 10.144  15.457  -2.259  1.00 65.84  ? 91  TYR A CG  1 
ATOM   735  C  CD1 . TYR A 1 92  ? 11.176  15.673  -1.331  1.00 67.24  ? 91  TYR A CD1 1 
ATOM   736  C  CD2 . TYR A 1 92  ? 10.324  15.942  -3.567  1.00 62.48  ? 91  TYR A CD2 1 
ATOM   737  C  CE1 . TYR A 1 92  ? 12.384  16.315  -1.702  1.00 63.03  ? 91  TYR A CE1 1 
ATOM   738  C  CE2 . TYR A 1 92  ? 11.524  16.599  -3.949  1.00 61.56  ? 91  TYR A CE2 1 
ATOM   739  C  CZ  . TYR A 1 92  ? 12.548  16.779  -3.010  1.00 66.08  ? 91  TYR A CZ  1 
ATOM   740  O  OH  . TYR A 1 92  ? 13.726  17.418  -3.361  1.00 66.49  ? 91  TYR A OH  1 
ATOM   741  N  N   . LEU A 1 93  ? 8.058   12.532  -3.856  1.00 69.67  ? 92  LEU A N   1 
ATOM   742  C  CA  . LEU A 1 93  ? 8.124   11.978  -5.214  1.00 67.96  ? 92  LEU A CA  1 
ATOM   743  C  C   . LEU A 1 93  ? 8.880   12.900  -6.157  1.00 67.08  ? 92  LEU A C   1 
ATOM   744  O  O   . LEU A 1 93  ? 8.765   14.119  -6.061  1.00 65.77  ? 92  LEU A O   1 
ATOM   745  C  CB  . LEU A 1 93  ? 6.726   11.739  -5.811  1.00 68.01  ? 92  LEU A CB  1 
ATOM   746  C  CG  . LEU A 1 93  ? 5.895   10.572  -5.284  1.00 67.96  ? 92  LEU A CG  1 
ATOM   747  C  CD1 . LEU A 1 93  ? 4.559   10.545  -6.009  1.00 67.13  ? 92  LEU A CD1 1 
ATOM   748  C  CD2 . LEU A 1 93  ? 6.617   9.242   -5.460  1.00 60.12  ? 92  LEU A CD2 1 
ATOM   749  N  N   . THR A 1 94  ? 9.644   12.291  -7.062  1.00 67.35  ? 93  THR A N   1 
ATOM   750  C  CA  . THR A 1 94  ? 10.334  12.996  -8.134  1.00 68.07  ? 93  THR A CA  1 
ATOM   751  C  C   . THR A 1 94  ? 9.342   13.034  -9.308  1.00 69.39  ? 93  THR A C   1 
ATOM   752  O  O   . THR A 1 94  ? 8.246   12.436  -9.226  1.00 67.73  ? 93  THR A O   1 
ATOM   753  C  CB  . THR A 1 94  ? 11.601  12.246  -8.595  1.00 67.92  ? 93  THR A CB  1 
ATOM   754  O  OG1 . THR A 1 94  ? 11.231  10.971  -9.143  1.00 68.78  ? 93  THR A OG1 1 
ATOM   755  C  CG2 . THR A 1 94  ? 12.583  12.050  -7.431  1.00 68.92  ? 93  THR A CG2 1 
ATOM   756  N  N   . LYS A 1 95  ? 9.738   13.709  -10.398 1.00 69.76  ? 94  LYS A N   1 
ATOM   757  C  CA  . LYS A 1 95  ? 8.911   13.782  -11.614 1.00 69.49  ? 94  LYS A CA  1 
ATOM   758  C  C   . LYS A 1 95  ? 8.638   12.362  -12.158 1.00 69.44  ? 94  LYS A C   1 
ATOM   759  O  O   . LYS A 1 95  ? 7.482   12.032  -12.466 1.00 68.06  ? 94  LYS A O   1 
ATOM   760  C  CB  . LYS A 1 95  ? 9.557   14.683  -12.667 1.00 68.97  ? 94  LYS A CB  1 
ATOM   761  C  CG  . LYS A 1 95  ? 8.640   15.027  -13.843 1.00 70.68  ? 94  LYS A CG  1 
ATOM   762  C  CD  . LYS A 1 95  ? 9.244   16.159  -14.694 1.00 70.75  ? 94  LYS A CD  1 
ATOM   763  C  CE  . LYS A 1 95  ? 8.430   16.446  -15.946 1.00 71.72  ? 94  LYS A CE  1 
ATOM   764  N  NZ  . LYS A 1 95  ? 9.095   17.478  -16.819 1.00 71.91  ? 94  LYS A NZ  1 
ATOM   765  N  N   . LYS A 1 96  ? 9.693   11.532  -12.211 1.00 69.32  ? 95  LYS A N   1 
ATOM   766  C  CA  . LYS A 1 96  ? 9.607   10.114  -12.626 1.00 69.12  ? 95  LYS A CA  1 
ATOM   767  C  C   . LYS A 1 96  ? 8.621   9.309   -11.762 1.00 70.49  ? 95  LYS A C   1 
ATOM   768  O  O   . LYS A 1 96  ? 7.847   8.512   -12.283 1.00 71.40  ? 95  LYS A O   1 
ATOM   769  C  CB  . LYS A 1 96  ? 10.997  9.446   -12.563 1.00 68.79  ? 95  LYS A CB  1 
ATOM   770  C  CG  . LYS A 1 96  ? 11.021  7.958   -12.971 1.00 68.80  ? 95  LYS A CG  1 
ATOM   771  C  CD  . LYS A 1 96  ? 12.357  7.278   -12.759 1.00 66.79  ? 95  LYS A CD  1 
ATOM   772  C  CE  . LYS A 1 96  ? 12.237  5.808   -13.135 1.00 64.46  ? 95  LYS A CE  1 
ATOM   773  N  NZ  . LYS A 1 96  ? 13.482  5.025   -12.998 1.00 63.53  ? 95  LYS A NZ  1 
ATOM   774  N  N   . GLY A 1 97  ? 8.695   9.480   -10.446 1.00 71.33  ? 96  GLY A N   1 
ATOM   775  C  CA  . GLY A 1 97  ? 7.776   8.789   -9.523  1.00 72.94  ? 96  GLY A CA  1 
ATOM   776  C  C   . GLY A 1 97  ? 6.330   9.253   -9.658  1.00 73.11  ? 96  GLY A C   1 
ATOM   777  O  O   . GLY A 1 97  ? 5.389   8.474   -9.449  1.00 71.47  ? 96  GLY A O   1 
ATOM   778  N  N   . GLU A 1 98  ? 6.171   10.535  -9.993  1.00 72.98  ? 97  GLU A N   1 
ATOM   779  C  CA  . GLU A 1 98  ? 4.863   11.139  -10.217 1.00 73.61  ? 97  GLU A CA  1 
ATOM   780  C  C   . GLU A 1 98  ? 4.239   10.493  -11.481 1.00 72.26  ? 97  GLU A C   1 
ATOM   781  O  O   . GLU A 1 98  ? 3.055   10.146  -11.504 1.00 71.35  ? 97  GLU A O   1 
ATOM   782  C  CB  . GLU A 1 98  ? 5.007   12.656  -10.420 1.00 75.03  ? 97  GLU A CB  1 
ATOM   783  C  CG  . GLU A 1 98  ? 3.799   13.471  -9.966  1.00 83.78  ? 97  GLU A CG  1 
ATOM   784  C  CD  . GLU A 1 98  ? 4.048   14.207  -8.659  1.00 92.64  ? 97  GLU A CD  1 
ATOM   785  O  OE1 . GLU A 1 98  ? 4.733   15.266  -8.740  1.00 92.60  ? 97  GLU A OE1 1 
ATOM   786  O  OE2 . GLU A 1 98  ? 3.546   13.752  -7.592  1.00 93.82  ? 97  GLU A OE2 1 
ATOM   787  N  N   . GLU A 1 99  ? 5.076   10.358  -12.516 1.00 72.08  ? 98  GLU A N   1 
ATOM   788  C  CA  . GLU A 1 99  ? 4.739   9.721   -13.793 1.00 71.81  ? 98  GLU A CA  1 
ATOM   789  C  C   . GLU A 1 99  ? 4.501   8.214   -13.614 1.00 69.96  ? 98  GLU A C   1 
ATOM   790  O  O   . GLU A 1 99  ? 3.580   7.664   -14.213 1.00 70.83  ? 98  GLU A O   1 
ATOM   791  C  CB  . GLU A 1 99  ? 5.831   10.015  -14.863 1.00 70.97  ? 98  GLU A CB  1 
ATOM   792  C  CG  . GLU A 1 99  ? 5.874   11.512  -15.330 1.00 71.12  ? 98  GLU A CG  1 
ATOM   793  C  CD  . GLU A 1 99  ? 7.161   11.932  -16.132 1.00 76.68  ? 98  GLU A CD  1 
ATOM   794  O  OE1 . GLU A 1 99  ? 8.158   11.157  -16.188 1.00 82.04  ? 98  GLU A OE1 1 
ATOM   795  O  OE2 . GLU A 1 99  ? 7.175   13.063  -16.710 1.00 78.84  ? 98  GLU A OE2 1 
ATOM   796  N  N   . THR A 1 100 ? 5.325   7.559   -12.793 1.00 69.50  ? 99  THR A N   1 
ATOM   797  C  CA  . THR A 1 100 ? 5.165   6.118   -12.478 1.00 69.99  ? 99  THR A CA  1 
ATOM   798  C  C   . THR A 1 100 ? 3.797   5.824   -11.837 1.00 68.98  ? 99  THR A C   1 
ATOM   799  O  O   . THR A 1 100 ? 3.181   4.810   -12.171 1.00 66.75  ? 99  THR A O   1 
ATOM   800  C  CB  . THR A 1 100 ? 6.313   5.578   -11.572 1.00 69.08  ? 99  THR A CB  1 
ATOM   801  O  OG1 . THR A 1 100 ? 7.559   5.744   -12.252 1.00 65.11  ? 99  THR A OG1 1 
ATOM   802  C  CG2 . THR A 1 100 ? 6.131   4.094   -11.235 1.00 68.38  ? 99  THR A CG2 1 
ATOM   803  N  N   . LYS A 1 101 ? 3.330   6.714   -10.950 1.00 70.13  ? 100 LYS A N   1 
ATOM   804  C  CA  . LYS A 1 101 ? 2.005   6.573   -10.327 1.00 71.58  ? 100 LYS A CA  1 
ATOM   805  C  C   . LYS A 1 101 ? 0.888   6.560   -11.380 1.00 70.78  ? 100 LYS A C   1 
ATOM   806  O  O   . LYS A 1 101 ? 0.007   5.703   -11.323 1.00 70.13  ? 100 LYS A O   1 
ATOM   807  C  CB  . LYS A 1 101 ? 1.711   7.697   -9.345  1.00 72.31  ? 100 LYS A CB  1 
ATOM   808  C  CG  . LYS A 1 101 ? 0.409   7.458   -8.554  1.00 74.27  ? 100 LYS A CG  1 
ATOM   809  C  CD  . LYS A 1 101 ? -0.060  8.708   -7.864  1.00 78.76  ? 100 LYS A CD  1 
ATOM   810  C  CE  . LYS A 1 101 ? -1.412  8.488   -7.180  1.00 87.01  ? 100 LYS A CE  1 
ATOM   811  N  NZ  . LYS A 1 101 ? -2.550  8.367   -8.145  1.00 85.71  ? 100 LYS A NZ  1 
ATOM   812  N  N   . LYS A 1 102 ? 0.941   7.524   -12.308 1.00 69.33  ? 101 LYS A N   1 
ATOM   813  C  CA  . LYS A 1 102 ? -0.027  7.654   -13.402 1.00 68.49  ? 101 LYS A CA  1 
ATOM   814  C  C   . LYS A 1 102 ? -0.148  6.350   -14.192 1.00 68.75  ? 101 LYS A C   1 
ATOM   815  O  O   . LYS A 1 102 ? -1.266  5.846   -14.409 1.00 68.20  ? 101 LYS A O   1 
ATOM   816  C  CB  . LYS A 1 102 ? 0.365   8.806   -14.343 1.00 65.77  ? 101 LYS A CB  1 
ATOM   817  N  N   . GLN A 1 103 ? 1.003   5.805   -14.587 1.00 68.18  ? 102 GLN A N   1 
ATOM   818  C  CA  . GLN A 1 103 ? 1.054   4.562   -15.356 1.00 69.25  ? 102 GLN A CA  1 
ATOM   819  C  C   . GLN A 1 103 ? 0.575   3.324   -14.575 1.00 70.33  ? 102 GLN A C   1 
ATOM   820  O  O   . GLN A 1 103 ? -0.104  2.474   -15.153 1.00 71.60  ? 102 GLN A O   1 
ATOM   821  C  CB  . GLN A 1 103 ? 2.452   4.343   -15.954 1.00 68.92  ? 102 GLN A CB  1 
ATOM   822  C  CG  . GLN A 1 103 ? 2.815   5.358   -17.054 1.00 68.73  ? 102 GLN A CG  1 
ATOM   823  C  CD  . GLN A 1 103 ? 4.291   5.362   -17.469 1.00 70.61  ? 102 GLN A CD  1 
ATOM   824  O  OE1 . GLN A 1 103 ? 5.141   4.694   -16.877 1.00 77.22  ? 102 GLN A OE1 1 
ATOM   825  N  NE2 . GLN A 1 103 ? 4.597   6.150   -18.488 1.00 72.73  ? 102 GLN A NE2 1 
ATOM   826  N  N   . VAL A 1 104 ? 0.895   3.241   -13.281 1.00 69.96  ? 103 VAL A N   1 
ATOM   827  C  CA  . VAL A 1 104 ? 0.489   2.093   -12.441 1.00 71.56  ? 103 VAL A CA  1 
ATOM   828  C  C   . VAL A 1 104 ? -1.019  2.115   -12.061 1.00 73.20  ? 103 VAL A C   1 
ATOM   829  O  O   . VAL A 1 104 ? -1.625  1.049   -11.903 1.00 72.95  ? 103 VAL A O   1 
ATOM   830  C  CB  . VAL A 1 104 ? 1.368   1.945   -11.157 1.00 69.68  ? 103 VAL A CB  1 
ATOM   831  C  CG1 . VAL A 1 104 ? 1.046   0.671   -10.459 1.00 74.83  ? 103 VAL A CG1 1 
ATOM   832  C  CG2 . VAL A 1 104 ? 2.818   1.881   -11.501 1.00 72.31  ? 103 VAL A CG2 1 
ATOM   833  N  N   . ASP A 1 105 ? -1.605  3.314   -11.917 1.00 73.93  ? 104 ASP A N   1 
ATOM   834  C  CA  . ASP A 1 105 ? -3.047  3.489   -11.600 1.00 73.33  ? 104 ASP A CA  1 
ATOM   835  C  C   . ASP A 1 105 ? -3.968  2.781   -12.596 1.00 73.27  ? 104 ASP A C   1 
ATOM   836  O  O   . ASP A 1 105 ? -5.047  2.344   -12.216 1.00 73.21  ? 104 ASP A O   1 
ATOM   837  C  CB  . ASP A 1 105 ? -3.438  4.987   -11.518 1.00 74.77  ? 104 ASP A CB  1 
ATOM   838  C  CG  . ASP A 1 105 ? -2.956  5.694   -10.220 1.00 78.40  ? 104 ASP A CG  1 
ATOM   839  O  OD1 . ASP A 1 105 ? -2.638  5.049   -9.196  1.00 78.17  ? 104 ASP A OD1 1 
ATOM   840  O  OD2 . ASP A 1 105 ? -2.925  6.942   -10.232 1.00 83.90  ? 104 ASP A OD2 1 
ATOM   841  N  N   . VAL A 1 106 ? -3.529  2.674   -13.854 1.00 72.48  ? 105 VAL A N   1 
ATOM   842  C  CA  . VAL A 1 106 ? -4.259  1.962   -14.909 1.00 71.20  ? 105 VAL A CA  1 
ATOM   843  C  C   . VAL A 1 106 ? -4.301  0.459   -14.591 1.00 72.64  ? 105 VAL A C   1 
ATOM   844  O  O   . VAL A 1 106 ? -5.373  -0.143  -14.673 1.00 73.86  ? 105 VAL A O   1 
ATOM   845  C  CB  . VAL A 1 106 ? -3.645  2.210   -16.318 1.00 71.07  ? 105 VAL A CB  1 
ATOM   846  C  CG1 . VAL A 1 106 ? -4.449  1.484   -17.395 1.00 70.74  ? 105 VAL A CG1 1 
ATOM   847  C  CG2 . VAL A 1 106 ? -3.598  3.696   -16.624 1.00 63.39  ? 105 VAL A CG2 1 
ATOM   848  N  N   . GLN A 1 107 ? -3.157  -0.133  -14.216 1.00 72.95  ? 106 GLN A N   1 
ATOM   849  C  CA  . GLN A 1 107 ? -3.104  -1.568  -13.832 1.00 72.60  ? 106 GLN A CA  1 
ATOM   850  C  C   . GLN A 1 107 ? -3.808  -1.847  -12.502 1.00 72.02  ? 106 GLN A C   1 
ATOM   851  O  O   . GLN A 1 107 ? -4.378  -2.916  -12.341 1.00 71.60  ? 106 GLN A O   1 
ATOM   852  C  CB  . GLN A 1 107 ? -1.675  -2.148  -13.790 1.00 72.88  ? 106 GLN A CB  1 
ATOM   853  C  CG  . GLN A 1 107 ? -1.187  -2.803  -15.105 1.00 76.67  ? 106 GLN A CG  1 
ATOM   854  C  CD  . GLN A 1 107 ? -0.947  -1.846  -16.265 1.00 74.61  ? 106 GLN A CD  1 
ATOM   855  O  OE1 . GLN A 1 107 ? -1.043  -2.242  -17.423 1.00 87.65  ? 106 GLN A OE1 1 
ATOM   856  N  NE2 . GLN A 1 107 ? -0.638  -0.598  -15.968 1.00 68.30  ? 106 GLN A NE2 1 
ATOM   857  N  N   . TYR A 1 108 ? -3.727  -0.898  -11.563 1.00 73.62  ? 107 TYR A N   1 
ATOM   858  C  CA  . TYR A 1 108 ? -4.378  -0.984  -10.246 1.00 73.82  ? 107 TYR A CA  1 
ATOM   859  C  C   . TYR A 1 108 ? -5.901  -1.002  -10.385 1.00 74.86  ? 107 TYR A C   1 
ATOM   860  O  O   . TYR A 1 108 ? -6.572  -1.797  -9.736  1.00 73.33  ? 107 TYR A O   1 
ATOM   861  C  CB  . TYR A 1 108 ? -3.962  0.194   -9.377  1.00 74.97  ? 107 TYR A CB  1 
ATOM   862  C  CG  . TYR A 1 108 ? -4.425  0.120   -7.933  1.00 75.07  ? 107 TYR A CG  1 
ATOM   863  C  CD1 . TYR A 1 108 ? -4.039  -0.949  -7.112  1.00 80.95  ? 107 TYR A CD1 1 
ATOM   864  C  CD2 . TYR A 1 108 ? -5.161  1.151   -7.361  1.00 70.23  ? 107 TYR A CD2 1 
ATOM   865  C  CE1 . TYR A 1 108 ? -4.430  -1.014  -5.760  1.00 82.82  ? 107 TYR A CE1 1 
ATOM   866  C  CE2 . TYR A 1 108 ? -5.558  1.098   -6.010  1.00 78.93  ? 107 TYR A CE2 1 
ATOM   867  C  CZ  . TYR A 1 108 ? -5.183  0.021   -5.222  1.00 82.50  ? 107 TYR A CZ  1 
ATOM   868  O  OH  . TYR A 1 108 ? -5.567  -0.019  -3.911  1.00 87.20  ? 107 TYR A OH  1 
ATOM   869  N  N   . SER A 1 109 ? -6.422  -0.120  -11.238 1.00 76.23  ? 108 SER A N   1 
ATOM   870  C  CA  . SER A 1 109 ? -7.854  -0.061  -11.553 1.00 77.41  ? 108 SER A CA  1 
ATOM   871  C  C   . SER A 1 109 ? -8.330  -1.417  -12.095 1.00 77.30  ? 108 SER A C   1 
ATOM   872  O  O   . SER A 1 109 ? -9.357  -1.928  -11.657 1.00 78.44  ? 108 SER A O   1 
ATOM   873  C  CB  . SER A 1 109 ? -8.134  1.055   -12.553 1.00 75.99  ? 108 SER A CB  1 
ATOM   874  O  OG  . SER A 1 109 ? -9.514  1.141   -12.865 1.00 85.49  ? 108 SER A OG  1 
ATOM   875  N  N   . ASP A 1 110 ? -7.562  -1.998  -13.016 1.00 77.57  ? 109 ASP A N   1 
ATOM   876  C  CA  . ASP A 1 110 ? -7.857  -3.332  -13.547 1.00 77.43  ? 109 ASP A CA  1 
ATOM   877  C  C   . ASP A 1 110 ? -7.731  -4.401  -12.467 1.00 75.56  ? 109 ASP A C   1 
ATOM   878  O  O   . ASP A 1 110 ? -8.493  -5.345  -12.484 1.00 74.28  ? 109 ASP A O   1 
ATOM   879  C  CB  . ASP A 1 110 ? -6.931  -3.698  -14.712 1.00 78.25  ? 109 ASP A CB  1 
ATOM   880  C  CG  . ASP A 1 110 ? -7.159  -2.848  -15.957 1.00 85.61  ? 109 ASP A CG  1 
ATOM   881  O  OD1 . ASP A 1 110 ? -8.302  -2.386  -16.205 1.00 89.43  ? 109 ASP A OD1 1 
ATOM   882  O  OD2 . ASP A 1 110 ? -6.173  -2.673  -16.714 1.00 89.42  ? 109 ASP A OD2 1 
ATOM   883  N  N   . PHE A 1 111 ? -6.761  -4.261  -11.557 1.00 76.82  ? 110 PHE A N   1 
ATOM   884  C  CA  . PHE A 1 111 ? -6.568  -5.217  -10.440 1.00 77.56  ? 110 PHE A CA  1 
ATOM   885  C  C   . PHE A 1 111 ? -7.813  -5.306  -9.559  1.00 78.82  ? 110 PHE A C   1 
ATOM   886  O  O   . PHE A 1 111 ? -8.313  -6.405  -9.322  1.00 79.35  ? 110 PHE A O   1 
ATOM   887  C  CB  . PHE A 1 111 ? -5.310  -4.907  -9.598  1.00 77.27  ? 110 PHE A CB  1 
ATOM   888  C  CG  . PHE A 1 111 ? -5.324  -5.530  -8.204  1.00 74.91  ? 110 PHE A CG  1 
ATOM   889  C  CD1 . PHE A 1 111 ? -5.034  -6.883  -8.023  1.00 69.50  ? 110 PHE A CD1 1 
ATOM   890  C  CD2 . PHE A 1 111 ? -5.632  -4.752  -7.084  1.00 62.49  ? 110 PHE A CD2 1 
ATOM   891  C  CE1 . PHE A 1 111 ? -5.046  -7.462  -6.746  1.00 73.63  ? 110 PHE A CE1 1 
ATOM   892  C  CE2 . PHE A 1 111 ? -5.649  -5.322  -5.793  1.00 74.63  ? 110 PHE A CE2 1 
ATOM   893  C  CZ  . PHE A 1 111 ? -5.358  -6.682  -5.629  1.00 72.89  ? 110 PHE A CZ  1 
ATOM   894  N  N   . LEU A 1 112 ? -8.307  -4.145  -9.124  1.00 79.93  ? 111 LEU A N   1 
ATOM   895  C  CA  . LEU A 1 112 ? -9.514  -4.045  -8.284  1.00 80.25  ? 111 LEU A CA  1 
ATOM   896  C  C   . LEU A 1 112 ? -10.744 -4.667  -8.950  1.00 79.52  ? 111 LEU A C   1 
ATOM   897  O  O   . LEU A 1 112 ? -11.483 -5.381  -8.295  1.00 79.12  ? 111 LEU A O   1 
ATOM   898  C  CB  . LEU A 1 112 ? -9.804  -2.591  -7.893  1.00 79.34  ? 111 LEU A CB  1 
ATOM   899  C  CG  . LEU A 1 112 ? -8.765  -1.889  -7.006  1.00 78.05  ? 111 LEU A CG  1 
ATOM   900  C  CD1 . LEU A 1 112 ? -9.076  -0.382  -6.951  1.00 75.71  ? 111 LEU A CD1 1 
ATOM   901  C  CD2 . LEU A 1 112 ? -8.664  -2.512  -5.621  1.00 72.25  ? 111 LEU A CD2 1 
ATOM   902  N  N   . LYS A 1 113 ? -10.937 -4.435  -10.244 1.00 79.99  ? 112 LYS A N   1 
ATOM   903  C  CA  . LYS A 1 113 ? -12.076 -5.018  -10.974 1.00 81.10  ? 112 LYS A CA  1 
ATOM   904  C  C   . LYS A 1 113 ? -11.954 -6.549  -11.092 1.00 82.50  ? 112 LYS A C   1 
ATOM   905  O  O   . LYS A 1 113 ? -12.857 -7.292  -10.678 1.00 83.06  ? 112 LYS A O   1 
ATOM   906  C  CB  . LYS A 1 113 ? -12.219 -4.381  -12.351 1.00 81.00  ? 112 LYS A CB  1 
ATOM   907  C  CG  . LYS A 1 113 ? -12.554 -2.892  -12.296 1.00 85.78  ? 112 LYS A CG  1 
ATOM   908  N  N   . GLU A 1 114 ? -10.799 -7.006  -11.574 1.00 83.38  ? 113 GLU A N   1 
ATOM   909  C  CA  . GLU A 1 114 ? -10.524 -8.441  -11.791 1.00 82.05  ? 113 GLU A CA  1 
ATOM   910  C  C   . GLU A 1 114 ? -10.442 -9.293  -10.532 1.00 81.62  ? 113 GLU A C   1 
ATOM   911  O  O   . GLU A 1 114 ? -10.653 -10.512 -10.621 1.00 82.77  ? 113 GLU A O   1 
ATOM   912  C  CB  . GLU A 1 114 ? -9.253  -8.623  -12.641 1.00 82.06  ? 113 GLU A CB  1 
ATOM   913  C  CG  . GLU A 1 114 ? -9.412  -8.056  -14.082 1.00 85.70  ? 113 GLU A CG  1 
ATOM   914  C  CD  . GLU A 1 114 ? -8.089  -7.832  -14.840 1.00 86.87  ? 113 GLU A CD  1 
ATOM   915  O  OE1 . GLU A 1 114 ? -7.078  -8.521  -14.565 1.00 95.47  ? 113 GLU A OE1 1 
ATOM   916  O  OE2 . GLU A 1 114 ? -8.077  -6.960  -15.741 1.00 98.74  ? 113 GLU A OE2 1 
ATOM   917  N  N   . ASN A 1 115 ? -10.158 -8.662  -9.380  1.00 79.13  ? 114 ASN A N   1 
ATOM   918  C  CA  . ASN A 1 115 ? -9.992  -9.351  -8.096  1.00 77.38  ? 114 ASN A CA  1 
ATOM   919  C  C   . ASN A 1 115 ? -11.026 -9.041  -6.997  1.00 77.27  ? 114 ASN A C   1 
ATOM   920  O  O   . ASN A 1 115 ? -11.235 -9.896  -6.130  1.00 75.41  ? 114 ASN A O   1 
ATOM   921  C  CB  . ASN A 1 115 ? -8.587  -9.105  -7.534  1.00 75.10  ? 114 ASN A CB  1 
ATOM   922  C  CG  . ASN A 1 115 ? -7.489  -9.725  -8.385  1.00 76.70  ? 114 ASN A CG  1 
ATOM   923  O  OD1 . ASN A 1 115 ? -6.937  -10.764 -8.020  1.00 72.44  ? 114 ASN A OD1 1 
ATOM   924  N  ND2 . ASN A 1 115 ? -7.175  -9.100  -9.528  1.00 67.85  ? 114 ASN A ND2 1 
ATOM   925  N  N   . CYS A 1 116 ? -11.620 -7.837  -6.998  1.00 76.45  ? 115 CYS A N   1 
ATOM   926  C  CA  . CYS A 1 116 ? -12.653 -7.438  -6.014  1.00 76.39  ? 115 CYS A CA  1 
ATOM   927  C  C   . CYS A 1 116 ? -14.041 -7.249  -6.635  1.00 77.85  ? 115 CYS A C   1 
ATOM   928  O  O   . CYS A 1 116 ? -14.868 -6.510  -6.086  1.00 81.77  ? 115 CYS A O   1 
ATOM   929  C  CB  . CYS A 1 116 ? -12.226 -6.163  -5.280  1.00 75.50  ? 115 CYS A CB  1 
ATOM   930  S  SG  . CYS A 1 116 ? -10.659 -6.305  -4.410  1.00 80.92  ? 115 CYS A SG  1 
ATOM   931  N  N   . GLY A 1 117 ? -14.304 -7.910  -7.763  1.00 77.03  ? 116 GLY A N   1 
ATOM   932  C  CA  . GLY A 1 117 ? -15.578 -7.769  -8.470  1.00 77.49  ? 116 GLY A CA  1 
ATOM   933  C  C   . GLY A 1 117 ? -16.381 -9.045  -8.564  1.00 78.09  ? 116 GLY A C   1 
ATOM   934  O  O   . GLY A 1 117 ? -17.322 -9.087  -9.331  1.00 80.11  ? 116 GLY A O   1 
ATOM   935  N  N   . CYS A 1 118 ? -16.048 -10.060 -7.761  1.00 77.17  ? 117 CYS A N   1 
ATOM   936  C  CA  . CYS A 1 118 ? -16.692 -11.375 -7.836  1.00 76.43  ? 117 CYS A CA  1 
ATOM   937  C  C   . CYS A 1 118 ? -18.038 -11.515 -7.137  1.00 76.59  ? 117 CYS A C   1 
ATOM   938  O  O   . CYS A 1 118 ? -18.735 -12.504 -7.386  1.00 76.81  ? 117 CYS A O   1 
ATOM   939  C  CB  . CYS A 1 118 ? -15.752 -12.440 -7.280  1.00 74.48  ? 117 CYS A CB  1 
ATOM   940  S  SG  . CYS A 1 118 ? -15.133 -12.044 -5.646  1.00 79.52  ? 117 CYS A SG  1 
ATOM   941  N  N   . PHE A 1 119 ? -18.406 -10.553 -6.287  1.00 75.27  ? 118 PHE A N   1 
ATOM   942  C  CA  . PHE A 1 119 ? -19.657 -10.613 -5.533  1.00 73.81  ? 118 PHE A CA  1 
ATOM   943  C  C   . PHE A 1 119 ? -20.814 -9.948  -6.274  1.00 73.59  ? 118 PHE A C   1 
ATOM   944  O  O   . PHE A 1 119 ? -20.614 -9.086  -7.128  1.00 74.43  ? 118 PHE A O   1 
ATOM   945  C  CB  . PHE A 1 119 ? -19.480 -9.950  -4.162  1.00 72.31  ? 118 PHE A CB  1 
ATOM   946  C  CG  . PHE A 1 119 ? -18.426 -10.592 -3.330  1.00 73.52  ? 118 PHE A CG  1 
ATOM   947  C  CD1 . PHE A 1 119 ? -18.646 -11.862 -2.780  1.00 76.67  ? 118 PHE A CD1 1 
ATOM   948  C  CD2 . PHE A 1 119 ? -17.205 -9.954  -3.095  1.00 68.59  ? 118 PHE A CD2 1 
ATOM   949  C  CE1 . PHE A 1 119 ? -17.659 -12.503 -2.020  1.00 73.56  ? 118 PHE A CE1 1 
ATOM   950  C  CE2 . PHE A 1 119 ? -16.206 -10.584 -2.322  1.00 74.90  ? 118 PHE A CE2 1 
ATOM   951  C  CZ  . PHE A 1 119 ? -16.434 -11.856 -1.783  1.00 74.88  ? 118 PHE A CZ  1 
ATOM   952  N  N   . THR A 1 120 ? -22.035 -10.336 -5.920  1.00 72.70  ? 119 THR A N   1 
ATOM   953  C  CA  . THR A 1 120 ? -23.225 -9.674  -6.464  1.00 72.53  ? 119 THR A CA  1 
ATOM   954  C  C   . THR A 1 120 ? -23.382 -8.358  -5.674  1.00 72.48  ? 119 THR A C   1 
ATOM   955  O  O   . THR A 1 120 ? -22.772 -8.182  -4.617  1.00 75.00  ? 119 THR A O   1 
ATOM   956  C  CB  . THR A 1 120 ? -24.512 -10.548 -6.361  1.00 69.11  ? 119 THR A CB  1 
ATOM   957  O  OG1 . THR A 1 120 ? -24.898 -10.685 -5.003  1.00 73.80  ? 119 THR A OG1 1 
ATOM   958  C  CG2 . THR A 1 120 ? -24.317 -11.936 -6.954  1.00 62.97  ? 119 THR A CG2 1 
ATOM   959  N  N   . LYS A 1 121 ? -24.181 -7.436  -6.190  1.00 74.06  ? 120 LYS A N   1 
ATOM   960  C  CA  . LYS A 1 121 ? -24.458 -6.169  -5.490  1.00 74.72  ? 120 LYS A CA  1 
ATOM   961  C  C   . LYS A 1 121 ? -25.045 -6.406  -4.100  1.00 74.12  ? 120 LYS A C   1 
ATOM   962  O  O   . LYS A 1 121 ? -24.703 -5.677  -3.168  1.00 76.87  ? 120 LYS A O   1 
ATOM   963  C  CB  . LYS A 1 121 ? -25.409 -5.271  -6.292  1.00 75.37  ? 120 LYS A CB  1 
ATOM   964  C  CG  . LYS A 1 121 ? -24.879 -4.753  -7.626  1.00 79.64  ? 120 LYS A CG  1 
ATOM   965  C  CD  . LYS A 1 121 ? -23.773 -3.749  -7.427  1.00 86.41  ? 120 LYS A CD  1 
ATOM   966  C  CE  . LYS A 1 121 ? -23.202 -3.235  -8.732  1.00 91.24  ? 120 LYS A CE  1 
ATOM   967  N  NZ  . LYS A 1 121 ? -21.828 -2.666  -8.463  1.00 97.99  ? 120 LYS A NZ  1 
ATOM   968  N  N   . GLU A 1 122 ? -25.899 -7.427  -3.963  1.00 72.16  ? 121 GLU A N   1 
ATOM   969  C  CA  . GLU A 1 122 ? -26.485 -7.775  -2.667  1.00 70.97  ? 121 GLU A CA  1 
ATOM   970  C  C   . GLU A 1 122 ? -25.401 -8.222  -1.677  1.00 70.08  ? 121 GLU A C   1 
ATOM   971  O  O   . GLU A 1 122 ? -25.367 -7.740  -0.545  1.00 69.51  ? 121 GLU A O   1 
ATOM   972  C  CB  . GLU A 1 122 ? -27.568 -8.850  -2.792  1.00 68.82  ? 121 GLU A CB  1 
ATOM   973  C  CG  . GLU A 1 122 ? -28.349 -9.009  -1.488  1.00 69.67  ? 121 GLU A CG  1 
ATOM   974  C  CD  . GLU A 1 122 ? -29.546 -9.925  -1.552  1.00 71.73  ? 121 GLU A CD  1 
ATOM   975  O  OE1 . GLU A 1 122 ? -30.009 -10.306 -2.656  1.00 76.99  ? 121 GLU A OE1 1 
ATOM   976  O  OE2 . GLU A 1 122 ? -30.046 -10.241 -0.457  1.00 72.65  ? 121 GLU A OE2 1 
ATOM   977  N  N   . GLU A 1 123 ? -24.538 -9.131  -2.131  1.00 70.37  ? 122 GLU A N   1 
ATOM   978  C  CA  . GLU A 1 123 ? -23.417 -9.651  -1.352  1.00 73.14  ? 122 GLU A CA  1 
ATOM   979  C  C   . GLU A 1 123 ? -22.426 -8.561  -0.924  1.00 74.83  ? 122 GLU A C   1 
ATOM   980  O  O   . GLU A 1 123 ? -21.928 -8.606  0.209   1.00 77.67  ? 122 GLU A O   1 
ATOM   981  C  CB  . GLU A 1 123 ? -22.683 -10.749 -2.131  1.00 73.42  ? 122 GLU A CB  1 
ATOM   982  C  CG  . GLU A 1 123 ? -23.502 -12.025 -2.351  1.00 70.46  ? 122 GLU A CG  1 
ATOM   983  C  CD  . GLU A 1 123 ? -22.775 -13.069 -3.190  1.00 73.12  ? 122 GLU A CD  1 
ATOM   984  O  OE1 . GLU A 1 123 ? -22.011 -12.709 -4.109  1.00 70.30  ? 122 GLU A OE1 1 
ATOM   985  O  OE2 . GLU A 1 123 ? -22.973 -14.275 -2.929  1.00 75.06  ? 122 GLU A OE2 1 
ATOM   986  N  N   . GLU A 1 124 ? -22.124 -7.619  -1.829  1.00 75.60  ? 123 GLU A N   1 
ATOM   987  C  CA  . GLU A 1 124 ? -21.246 -6.453  -1.531  1.00 75.60  ? 123 GLU A CA  1 
ATOM   988  C  C   . GLU A 1 124 ? -21.736 -5.679  -0.302  1.00 74.74  ? 123 GLU A C   1 
ATOM   989  O  O   . GLU A 1 124 ? -20.947 -5.355  0.579   1.00 72.20  ? 123 GLU A O   1 
ATOM   990  C  CB  . GLU A 1 124 ? -21.157 -5.485  -2.733  1.00 76.39  ? 123 GLU A CB  1 
ATOM   991  C  CG  . GLU A 1 124 ? -20.147 -5.900  -3.817  1.00 76.37  ? 123 GLU A CG  1 
ATOM   992  C  CD  . GLU A 1 124 ? -20.243 -5.079  -5.123  1.00 78.57  ? 123 GLU A CD  1 
ATOM   993  O  OE1 . GLU A 1 124 ? -21.112 -4.167  -5.272  1.00 80.37  ? 123 GLU A OE1 1 
ATOM   994  O  OE2 . GLU A 1 124 ? -19.446 -5.391  -6.037  1.00 84.74  ? 123 GLU A OE2 1 
ATOM   995  N  N   . GLY A 1 125 ? -23.042 -5.388  -0.271  1.00 75.71  ? 124 GLY A N   1 
ATOM   996  C  CA  . GLY A 1 125 ? -23.695 -4.707  0.870   1.00 74.43  ? 124 GLY A CA  1 
ATOM   997  C  C   . GLY A 1 125 ? -23.591 -5.484  2.180   1.00 73.20  ? 124 GLY A C   1 
ATOM   998  O  O   . GLY A 1 125 ? -23.373 -4.886  3.245   1.00 74.70  ? 124 GLY A O   1 
ATOM   999  N  N   . ILE A 1 126 ? -23.725 -6.812  2.095   1.00 68.69  ? 125 ILE A N   1 
ATOM   1000 C  CA  . ILE A 1 126 ? -23.650 -7.693  3.265   1.00 68.02  ? 125 ILE A CA  1 
ATOM   1001 C  C   . ILE A 1 126 ? -22.207 -7.726  3.764   1.00 68.53  ? 125 ILE A C   1 
ATOM   1002 O  O   . ILE A 1 126 ? -21.959 -7.520  4.945   1.00 67.59  ? 125 ILE A O   1 
ATOM   1003 C  CB  . ILE A 1 126 ? -24.204 -9.126  2.953   1.00 66.54  ? 125 ILE A CB  1 
ATOM   1004 C  CG1 . ILE A 1 126 ? -25.700 -9.056  2.661   1.00 65.37  ? 125 ILE A CG1 1 
ATOM   1005 C  CG2 . ILE A 1 126 ? -24.005 -10.080 4.123   1.00 64.98  ? 125 ILE A CG2 1 
ATOM   1006 C  CD1 . ILE A 1 126 ? -26.277 -10.343 2.099   1.00 70.08  ? 125 ILE A CD1 1 
ATOM   1007 N  N   . LEU A 1 127 ? -21.276 -7.963  2.843   1.00 69.77  ? 126 LEU A N   1 
ATOM   1008 C  CA  . LEU A 1 127 ? -19.831 -7.973  3.138   1.00 73.00  ? 126 LEU A CA  1 
ATOM   1009 C  C   . LEU A 1 127 ? -19.337 -6.635  3.738   1.00 73.39  ? 126 LEU A C   1 
ATOM   1010 O  O   . LEU A 1 127 ? -18.579 -6.640  4.710   1.00 75.31  ? 126 LEU A O   1 
ATOM   1011 C  CB  . LEU A 1 127 ? -19.041 -8.354  1.861   1.00 72.04  ? 126 LEU A CB  1 
ATOM   1012 C  CG  . LEU A 1 127 ? -17.561 -8.717  1.957   1.00 69.92  ? 126 LEU A CG  1 
ATOM   1013 C  CD1 . LEU A 1 127 ? -17.251 -9.755  3.005   1.00 65.47  ? 126 LEU A CD1 1 
ATOM   1014 C  CD2 . LEU A 1 127 ? -17.140 -9.205  0.594   1.00 73.99  ? 126 LEU A CD2 1 
ATOM   1015 N  N   . GLU A 1 128 ? -19.793 -5.515  3.181   1.00 73.93  ? 127 GLU A N   1 
ATOM   1016 C  CA  . GLU A 1 128 ? -19.459 -4.181  3.687   1.00 75.84  ? 127 GLU A CA  1 
ATOM   1017 C  C   . GLU A 1 128 ? -19.881 -4.044  5.148   1.00 75.55  ? 127 GLU A C   1 
ATOM   1018 O  O   . GLU A 1 128 ? -19.053 -3.674  5.979   1.00 78.11  ? 127 GLU A O   1 
ATOM   1019 C  CB  . GLU A 1 128 ? -20.142 -3.070  2.858   1.00 76.88  ? 127 GLU A CB  1 
ATOM   1020 C  CG  . GLU A 1 128 ? -19.612 -1.651  3.152   1.00 78.72  ? 127 GLU A CG  1 
ATOM   1021 C  CD  . GLU A 1 128 ? -20.546 -0.516  2.732   1.00 83.23  ? 127 GLU A CD  1 
ATOM   1022 O  OE1 . GLU A 1 128 ? -21.562 -0.732  2.023   1.00 95.74  ? 127 GLU A OE1 1 
ATOM   1023 O  OE2 . GLU A 1 128 ? -20.253 0.628   3.145   1.00 103.08 ? 127 GLU A OE2 1 
ATOM   1024 N  N   . ASP A 1 129 ? -21.152 -4.345  5.446   1.00 75.85  ? 128 ASP A N   1 
ATOM   1025 C  CA  . ASP A 1 129 ? -21.693 -4.302  6.824   1.00 74.90  ? 128 ASP A CA  1 
ATOM   1026 C  C   . ASP A 1 129 ? -20.853 -5.128  7.815   1.00 74.27  ? 128 ASP A C   1 
ATOM   1027 O  O   . ASP A 1 129 ? -20.471 -4.634  8.886   1.00 73.59  ? 128 ASP A O   1 
ATOM   1028 C  CB  . ASP A 1 129 ? -23.135 -4.843  6.883   1.00 76.53  ? 128 ASP A CB  1 
ATOM   1029 C  CG  . ASP A 1 129 ? -24.195 -3.887  6.290   1.00 79.74  ? 128 ASP A CG  1 
ATOM   1030 O  OD1 . ASP A 1 129 ? -23.906 -2.714  5.954   1.00 79.88  ? 128 ASP A OD1 1 
ATOM   1031 O  OD2 . ASP A 1 129 ? -25.365 -4.339  6.190   1.00 78.39  ? 128 ASP A OD2 1 
ATOM   1032 N  N   . LEU A 1 130 ? -20.584 -6.381  7.441   1.00 72.46  ? 129 LEU A N   1 
ATOM   1033 C  CA  . LEU A 1 130 ? -19.836 -7.311  8.277   1.00 72.15  ? 129 LEU A CA  1 
ATOM   1034 C  C   . LEU A 1 130 ? -18.404 -6.840  8.540   1.00 73.92  ? 129 LEU A C   1 
ATOM   1035 O  O   . LEU A 1 130 ? -17.945 -6.890  9.697   1.00 73.16  ? 129 LEU A O   1 
ATOM   1036 C  CB  . LEU A 1 130 ? -19.832 -8.727  7.669   1.00 72.79  ? 129 LEU A CB  1 
ATOM   1037 C  CG  . LEU A 1 130 ? -21.159 -9.507  7.715   1.00 71.81  ? 129 LEU A CG  1 
ATOM   1038 C  CD1 . LEU A 1 130 ? -21.149 -10.713 6.760   1.00 67.55  ? 129 LEU A CD1 1 
ATOM   1039 C  CD2 . LEU A 1 130 ? -21.477 -9.926  9.154   1.00 64.32  ? 129 LEU A CD2 1 
ATOM   1040 N  N   . LEU A 1 131 ? -17.711 -6.383  7.487   1.00 73.62  ? 130 LEU A N   1 
ATOM   1041 C  CA  . LEU A 1 131 ? -16.324 -5.885  7.631   1.00 71.75  ? 130 LEU A CA  1 
ATOM   1042 C  C   . LEU A 1 131 ? -16.256 -4.588  8.466   1.00 70.85  ? 130 LEU A C   1 
ATOM   1043 O  O   . LEU A 1 131 ? -15.316 -4.414  9.217   1.00 70.68  ? 130 LEU A O   1 
ATOM   1044 C  CB  . LEU A 1 131 ? -15.642 -5.705  6.276   1.00 70.56  ? 130 LEU A CB  1 
ATOM   1045 C  CG  . LEU A 1 131 ? -15.341 -6.935  5.411   1.00 68.64  ? 130 LEU A CG  1 
ATOM   1046 C  CD1 . LEU A 1 131 ? -14.585 -6.501  4.166   1.00 63.40  ? 130 LEU A CD1 1 
ATOM   1047 C  CD2 . LEU A 1 131 ? -14.543 -7.958  6.119   1.00 63.21  ? 130 LEU A CD2 1 
ATOM   1048 N  N   . LEU A 1 132 ? -17.245 -3.700  8.351   1.00 71.90  ? 131 LEU A N   1 
ATOM   1049 C  CA  . LEU A 1 132 ? -17.283 -2.458  9.168   1.00 73.60  ? 131 LEU A CA  1 
ATOM   1050 C  C   . LEU A 1 132 ? -17.567 -2.780  10.637  1.00 72.73  ? 131 LEU A C   1 
ATOM   1051 O  O   . LEU A 1 132 ? -17.006 -2.146  11.535  1.00 75.06  ? 131 LEU A O   1 
ATOM   1052 C  CB  . LEU A 1 132 ? -18.267 -1.406  8.612   1.00 74.46  ? 131 LEU A CB  1 
ATOM   1053 C  CG  . LEU A 1 132 ? -17.739 -0.472  7.505   1.00 79.34  ? 131 LEU A CG  1 
ATOM   1054 C  CD1 . LEU A 1 132 ? -16.910 -1.189  6.427   1.00 83.46  ? 131 LEU A CD1 1 
ATOM   1055 C  CD2 . LEU A 1 132 ? -18.904 0.336   6.863   1.00 78.60  ? 131 LEU A CD2 1 
ATOM   1056 N  N   . LYS A 1 133 ? -18.442 -3.756  10.870  1.00 71.77  ? 132 LYS A N   1 
ATOM   1057 C  CA  . LYS A 1 133 ? -18.718 -4.266  12.220  1.00 71.16  ? 132 LYS A CA  1 
ATOM   1058 C  C   . LYS A 1 133 ? -17.428 -4.795  12.833  1.00 69.64  ? 132 LYS A C   1 
ATOM   1059 O  O   . LYS A 1 133 ? -17.173 -4.567  14.020  1.00 70.70  ? 132 LYS A O   1 
ATOM   1060 C  CB  . LYS A 1 133 ? -19.776 -5.387  12.192  1.00 70.80  ? 132 LYS A CB  1 
ATOM   1061 C  CG  . LYS A 1 133 ? -20.068 -6.054  13.530  1.00 70.05  ? 132 LYS A CG  1 
ATOM   1062 C  CD  . LYS A 1 133 ? -21.119 -7.127  13.386  1.00 71.79  ? 132 LYS A CD  1 
ATOM   1063 C  CE  . LYS A 1 133 ? -21.513 -7.661  14.754  1.00 72.66  ? 132 LYS A CE  1 
ATOM   1064 N  NZ  . LYS A 1 133 ? -22.680 -8.557  14.694  1.00 71.70  ? 132 LYS A NZ  1 
ATOM   1065 N  N   . TRP A 1 134 ? -16.624 -5.483  12.021  1.00 68.78  ? 133 TRP A N   1 
ATOM   1066 C  CA  . TRP A 1 134 ? -15.354 -6.045  12.494  1.00 69.65  ? 133 TRP A CA  1 
ATOM   1067 C  C   . TRP A 1 134 ? -14.351 -4.926  12.851  1.00 71.92  ? 133 TRP A C   1 
ATOM   1068 O  O   . TRP A 1 134 ? -13.656 -5.035  13.866  1.00 71.04  ? 133 TRP A O   1 
ATOM   1069 C  CB  . TRP A 1 134 ? -14.727 -6.963  11.455  1.00 66.54  ? 133 TRP A CB  1 
ATOM   1070 C  CG  . TRP A 1 134 ? -13.946 -8.122  12.005  1.00 62.65  ? 133 TRP A CG  1 
ATOM   1071 C  CD1 . TRP A 1 134 ? -13.473 -8.304  13.281  1.00 65.25  ? 133 TRP A CD1 1 
ATOM   1072 C  CD2 . TRP A 1 134 ? -13.456 -9.218  11.244  1.00 58.08  ? 133 TRP A CD2 1 
ATOM   1073 N  NE1 . TRP A 1 134 ? -12.795 -9.491  13.364  1.00 63.92  ? 133 TRP A NE1 1 
ATOM   1074 C  CE2 . TRP A 1 134 ? -12.760 -10.062 12.118  1.00 63.62  ? 133 TRP A CE2 1 
ATOM   1075 C  CE3 . TRP A 1 134 ? -13.583 -9.596  9.900   1.00 65.67  ? 133 TRP A CE3 1 
ATOM   1076 C  CZ2 . TRP A 1 134 ? -12.170 -11.248 11.694  1.00 64.44  ? 133 TRP A CZ2 1 
ATOM   1077 C  CZ3 . TRP A 1 134 ? -12.998 -10.786 9.488   1.00 61.51  ? 133 TRP A CZ3 1 
ATOM   1078 C  CH2 . TRP A 1 134 ? -12.295 -11.579 10.374  1.00 62.03  ? 133 TRP A CH2 1 
ATOM   1079 N  N   . LYS A 1 135 ? -14.290 -3.865  12.023  1.00 73.25  ? 134 LYS A N   1 
ATOM   1080 C  CA  . LYS A 1 135 ? -13.409 -2.714  12.294  1.00 75.04  ? 134 LYS A CA  1 
ATOM   1081 C  C   . LYS A 1 135 ? -13.750 -2.077  13.628  1.00 74.47  ? 134 LYS A C   1 
ATOM   1082 O  O   . LYS A 1 135 ? -12.857 -1.988  14.486  1.00 74.70  ? 134 LYS A O   1 
ATOM   1083 C  CB  . LYS A 1 135 ? -13.420 -1.657  11.187  1.00 75.38  ? 134 LYS A CB  1 
ATOM   1084 C  CG  . LYS A 1 135 ? -12.652 -2.057  9.958   1.00 80.28  ? 134 LYS A CG  1 
ATOM   1085 C  CD  . LYS A 1 135 ? -12.844 -1.074  8.773   1.00 84.42  ? 134 LYS A CD  1 
ATOM   1086 C  CE  . LYS A 1 135 ? -12.302 0.350   9.052   1.00 93.07  ? 134 LYS A CE  1 
ATOM   1087 N  NZ  . LYS A 1 135 ? -12.213 1.138   7.768   1.00 89.91  ? 134 LYS A NZ  1 
ATOM   1088 N  N   . LYS A 1 136 ? -15.025 -1.707  13.830  1.00 74.19  ? 135 LYS A N   1 
ATOM   1089 C  CA  . LYS A 1 136 ? -15.459 -1.108  15.118  1.00 76.12  ? 135 LYS A CA  1 
ATOM   1090 C  C   . LYS A 1 136 ? -15.054 -1.936  16.347  1.00 75.07  ? 135 LYS A C   1 
ATOM   1091 O  O   . LYS A 1 136 ? -14.683 -1.379  17.384  1.00 75.96  ? 135 LYS A O   1 
ATOM   1092 C  CB  . LYS A 1 136 ? -16.973 -0.831  15.209  1.00 76.13  ? 135 LYS A CB  1 
ATOM   1093 C  CG  . LYS A 1 136 ? -17.554 0.166   14.178  1.00 81.38  ? 135 LYS A CG  1 
ATOM   1094 C  CD  . LYS A 1 136 ? -18.500 1.236   14.821  1.00 80.37  ? 135 LYS A CD  1 
ATOM   1095 C  CE  . LYS A 1 136 ? -19.694 0.676   15.647  1.00 89.77  ? 135 LYS A CE  1 
ATOM   1096 N  NZ  . LYS A 1 136 ? -20.310 1.728   16.539  1.00 84.21  ? 135 LYS A NZ  1 
ATOM   1097 N  N   . HIS A 1 137 ? -15.127 -3.257  16.215  1.00 74.36  ? 136 HIS A N   1 
ATOM   1098 C  CA  . HIS A 1 137 ? -14.765 -4.168  17.295  1.00 73.95  ? 136 HIS A CA  1 
ATOM   1099 C  C   . HIS A 1 137 ? -13.268 -4.135  17.607  1.00 74.27  ? 136 HIS A C   1 
ATOM   1100 O  O   . HIS A 1 137 ? -12.893 -4.051  18.775  1.00 73.19  ? 136 HIS A O   1 
ATOM   1101 C  CB  . HIS A 1 137 ? -15.210 -5.594  16.943  1.00 72.53  ? 136 HIS A CB  1 
ATOM   1102 C  CG  . HIS A 1 137 ? -14.920 -6.600  18.007  1.00 67.13  ? 136 HIS A CG  1 
ATOM   1103 N  ND1 . HIS A 1 137 ? -15.547 -6.585  19.231  1.00 60.37  ? 136 HIS A ND1 1 
ATOM   1104 C  CD2 . HIS A 1 137 ? -14.089 -7.670  18.020  1.00 65.43  ? 136 HIS A CD2 1 
ATOM   1105 C  CE1 . HIS A 1 137 ? -15.108 -7.596  19.961  1.00 63.36  ? 136 HIS A CE1 1 
ATOM   1106 N  NE2 . HIS A 1 137 ? -14.228 -8.277  19.247  1.00 67.20  ? 136 HIS A NE2 1 
ATOM   1107 N  N   . LEU A 1 138 ? -12.442 -4.168  16.556  1.00 75.50  ? 137 LEU A N   1 
ATOM   1108 C  CA  . LEU A 1 138 ? -10.968 -4.239  16.683  1.00 76.76  ? 137 LEU A CA  1 
ATOM   1109 C  C   . LEU A 1 138 ? -10.232 -2.955  17.103  1.00 78.52  ? 137 LEU A C   1 
ATOM   1110 O  O   . LEU A 1 138 ? -9.157  -3.050  17.706  1.00 79.75  ? 137 LEU A O   1 
ATOM   1111 C  CB  . LEU A 1 138 ? -10.344 -4.744  15.374  1.00 75.92  ? 137 LEU A CB  1 
ATOM   1112 C  CG  . LEU A 1 138 ? -10.695 -6.147  14.926  1.00 74.78  ? 137 LEU A CG  1 
ATOM   1113 C  CD1 . LEU A 1 138 ? -10.276 -6.358  13.486  1.00 67.07  ? 137 LEU A CD1 1 
ATOM   1114 C  CD2 . LEU A 1 138 ? -10.068 -7.170  15.878  1.00 74.89  ? 137 LEU A CD2 1 
ATOM   1115 N  N   . ASN A 1 139 ? -10.769 -1.782  16.762  1.00 79.71  ? 138 ASN A N   1 
ATOM   1116 C  CA  . ASN A 1 139 ? -10.137 -0.503  17.144  1.00 80.90  ? 138 ASN A CA  1 
ATOM   1117 C  C   . ASN A 1 139 ? -10.727 0.044   18.446  1.00 82.96  ? 138 ASN A C   1 
ATOM   1118 O  O   . ASN A 1 139 ? -10.734 1.248   18.732  1.00 83.84  ? 138 ASN A O   1 
ATOM   1119 C  CB  . ASN A 1 139 ? -10.097 0.514   15.975  1.00 83.40  ? 138 ASN A CB  1 
ATOM   1120 C  CG  . ASN A 1 139 ? -11.453 0.762   15.320  1.00 85.97  ? 138 ASN A CG  1 
ATOM   1121 O  OD1 . ASN A 1 139 ? -12.495 0.837   15.986  1.00 88.75  ? 138 ASN A OD1 1 
ATOM   1122 N  ND2 . ASN A 1 139 ? -11.433 0.913   13.996  1.00 82.37  ? 138 ASN A ND2 1 
ATOM   1123 O  OXT . ASN A 1 139 ? -11.190 -0.750  19.279  1.00 84.17  ? 138 ASN A OXT 1 
HETATM 1124 O  O   . HOH B 2 .   ? 5.550   -6.847  -8.344  1.00 58.04  ? 139 HOH A O   1 
HETATM 1125 O  O   . HOH B 2 .   ? -15.092 -18.393 8.717   1.00 63.44  ? 140 HOH A O   1 
HETATM 1126 O  O   . HOH B 2 .   ? -0.593  -15.233 12.611  1.00 72.61  ? 141 HOH A O   1 
HETATM 1127 O  O   . HOH B 2 .   ? 12.359  20.273  -2.749  1.00 80.11  ? 142 HOH A O   1 
HETATM 1128 O  O   . HOH B 2 .   ? -5.362  -7.312  -12.893 1.00 62.88  ? 143 HOH A O   1 
HETATM 1129 O  O   . HOH B 2 .   ? -14.205 1.188   18.059  1.00 71.54  ? 144 HOH A O   1 
HETATM 1130 O  O   . HOH B 2 .   ? 11.038  12.004  10.952  1.00 68.27  ? 145 HOH A O   1 
HETATM 1131 O  O   . HOH B 2 .   ? -17.313 -17.654 18.266  1.00 72.45  ? 146 HOH A O   1 
HETATM 1132 O  O   . HOH B 2 .   ? -16.242 -23.083 18.462  1.00 78.51  ? 147 HOH A O   1 
HETATM 1133 O  O   . HOH B 2 .   ? -17.669 -7.628  -5.955  1.00 69.95  ? 148 HOH A O   1 
HETATM 1134 O  O   . HOH B 2 .   ? -6.192  -19.983 11.496  1.00 63.13  ? 149 HOH A O   1 
HETATM 1135 O  O   . HOH B 2 .   ? -0.553  1.893   -17.950 1.00 61.83  ? 150 HOH A O   1 
HETATM 1136 O  O   . HOH B 2 .   ? -1.411  -16.524 -1.446  1.00 66.77  ? 151 HOH A O   1 
# 
